data_5X8F
#
_entry.id   5X8F
#
_cell.length_a   71.870
_cell.length_b   96.360
_cell.length_c   98.070
_cell.angle_alpha   80.440
_cell.angle_beta   77.960
_cell.angle_gamma   81.110
#
_symmetry.space_group_name_H-M   'P 1'
#
loop_
_entity.id
_entity.type
_entity.pdbx_description
1 polymer '2-succinylbenzoate--CoA ligase'
2 non-polymer 'o-succinylbenzoyl-N-coenzyme A'
3 non-polymer 'ADENOSINE MONOPHOSPHATE'
4 non-polymer 'MAGNESIUM ION'
5 non-polymer 'SODIUM ION'
6 non-polymer DI(HYDROXYETHYL)ETHER
7 non-polymer 'CALCIUM ION'
8 water water
#
_entity_poly.entity_id   1
_entity_poly.type   'polypeptide(L)'
_entity_poly.pdbx_seq_one_letter_code
;LTEQPNWLMQRAQLTPERIALIYEDQTVTFAELFAASKRMAEQLAAHSVRKGDTAAILLQNRAEMVYAVHACFLLGVKAV
LLNTKLSTHERLFQLEDSGSGFLLTDSSFEKKEYEHIVQTIDVDELMKEAAEEIEIEAYMQMDATATLMYTSGTTGKPKG
VQQTFGNHYFSAVSSALNLGITEQDRWLIALPLFHISGLSALFKSVIYGMTVVLHQRFSVSDVLHSINRHEVTMISAVQT
MLASLLEETNRCPESIRCILLGGGPAPLPLLEECREKGFPVFQSYGMTETCSQIVTLSPEFSMEKLGSAGKPLFSCEIKI
ERDGQVCEPYEHGEIMVKGPNVMKSYFNRESANEASFQNGWLKTGDLGYLDNEGFLYVLDRRSDLIISGGENIYPAEVES
VLLSHPAVAEAGVSGAEDKKWGKVPHAYLVLHKPVSAGELTDYCKERLAKYKRPKKFFVLDRLPRNASNKLLRNQLKDAR
KGELL
;
_entity_poly.pdbx_strand_id   A,B,C,D
#
# COMPACT_ATOMS: atom_id res chain seq x y z
C LEU A 1 -0.37 14.82 11.31
N THR A 2 -1.12 15.74 10.71
CA THR A 2 -0.86 16.13 9.33
C THR A 2 -0.13 17.47 9.24
N GLU A 3 -0.07 18.24 10.33
CA GLU A 3 0.57 19.54 10.28
C GLU A 3 1.37 19.81 11.55
N GLN A 4 2.40 20.65 11.40
CA GLN A 4 3.19 21.16 12.51
C GLN A 4 3.27 22.67 12.43
N PRO A 5 3.40 23.36 13.57
CA PRO A 5 3.71 24.80 13.53
C PRO A 5 4.94 25.03 12.66
N ASN A 6 4.92 26.13 11.92
CA ASN A 6 6.09 26.49 11.12
C ASN A 6 7.32 26.48 12.00
N TRP A 7 8.36 25.74 11.56
CA TRP A 7 9.50 25.48 12.42
C TRP A 7 10.21 26.76 12.83
N LEU A 8 10.39 27.69 11.87
CA LEU A 8 11.07 28.94 12.17
C LEU A 8 10.25 29.77 13.16
N MET A 9 8.93 29.81 12.95
CA MET A 9 8.08 30.57 13.84
C MET A 9 8.13 30.01 15.26
N GLN A 10 8.01 28.68 15.40
CA GLN A 10 8.06 28.09 16.73
C GLN A 10 9.42 28.24 17.36
N ARG A 11 10.49 28.06 16.58
CA ARG A 11 11.84 28.21 17.13
C ARG A 11 12.06 29.64 17.63
N ALA A 12 11.57 30.62 16.89
CA ALA A 12 11.69 32.01 17.34
C ALA A 12 10.90 32.24 18.62
N GLN A 13 9.77 31.56 18.78
CA GLN A 13 9.00 31.66 20.01
C GLN A 13 9.72 31.01 21.19
N LEU A 14 10.41 29.89 20.95
CA LEU A 14 11.01 29.13 22.04
C LEU A 14 12.33 29.74 22.47
N THR A 15 13.23 30.01 21.53
CA THR A 15 14.58 30.53 21.81
C THR A 15 14.88 31.69 20.89
N PRO A 16 14.22 32.84 21.08
CA PRO A 16 14.38 33.96 20.15
C PRO A 16 15.80 34.49 20.05
N GLU A 17 16.54 34.49 21.15
CA GLU A 17 17.85 35.14 21.17
C GLU A 17 18.99 34.21 20.81
N ARG A 18 18.75 32.92 20.67
CA ARG A 18 19.79 32.03 20.20
C ARG A 18 20.18 32.41 18.77
N ILE A 19 21.44 32.18 18.43
CA ILE A 19 21.96 32.56 17.12
C ILE A 19 21.53 31.53 16.09
N ALA A 20 20.76 31.98 15.09
CA ALA A 20 20.37 31.10 13.99
C ALA A 20 21.45 31.00 12.92
N LEU A 21 22.11 32.10 12.61
CA LEU A 21 22.93 32.15 11.42
C LEU A 21 24.12 33.05 11.70
N ILE A 22 25.30 32.61 11.29
CA ILE A 22 26.50 33.44 11.31
C ILE A 22 27.02 33.46 9.88
N TYR A 23 27.02 34.64 9.28
CA TYR A 23 27.43 34.78 7.89
C TYR A 23 28.32 36.02 7.77
N GLU A 24 29.52 35.82 7.22
CA GLU A 24 30.58 36.85 7.25
C GLU A 24 30.78 37.34 8.68
N ASP A 25 30.80 36.39 9.62
CA ASP A 25 30.99 36.59 11.06
C ASP A 25 29.92 37.48 11.69
N GLN A 26 28.85 37.78 10.96
CA GLN A 26 27.72 38.57 11.47
C GLN A 26 26.60 37.63 11.90
N THR A 27 25.92 37.99 13.00
CA THR A 27 24.99 37.08 13.67
C THR A 27 23.54 37.48 13.42
N VAL A 28 22.70 36.48 13.23
CA VAL A 28 21.25 36.63 13.10
C VAL A 28 20.61 35.69 14.11
N THR A 29 19.83 36.24 15.05
CA THR A 29 19.12 35.41 15.99
C THR A 29 17.91 34.77 15.33
N PHE A 30 17.30 33.79 16.02
CA PHE A 30 16.09 33.18 15.48
C PHE A 30 14.96 34.21 15.39
N ALA A 31 14.85 35.09 16.39
CA ALA A 31 13.87 36.18 16.29
C ALA A 31 14.15 37.05 15.07
N GLU A 32 15.41 37.43 14.86
CA GLU A 32 15.76 38.26 13.72
C GLU A 32 15.53 37.53 12.41
N LEU A 33 15.77 36.22 12.39
CA LEU A 33 15.57 35.46 11.17
C LEU A 33 14.09 35.34 10.83
N PHE A 34 13.23 35.09 11.83
CA PHE A 34 11.81 35.08 11.57
C PHE A 34 11.33 36.44 11.07
N ALA A 35 11.76 37.52 11.74
CA ALA A 35 11.35 38.87 11.31
C ALA A 35 11.77 39.15 9.88
N ALA A 36 12.98 38.76 9.50
CA ALA A 36 13.46 39.04 8.14
C ALA A 36 12.75 38.17 7.12
N SER A 37 12.47 36.92 7.47
CA SER A 37 11.78 36.03 6.53
C SER A 37 10.34 36.46 6.34
N LYS A 38 9.68 36.89 7.41
CA LYS A 38 8.32 37.41 7.31
C LYS A 38 8.27 38.69 6.49
N ARG A 39 9.23 39.59 6.73
CA ARG A 39 9.31 40.82 5.95
C ARG A 39 9.49 40.52 4.47
N MET A 40 10.35 39.56 4.14
CA MET A 40 10.52 39.20 2.74
C MET A 40 9.27 38.54 2.18
N ALA A 41 8.56 37.77 3.01
CA ALA A 41 7.31 37.17 2.55
C ALA A 41 6.27 38.25 2.25
N GLU A 42 6.23 39.29 3.07
CA GLU A 42 5.32 40.40 2.80
C GLU A 42 5.69 41.11 1.50
N GLN A 43 6.99 41.25 1.22
CA GLN A 43 7.38 41.93 -0.01
C GLN A 43 7.09 41.07 -1.23
N LEU A 44 7.26 39.74 -1.12
CA LEU A 44 6.92 38.86 -2.24
C LEU A 44 5.43 38.91 -2.55
N ALA A 45 4.59 38.93 -1.51
CA ALA A 45 3.15 39.01 -1.71
C ALA A 45 2.76 40.28 -2.45
N ALA A 46 3.49 41.38 -2.22
CA ALA A 46 3.24 42.62 -2.95
C ALA A 46 3.52 42.47 -4.44
N HIS A 47 4.43 41.56 -4.79
CA HIS A 47 4.74 41.23 -6.18
C HIS A 47 3.83 40.14 -6.72
N SER A 48 2.74 39.83 -6.02
CA SER A 48 1.67 38.92 -6.42
C SER A 48 2.01 37.45 -6.23
N VAL A 49 3.05 37.13 -5.45
CA VAL A 49 3.31 35.74 -5.08
C VAL A 49 2.22 35.30 -4.10
N ARG A 50 1.62 34.14 -4.35
CA ARG A 50 0.47 33.68 -3.57
C ARG A 50 0.65 32.22 -3.15
N LYS A 51 -0.07 31.85 -2.08
CA LYS A 51 -0.09 30.46 -1.64
C LYS A 51 -0.39 29.54 -2.81
N GLY A 52 0.38 28.44 -2.90
CA GLY A 52 0.27 27.51 -3.99
C GLY A 52 1.14 27.81 -5.20
N ASP A 53 1.76 28.99 -5.27
CA ASP A 53 2.69 29.28 -6.35
C ASP A 53 3.97 28.47 -6.15
N THR A 54 4.79 28.44 -7.19
CA THR A 54 6.12 27.87 -7.17
C THR A 54 7.12 28.97 -7.52
N ALA A 55 8.13 29.13 -6.67
CA ALA A 55 9.15 30.15 -6.87
C ALA A 55 10.52 29.50 -6.93
N ALA A 56 11.30 29.85 -7.95
CA ALA A 56 12.65 29.35 -8.06
C ALA A 56 13.61 30.32 -7.40
N ILE A 57 14.65 29.79 -6.79
CA ILE A 57 15.66 30.59 -6.10
C ILE A 57 16.99 30.37 -6.81
N LEU A 58 17.64 31.46 -7.20
CA LEU A 58 18.94 31.41 -7.88
C LEU A 58 19.84 32.38 -7.12
N LEU A 59 20.54 31.85 -6.12
CA LEU A 59 21.37 32.68 -5.27
C LEU A 59 22.58 31.88 -4.80
N GLN A 60 23.71 32.58 -4.66
CA GLN A 60 24.82 32.06 -3.88
C GLN A 60 24.45 32.01 -2.41
N ASN A 61 25.25 31.28 -1.64
CA ASN A 61 25.05 31.20 -0.19
C ASN A 61 25.18 32.61 0.38
N ARG A 62 24.05 33.20 0.76
CA ARG A 62 24.00 34.48 1.45
C ARG A 62 22.90 34.38 2.49
N ALA A 63 22.90 35.31 3.44
CA ALA A 63 21.81 35.34 4.42
C ALA A 63 20.46 35.50 3.72
N GLU A 64 20.43 36.28 2.64
CA GLU A 64 19.19 36.53 1.93
C GLU A 64 18.63 35.27 1.30
N MET A 65 19.49 34.30 0.97
CA MET A 65 19.00 33.02 0.48
C MET A 65 18.26 32.25 1.58
N VAL A 66 18.78 32.26 2.81
CA VAL A 66 18.07 31.66 3.93
C VAL A 66 16.73 32.35 4.15
N TYR A 67 16.70 33.68 4.07
CA TYR A 67 15.44 34.39 4.23
C TYR A 67 14.46 33.97 3.15
N ALA A 68 14.95 33.77 1.91
CA ALA A 68 14.04 33.50 0.81
C ALA A 68 13.38 32.14 0.96
N VAL A 69 14.15 31.13 1.36
CA VAL A 69 13.56 29.80 1.56
C VAL A 69 12.47 29.86 2.64
N HIS A 70 12.78 30.47 3.77
CA HIS A 70 11.78 30.57 4.83
C HIS A 70 10.60 31.43 4.41
N ALA A 71 10.85 32.50 3.66
CA ALA A 71 9.74 33.34 3.18
C ALA A 71 8.78 32.53 2.33
N CYS A 72 9.33 31.68 1.44
CA CYS A 72 8.48 30.80 0.65
C CYS A 72 7.60 29.92 1.55
N PHE A 73 8.18 29.31 2.58
CA PHE A 73 7.37 28.50 3.49
C PHE A 73 6.28 29.34 4.13
N LEU A 74 6.62 30.56 4.57
CA LEU A 74 5.66 31.41 5.26
C LEU A 74 4.54 31.85 4.33
N LEU A 75 4.76 31.81 3.02
CA LEU A 75 3.74 32.12 2.04
C LEU A 75 2.99 30.91 1.55
N GLY A 76 3.45 29.70 1.86
CA GLY A 76 2.86 28.50 1.30
C GLY A 76 3.25 28.26 -0.13
N VAL A 77 4.49 28.62 -0.50
CA VAL A 77 4.99 28.62 -1.88
C VAL A 77 6.08 27.57 -1.99
N LYS A 78 6.01 26.72 -3.01
CA LYS A 78 7.03 25.69 -3.24
C LYS A 78 8.32 26.36 -3.71
N ALA A 79 9.46 26.01 -3.11
CA ALA A 79 10.73 26.63 -3.47
C ALA A 79 11.56 25.68 -4.34
N VAL A 80 11.91 26.12 -5.54
CA VAL A 80 12.79 25.36 -6.42
C VAL A 80 14.20 25.91 -6.25
N LEU A 81 15.13 25.08 -5.76
CA LEU A 81 16.50 25.53 -5.54
C LEU A 81 17.31 25.30 -6.82
N LEU A 82 17.80 26.38 -7.42
CA LEU A 82 18.53 26.27 -8.69
C LEU A 82 20.04 26.29 -8.47
N ASN A 83 20.71 25.35 -9.12
CA ASN A 83 22.16 25.27 -9.12
C ASN A 83 22.75 26.47 -9.87
N THR A 84 23.57 27.26 -9.20
CA THR A 84 24.05 28.51 -9.78
C THR A 84 25.12 28.32 -10.85
N LYS A 85 25.72 27.13 -10.94
CA LYS A 85 26.73 26.88 -11.97
C LYS A 85 26.14 26.49 -13.31
N LEU A 86 24.83 26.22 -13.36
CA LEU A 86 24.21 25.84 -14.61
C LEU A 86 24.26 26.97 -15.62
N SER A 87 24.33 26.59 -16.90
CA SER A 87 24.13 27.54 -17.98
C SER A 87 22.70 28.06 -17.96
N THR A 88 22.50 29.22 -18.58
CA THR A 88 21.15 29.72 -18.80
C THR A 88 20.26 28.66 -19.43
N HIS A 89 20.80 27.93 -20.39
CA HIS A 89 20.06 26.88 -21.09
C HIS A 89 19.53 25.82 -20.12
N GLU A 90 20.40 25.31 -19.25
CA GLU A 90 19.96 24.31 -18.28
C GLU A 90 18.93 24.87 -17.31
N ARG A 91 19.09 26.13 -16.90
CA ARG A 91 18.15 26.70 -15.94
C ARG A 91 16.79 26.96 -16.56
N LEU A 92 16.74 27.37 -17.83
CA LEU A 92 15.47 27.59 -18.48
C LEU A 92 14.63 26.31 -18.49
N PHE A 93 15.27 25.17 -18.79
CA PHE A 93 14.54 23.90 -18.72
C PHE A 93 13.92 23.69 -17.34
N GLN A 94 14.67 23.97 -16.27
CA GLN A 94 14.18 23.70 -14.92
C GLN A 94 13.09 24.69 -14.52
N LEU A 95 13.22 25.95 -14.92
CA LEU A 95 12.16 26.92 -14.65
C LEU A 95 10.86 26.48 -15.30
N GLU A 96 10.91 26.03 -16.54
CA GLU A 96 9.68 25.65 -17.24
C GLU A 96 9.14 24.33 -16.70
N ASP A 97 10.03 23.34 -16.54
CA ASP A 97 9.57 22.03 -16.09
C ASP A 97 8.95 22.09 -14.70
N SER A 98 9.49 22.93 -13.81
CA SER A 98 8.97 23.00 -12.44
C SER A 98 7.66 23.76 -12.32
N GLY A 99 7.22 24.44 -13.37
CA GLY A 99 6.06 25.31 -13.25
C GLY A 99 6.28 26.55 -12.41
N SER A 100 7.54 26.98 -12.26
CA SER A 100 7.80 28.20 -11.50
C SER A 100 7.11 29.39 -12.13
N GLY A 101 6.49 30.23 -11.29
CA GLY A 101 5.94 31.48 -11.80
C GLY A 101 6.89 32.63 -11.56
N PHE A 102 7.83 32.45 -10.63
CA PHE A 102 8.71 33.51 -10.16
C PHE A 102 10.14 33.00 -10.06
N LEU A 103 11.09 33.93 -10.21
CA LEU A 103 12.50 33.63 -10.00
C LEU A 103 13.04 34.65 -9.02
N LEU A 104 13.49 34.20 -7.85
CA LEU A 104 14.09 35.09 -6.85
C LEU A 104 15.61 35.00 -7.01
N THR A 105 16.25 36.11 -7.36
CA THR A 105 17.69 36.06 -7.65
C THR A 105 18.28 37.41 -7.25
N ASP A 106 19.46 37.74 -7.79
CA ASP A 106 20.05 39.05 -7.51
C ASP A 106 20.84 39.52 -8.72
N SER A 107 21.45 40.72 -8.59
CA SER A 107 22.08 41.34 -9.75
C SER A 107 23.39 40.67 -10.14
N SER A 108 23.87 39.70 -9.37
CA SER A 108 25.03 38.96 -9.87
C SER A 108 24.67 38.02 -11.01
N PHE A 109 23.38 37.76 -11.22
CA PHE A 109 22.90 36.95 -12.33
C PHE A 109 22.19 37.85 -13.33
N GLU A 110 22.19 37.43 -14.60
CA GLU A 110 21.52 38.19 -15.66
C GLU A 110 20.05 37.79 -15.69
N LYS A 111 19.23 38.47 -14.89
CA LYS A 111 17.82 38.11 -14.78
C LYS A 111 17.06 38.30 -16.08
N LYS A 112 17.53 39.19 -16.96
CA LYS A 112 16.83 39.45 -18.22
C LYS A 112 16.63 38.19 -19.04
N GLU A 113 17.52 37.21 -18.91
CA GLU A 113 17.42 35.99 -19.69
C GLU A 113 16.22 35.13 -19.32
N TYR A 114 15.55 35.41 -18.20
CA TYR A 114 14.48 34.53 -17.72
C TYR A 114 13.10 35.16 -17.73
N GLU A 115 13.00 36.46 -18.05
CA GLU A 115 11.75 37.18 -17.86
C GLU A 115 10.66 36.80 -18.86
N HIS A 116 10.96 35.94 -19.84
CA HIS A 116 9.94 35.45 -20.76
C HIS A 116 9.29 34.17 -20.27
N ILE A 117 9.75 33.61 -19.16
CA ILE A 117 9.21 32.36 -18.62
C ILE A 117 8.65 32.62 -17.23
N VAL A 118 9.26 33.55 -16.49
CA VAL A 118 8.91 33.80 -15.10
C VAL A 118 9.04 35.29 -14.80
N GLN A 119 8.31 35.73 -13.78
CA GLN A 119 8.52 37.05 -13.21
C GLN A 119 9.78 37.02 -12.35
N THR A 120 10.76 37.85 -12.67
CA THR A 120 12.02 37.84 -11.93
C THR A 120 12.00 38.90 -10.85
N ILE A 121 12.55 38.56 -9.69
CA ILE A 121 12.58 39.45 -8.53
C ILE A 121 14.01 39.52 -8.03
N ASP A 122 14.52 40.74 -7.87
CA ASP A 122 15.85 40.95 -7.31
C ASP A 122 15.71 41.06 -5.79
N VAL A 123 16.32 40.12 -5.06
CA VAL A 123 16.11 40.04 -3.63
C VAL A 123 16.61 41.30 -2.93
N ASP A 124 17.63 41.95 -3.46
CA ASP A 124 18.17 43.13 -2.79
C ASP A 124 17.27 44.34 -3.00
N GLU A 125 16.74 44.50 -4.23
CA GLU A 125 15.77 45.55 -4.48
C GLU A 125 14.49 45.28 -3.70
N LEU A 126 14.10 44.01 -3.63
CA LEU A 126 12.90 43.59 -2.91
C LEU A 126 12.95 44.02 -1.45
N MET A 127 14.08 43.82 -0.79
CA MET A 127 14.15 44.11 0.64
C MET A 127 14.11 45.59 0.98
N LYS A 128 14.28 46.47 -0.02
CA LYS A 128 14.18 47.91 0.19
C LYS A 128 12.75 48.42 0.12
N GLU A 129 11.80 47.58 -0.30
CA GLU A 129 10.44 48.04 -0.57
C GLU A 129 9.58 47.95 0.68
N ALA A 130 8.62 48.88 0.79
CA ALA A 130 7.60 48.80 1.81
C ALA A 130 6.48 47.86 1.35
N ALA A 131 5.86 47.19 2.32
CA ALA A 131 4.80 46.25 1.99
C ALA A 131 3.86 46.10 3.17
N GLU A 132 2.59 45.86 2.85
CA GLU A 132 1.58 45.58 3.87
C GLU A 132 1.93 44.30 4.63
N GLU A 133 1.60 44.29 5.92
CA GLU A 133 1.66 43.05 6.69
C GLU A 133 0.71 42.01 6.09
N ILE A 134 1.05 40.75 6.25
CA ILE A 134 0.21 39.64 5.80
C ILE A 134 0.03 38.67 6.96
N GLU A 135 -0.95 37.78 6.80
CA GLU A 135 -1.09 36.61 7.65
C GLU A 135 -0.22 35.49 7.09
N ILE A 136 0.85 35.12 7.81
CA ILE A 136 1.71 34.04 7.35
C ILE A 136 0.97 32.70 7.46
N GLU A 137 1.51 31.71 6.74
CA GLU A 137 1.14 30.32 6.94
C GLU A 137 1.78 29.86 8.24
N ALA A 138 0.98 29.78 9.30
CA ALA A 138 1.50 29.40 10.61
C ALA A 138 1.78 27.92 10.73
N TYR A 139 1.29 27.10 9.80
CA TYR A 139 1.51 25.66 9.87
C TYR A 139 2.19 25.15 8.61
N MET A 140 2.97 24.09 8.78
CA MET A 140 3.54 23.33 7.68
C MET A 140 2.78 22.02 7.55
N GLN A 141 2.25 21.74 6.36
CA GLN A 141 1.60 20.47 6.11
C GLN A 141 2.65 19.40 5.84
N MET A 142 2.62 18.32 6.62
CA MET A 142 3.72 17.35 6.58
C MET A 142 3.87 16.70 5.21
N ASP A 143 2.77 16.42 4.52
CA ASP A 143 2.89 15.77 3.22
C ASP A 143 2.88 16.76 2.05
N ALA A 144 2.97 18.06 2.31
CA ALA A 144 3.04 19.01 1.23
C ALA A 144 4.49 19.15 0.77
N THR A 145 4.68 19.28 -0.53
CA THR A 145 6.01 19.55 -1.06
C THR A 145 6.49 20.89 -0.53
N ALA A 146 7.68 20.88 0.03
CA ALA A 146 8.30 22.12 0.48
C ALA A 146 9.28 22.67 -0.56
N THR A 147 10.10 21.78 -1.14
CA THR A 147 11.21 22.19 -1.97
C THR A 147 11.35 21.20 -3.12
N LEU A 148 11.85 21.70 -4.25
CA LEU A 148 12.14 20.89 -5.42
C LEU A 148 13.60 21.09 -5.76
N MET A 149 14.32 19.98 -6.00
CA MET A 149 15.71 19.99 -6.42
C MET A 149 15.88 19.06 -7.61
N TYR A 150 16.63 19.50 -8.61
CA TYR A 150 16.79 18.74 -9.85
C TYR A 150 18.00 17.83 -9.76
N THR A 151 17.85 16.59 -10.19
CA THR A 151 18.91 15.60 -10.13
C THR A 151 18.57 14.46 -11.09
N SER A 152 19.47 13.47 -11.15
CA SER A 152 19.17 12.19 -11.80
CA SER A 152 19.21 12.19 -11.81
C SER A 152 18.80 12.37 -13.27
N GLY A 153 19.70 13.01 -14.03
CA GLY A 153 19.50 13.22 -15.45
C GLY A 153 19.91 12.02 -16.30
N THR A 154 19.57 10.82 -15.84
CA THR A 154 20.03 9.61 -16.52
C THR A 154 19.41 9.44 -17.90
N THR A 155 18.26 10.06 -18.18
CA THR A 155 17.67 10.01 -19.52
C THR A 155 18.15 11.14 -20.41
N GLY A 156 18.89 12.09 -19.87
CA GLY A 156 19.36 13.25 -20.61
C GLY A 156 18.84 14.57 -20.11
N LYS A 157 17.74 14.56 -19.34
CA LYS A 157 17.19 15.73 -18.66
C LYS A 157 16.98 15.42 -17.19
N PRO A 158 17.26 16.35 -16.29
CA PRO A 158 17.11 16.06 -14.86
C PRO A 158 15.64 16.02 -14.45
N LYS A 159 15.40 15.44 -13.28
CA LYS A 159 14.07 15.26 -12.71
C LYS A 159 13.96 16.09 -11.45
N GLY A 160 12.81 16.72 -11.23
CA GLY A 160 12.64 17.48 -10.01
C GLY A 160 12.17 16.63 -8.85
N VAL A 161 12.97 16.56 -7.79
CA VAL A 161 12.65 15.79 -6.60
C VAL A 161 11.76 16.63 -5.69
N GLN A 162 10.56 16.12 -5.38
CA GLN A 162 9.64 16.80 -4.47
C GLN A 162 9.93 16.34 -3.05
N GLN A 163 10.43 17.27 -2.23
CA GLN A 163 10.80 17.03 -0.84
C GLN A 163 9.76 17.70 0.04
N THR A 164 9.08 16.90 0.90
CA THR A 164 8.00 17.43 1.74
C THR A 164 8.53 18.01 3.04
N PHE A 165 7.68 18.79 3.71
CA PHE A 165 8.06 19.24 5.04
C PHE A 165 8.36 18.05 5.94
N GLY A 166 7.53 17.00 5.86
CA GLY A 166 7.77 15.83 6.67
C GLY A 166 9.09 15.15 6.36
N ASN A 167 9.45 15.08 5.08
CA ASN A 167 10.75 14.53 4.69
C ASN A 167 11.87 15.24 5.43
N HIS A 168 11.84 16.56 5.42
CA HIS A 168 12.93 17.33 6.04
C HIS A 168 12.92 17.19 7.56
N TYR A 169 11.72 17.21 8.15
CA TYR A 169 11.61 16.98 9.59
C TYR A 169 12.23 15.63 9.97
N PHE A 170 11.84 14.57 9.28
CA PHE A 170 12.32 13.24 9.66
C PHE A 170 13.81 13.08 9.37
N SER A 171 14.31 13.65 8.27
CA SER A 171 15.76 13.68 8.07
C SER A 171 16.47 14.30 9.26
N ALA A 172 16.01 15.48 9.70
CA ALA A 172 16.67 16.16 10.82
C ALA A 172 16.58 15.33 12.10
N VAL A 173 15.41 14.75 12.38
CA VAL A 173 15.21 13.97 13.61
C VAL A 173 16.06 12.71 13.58
N SER A 174 16.05 11.99 12.45
CA SER A 174 16.84 10.76 12.37
C SER A 174 18.33 11.06 12.53
N SER A 175 18.82 12.16 11.95
CA SER A 175 20.22 12.51 12.13
C SER A 175 20.55 12.87 13.58
N ALA A 176 19.65 13.61 14.25
CA ALA A 176 19.87 13.92 15.66
C ALA A 176 19.92 12.65 16.50
N LEU A 177 19.04 11.68 16.23
CA LEU A 177 19.08 10.44 16.99
C LEU A 177 20.38 9.69 16.75
N ASN A 178 20.97 9.87 15.57
CA ASN A 178 22.20 9.15 15.26
C ASN A 178 23.40 9.84 15.89
N LEU A 179 23.47 11.16 15.74
CA LEU A 179 24.64 11.92 16.16
C LEU A 179 24.56 12.45 17.59
N GLY A 180 23.38 12.44 18.19
CA GLY A 180 23.16 13.20 19.41
C GLY A 180 23.05 14.69 19.11
N ILE A 181 22.48 15.42 20.06
CA ILE A 181 22.31 16.87 19.93
C ILE A 181 22.45 17.51 21.30
N THR A 182 23.17 18.63 21.36
CA THR A 182 23.27 19.43 22.58
C THR A 182 23.21 20.89 22.21
N GLU A 183 22.93 21.72 23.22
CA GLU A 183 22.81 23.17 23.02
C GLU A 183 24.07 23.80 22.45
N GLN A 184 25.24 23.22 22.68
CA GLN A 184 26.47 23.84 22.21
C GLN A 184 26.80 23.52 20.76
N ASP A 185 26.06 22.63 20.11
CA ASP A 185 26.37 22.29 18.74
C ASP A 185 26.20 23.49 17.82
N ARG A 186 27.10 23.61 16.86
CA ARG A 186 27.02 24.59 15.79
C ARG A 186 27.53 23.90 14.53
N TRP A 187 26.87 24.13 13.40
CA TRP A 187 27.12 23.41 12.16
C TRP A 187 27.62 24.38 11.09
N LEU A 188 28.76 24.07 10.47
CA LEU A 188 29.32 24.94 9.43
C LEU A 188 28.99 24.38 8.06
N ILE A 189 28.45 25.25 7.20
CA ILE A 189 28.04 24.89 5.84
C ILE A 189 28.85 25.77 4.89
N ALA A 190 29.75 25.14 4.14
CA ALA A 190 30.53 25.79 3.09
C ALA A 190 30.33 25.09 1.75
N LEU A 191 29.28 24.30 1.64
CA LEU A 191 28.60 23.56 0.59
C LEU A 191 27.44 24.39 0.04
N PRO A 192 27.05 24.21 -1.23
CA PRO A 192 25.93 24.99 -1.76
C PRO A 192 24.62 24.68 -1.06
N LEU A 193 23.88 25.75 -0.74
CA LEU A 193 22.56 25.60 -0.17
C LEU A 193 21.55 25.10 -1.18
N PHE A 194 21.89 25.10 -2.47
CA PHE A 194 20.95 24.54 -3.44
C PHE A 194 21.07 23.03 -3.56
N HIS A 195 22.05 22.41 -2.91
CA HIS A 195 22.06 20.96 -2.69
C HIS A 195 21.45 20.67 -1.33
N ILE A 196 20.93 19.45 -1.16
CA ILE A 196 20.32 19.15 0.15
C ILE A 196 21.39 19.00 1.22
N SER A 197 22.63 18.69 0.82
CA SER A 197 23.77 18.74 1.75
C SER A 197 23.81 20.06 2.51
N GLY A 198 23.65 21.18 1.80
CA GLY A 198 23.65 22.46 2.49
C GLY A 198 22.29 22.82 3.05
N LEU A 199 21.25 22.59 2.25
CA LEU A 199 19.93 23.08 2.64
C LEU A 199 19.41 22.38 3.89
N SER A 200 19.72 21.09 4.07
CA SER A 200 19.20 20.37 5.23
C SER A 200 19.66 20.99 6.54
N ALA A 201 20.83 21.63 6.55
CA ALA A 201 21.31 22.26 7.78
C ALA A 201 20.38 23.38 8.22
N LEU A 202 19.74 24.07 7.26
CA LEU A 202 18.81 25.13 7.63
C LEU A 202 17.60 24.59 8.38
N PHE A 203 17.18 23.38 8.06
CA PHE A 203 16.04 22.77 8.77
C PHE A 203 16.47 22.19 10.10
N LYS A 204 17.62 21.51 10.14
CA LYS A 204 18.23 21.17 11.42
C LYS A 204 18.30 22.40 12.31
N SER A 205 18.66 23.54 11.75
CA SER A 205 18.86 24.73 12.57
C SER A 205 17.59 25.10 13.34
N VAL A 206 16.46 25.21 12.63
CA VAL A 206 15.24 25.65 13.32
C VAL A 206 14.64 24.52 14.16
N ILE A 207 14.75 23.27 13.73
CA ILE A 207 14.17 22.18 14.52
C ILE A 207 14.96 21.97 15.81
N TYR A 208 16.29 21.98 15.72
CA TYR A 208 17.13 21.80 16.90
C TYR A 208 17.27 23.06 17.74
N GLY A 209 17.16 24.23 17.12
CA GLY A 209 17.65 25.47 17.70
C GLY A 209 19.17 25.53 17.67
N MET A 210 19.76 25.30 16.50
CA MET A 210 21.19 25.14 16.34
C MET A 210 21.74 26.17 15.36
N THR A 211 22.80 26.88 15.74
CA THR A 211 23.41 27.85 14.85
C THR A 211 24.03 27.19 13.63
N VAL A 212 23.82 27.81 12.46
CA VAL A 212 24.54 27.44 11.24
C VAL A 212 25.53 28.54 10.91
N VAL A 213 26.80 28.16 10.74
CA VAL A 213 27.84 29.07 10.27
C VAL A 213 27.94 28.87 8.76
N LEU A 214 27.61 29.92 8.01
CA LEU A 214 27.42 29.83 6.57
C LEU A 214 28.57 30.51 5.84
N HIS A 215 29.20 29.79 4.92
CA HIS A 215 30.24 30.33 4.05
C HIS A 215 29.75 30.31 2.62
N GLN A 216 30.08 31.36 1.86
CA GLN A 216 29.66 31.40 0.46
C GLN A 216 30.46 30.42 -0.38
N ARG A 217 31.74 30.28 -0.08
CA ARG A 217 32.65 29.39 -0.79
C ARG A 217 33.45 28.60 0.22
N PHE A 218 34.15 27.58 -0.25
CA PHE A 218 34.99 26.74 0.60
C PHE A 218 36.45 27.11 0.34
N SER A 219 37.11 27.67 1.34
CA SER A 219 38.57 27.75 1.34
C SER A 219 39.01 27.22 2.70
N VAL A 220 40.00 26.32 2.68
CA VAL A 220 40.35 25.57 3.89
C VAL A 220 40.77 26.51 5.00
N SER A 221 41.60 27.49 4.67
CA SER A 221 42.06 28.46 5.67
C SER A 221 40.87 29.17 6.33
N ASP A 222 39.95 29.69 5.52
CA ASP A 222 38.80 30.40 6.07
C ASP A 222 37.95 29.49 6.95
N VAL A 223 37.75 28.24 6.51
CA VAL A 223 36.94 27.30 7.28
C VAL A 223 37.60 26.99 8.63
N LEU A 224 38.91 26.75 8.61
CA LEU A 224 39.60 26.46 9.88
C LEU A 224 39.50 27.64 10.85
N HIS A 225 39.72 28.86 10.36
CA HIS A 225 39.61 30.02 11.24
C HIS A 225 38.19 30.18 11.77
N SER A 226 37.20 29.92 10.92
CA SER A 226 35.80 30.06 11.31
C SER A 226 35.41 29.01 12.36
N ILE A 227 35.86 27.77 12.20
CA ILE A 227 35.60 26.74 13.19
C ILE A 227 36.11 27.19 14.56
N ASN A 228 37.34 27.67 14.62
CA ASN A 228 37.89 28.06 15.90
C ASN A 228 37.26 29.35 16.41
N ARG A 229 36.93 30.28 15.52
CA ARG A 229 36.33 31.54 15.96
C ARG A 229 34.95 31.31 16.58
N HIS A 230 34.15 30.42 15.98
CA HIS A 230 32.76 30.28 16.35
C HIS A 230 32.46 28.98 17.09
N GLU A 231 33.50 28.21 17.46
CA GLU A 231 33.32 26.99 18.24
C GLU A 231 32.41 26.01 17.51
N VAL A 232 32.68 25.82 16.23
CA VAL A 232 31.89 24.90 15.41
C VAL A 232 32.14 23.47 15.85
N THR A 233 31.06 22.68 15.98
CA THR A 233 31.20 21.28 16.36
C THR A 233 30.87 20.29 15.25
N MET A 234 30.11 20.72 14.23
CA MET A 234 29.71 19.84 13.13
C MET A 234 30.02 20.51 11.80
N ILE A 235 30.42 19.72 10.81
CA ILE A 235 30.69 20.25 9.49
C ILE A 235 30.34 19.19 8.46
N SER A 236 29.80 19.62 7.32
CA SER A 236 29.49 18.75 6.21
C SER A 236 30.54 18.89 5.12
N ALA A 237 30.93 17.76 4.52
CA ALA A 237 31.98 17.79 3.52
C ALA A 237 31.72 16.73 2.46
N VAL A 238 32.25 16.99 1.26
CA VAL A 238 32.49 15.94 0.28
C VAL A 238 33.98 15.62 0.29
N GLN A 239 34.36 14.50 -0.33
CA GLN A 239 35.71 13.99 -0.07
C GLN A 239 36.79 14.95 -0.57
N THR A 240 36.55 15.66 -1.67
CA THR A 240 37.52 16.66 -2.13
C THR A 240 37.78 17.72 -1.06
N MET A 241 36.74 18.17 -0.37
CA MET A 241 36.92 19.13 0.73
C MET A 241 37.71 18.52 1.87
N LEU A 242 37.38 17.28 2.26
CA LEU A 242 38.12 16.61 3.32
C LEU A 242 39.59 16.45 2.97
N ALA A 243 39.88 16.12 1.70
CA ALA A 243 41.26 15.99 1.27
C ALA A 243 41.99 17.33 1.36
N SER A 244 41.33 18.42 0.96
CA SER A 244 41.92 19.74 1.12
C SER A 244 42.21 20.06 2.58
N LEU A 245 41.27 19.74 3.49
CA LEU A 245 41.50 19.98 4.90
C LEU A 245 42.76 19.27 5.40
N LEU A 246 42.91 18.00 5.02
CA LEU A 246 44.05 17.23 5.47
C LEU A 246 45.36 17.70 4.86
N GLU A 247 45.31 18.43 3.75
CA GLU A 247 46.53 19.02 3.19
C GLU A 247 47.00 20.21 4.02
N GLU A 248 46.09 20.97 4.61
CA GLU A 248 46.47 22.19 5.32
C GLU A 248 46.66 21.97 6.82
N THR A 249 46.22 20.84 7.37
CA THR A 249 46.42 20.63 8.79
C THR A 249 46.42 19.14 9.10
N ASN A 250 47.27 18.74 10.05
CA ASN A 250 47.29 17.39 10.57
C ASN A 250 46.44 17.24 11.83
N ARG A 251 45.98 18.35 12.40
CA ARG A 251 45.21 18.33 13.63
C ARG A 251 43.80 18.82 13.36
N CYS A 252 42.82 18.03 13.76
CA CYS A 252 41.43 18.45 13.65
C CYS A 252 41.11 19.45 14.76
N PRO A 253 40.44 20.55 14.45
CA PRO A 253 40.08 21.52 15.50
C PRO A 253 39.38 20.84 16.67
N GLU A 254 39.76 21.25 17.89
CA GLU A 254 39.31 20.56 19.10
C GLU A 254 37.79 20.51 19.21
N SER A 255 37.09 21.54 18.74
CA SER A 255 35.65 21.58 18.93
C SER A 255 34.88 20.67 17.98
N ILE A 256 35.49 20.22 16.88
CA ILE A 256 34.77 19.43 15.90
C ILE A 256 34.53 18.03 16.45
N ARG A 257 33.27 17.61 16.51
CA ARG A 257 32.93 16.26 16.91
C ARG A 257 32.36 15.42 15.78
N CYS A 258 31.98 16.04 14.66
N CYS A 258 31.96 16.04 14.67
CA CYS A 258 31.40 15.30 13.55
CA CYS A 258 31.37 15.29 13.55
C CYS A 258 31.79 15.99 12.25
C CYS A 258 31.73 15.97 12.25
N ILE A 259 32.44 15.25 11.37
CA ILE A 259 32.58 15.63 9.98
C ILE A 259 31.66 14.69 9.21
N LEU A 260 30.53 15.21 8.72
CA LEU A 260 29.57 14.39 8.01
C LEU A 260 29.99 14.38 6.55
N LEU A 261 30.50 13.24 6.10
CA LEU A 261 31.03 13.09 4.75
C LEU A 261 29.99 12.39 3.88
N GLY A 262 29.70 12.98 2.72
CA GLY A 262 28.71 12.42 1.83
C GLY A 262 28.98 12.82 0.40
N GLY A 263 28.08 12.47 -0.50
CA GLY A 263 28.11 12.97 -1.86
C GLY A 263 28.92 12.17 -2.86
N GLY A 264 29.41 10.99 -2.49
CA GLY A 264 30.20 10.21 -3.41
C GLY A 264 31.26 9.39 -2.69
N PRO A 265 31.91 8.48 -3.41
CA PRO A 265 32.92 7.63 -2.78
C PRO A 265 34.18 8.41 -2.43
N ALA A 266 34.77 8.06 -1.26
CA ALA A 266 36.01 8.61 -0.77
C ALA A 266 37.14 7.61 -0.99
N PRO A 267 38.34 8.08 -1.31
CA PRO A 267 39.49 7.16 -1.36
C PRO A 267 39.77 6.59 0.04
N LEU A 268 39.94 5.27 0.10
CA LEU A 268 40.20 4.63 1.38
C LEU A 268 41.42 5.17 2.12
N PRO A 269 42.55 5.48 1.47
CA PRO A 269 43.67 6.07 2.22
C PRO A 269 43.32 7.39 2.90
N LEU A 270 42.43 8.17 2.29
CA LEU A 270 41.94 9.39 2.94
C LEU A 270 41.18 9.06 4.22
N LEU A 271 40.26 8.09 4.14
CA LEU A 271 39.51 7.69 5.33
C LEU A 271 40.45 7.13 6.41
N GLU A 272 41.45 6.34 6.00
CA GLU A 272 42.39 5.80 6.96
C GLU A 272 43.19 6.91 7.63
N GLU A 273 43.62 7.90 6.85
CA GLU A 273 44.42 8.99 7.41
C GLU A 273 43.61 9.83 8.39
N CYS A 274 42.34 10.11 8.07
CA CYS A 274 41.50 10.91 8.97
C CYS A 274 41.38 10.28 10.35
N ARG A 275 41.04 8.99 10.40
CA ARG A 275 40.89 8.34 11.70
C ARG A 275 42.23 8.24 12.43
N GLU A 276 43.32 8.03 11.68
CA GLU A 276 44.64 7.99 12.30
C GLU A 276 44.98 9.32 12.97
N LYS A 277 44.55 10.43 12.37
CA LYS A 277 44.88 11.76 12.88
C LYS A 277 43.75 12.38 13.69
N GLY A 278 42.73 11.60 14.03
CA GLY A 278 41.70 12.07 14.94
C GLY A 278 40.60 12.90 14.31
N PHE A 279 40.46 12.88 12.99
CA PHE A 279 39.34 13.56 12.35
C PHE A 279 38.11 12.68 12.44
N PRO A 280 37.01 13.13 13.16
CA PRO A 280 35.85 12.26 13.40
C PRO A 280 34.91 12.25 12.19
N VAL A 281 35.32 11.50 11.16
CA VAL A 281 34.61 11.45 9.89
C VAL A 281 33.49 10.42 10.00
N PHE A 282 32.26 10.86 9.73
CA PHE A 282 31.08 10.00 9.60
C PHE A 282 30.77 9.87 8.11
N GLN A 283 31.23 8.78 7.48
CA GLN A 283 30.86 8.51 6.10
C GLN A 283 29.35 8.24 6.03
N SER A 284 28.74 8.68 4.93
CA SER A 284 27.30 8.52 4.80
C SER A 284 26.93 8.29 3.34
N TYR A 285 25.77 7.69 3.16
CA TYR A 285 25.17 7.43 1.87
C TYR A 285 23.81 8.11 1.88
N GLY A 286 23.57 8.97 0.89
CA GLY A 286 22.35 9.75 0.84
C GLY A 286 22.31 10.43 -0.51
N MET A 287 21.17 11.03 -0.80
CA MET A 287 20.91 11.56 -2.13
C MET A 287 19.81 12.62 -2.01
N THR A 288 19.65 13.39 -3.08
CA THR A 288 18.52 14.32 -3.16
C THR A 288 17.21 13.62 -2.83
N GLU A 289 17.03 12.40 -3.36
CA GLU A 289 15.78 11.65 -3.23
C GLU A 289 15.50 11.20 -1.81
N THR A 290 16.52 11.13 -0.96
CA THR A 290 16.31 10.80 0.44
C THR A 290 16.50 12.01 1.34
N CYS A 291 16.50 13.22 0.76
CA CYS A 291 16.56 14.49 1.49
C CYS A 291 17.76 14.55 2.43
N SER A 292 18.88 13.95 1.99
CA SER A 292 20.24 13.89 2.55
C SER A 292 20.51 12.48 3.06
N GLN A 293 21.37 12.34 4.06
CA GLN A 293 21.84 11.02 4.50
C GLN A 293 20.69 10.06 4.81
N ILE A 294 20.87 8.80 4.43
CA ILE A 294 19.97 7.75 4.93
C ILE A 294 20.72 6.59 5.56
N VAL A 295 22.02 6.45 5.33
CA VAL A 295 22.88 5.44 5.96
C VAL A 295 24.16 6.15 6.39
N THR A 296 24.65 5.89 7.62
CA THR A 296 25.86 6.55 8.11
CA THR A 296 25.85 6.56 8.12
C THR A 296 26.70 5.59 8.94
N LEU A 297 28.02 5.81 8.89
CA LEU A 297 29.03 4.97 9.52
C LEU A 297 29.75 5.77 10.60
N SER A 298 29.68 5.29 11.84
CA SER A 298 30.33 5.93 12.97
C SER A 298 31.85 5.70 12.93
N PRO A 299 32.63 6.69 13.39
CA PRO A 299 34.10 6.52 13.43
C PRO A 299 34.57 5.29 14.18
N GLU A 300 33.79 4.79 15.15
CA GLU A 300 34.19 3.59 15.86
C GLU A 300 34.25 2.37 14.94
N PHE A 301 33.51 2.39 13.83
CA PHE A 301 33.54 1.29 12.87
C PHE A 301 34.31 1.60 11.61
N SER A 302 34.92 2.79 11.51
CA SER A 302 35.46 3.23 10.23
C SER A 302 36.67 2.43 9.79
N MET A 303 37.32 1.72 10.71
CA MET A 303 38.43 0.84 10.37
C MET A 303 37.95 -0.58 10.09
N GLU A 304 37.19 -1.17 11.02
CA GLU A 304 36.69 -2.53 10.83
CA GLU A 304 36.70 -2.52 10.82
C GLU A 304 35.80 -2.62 9.60
N LYS A 305 34.99 -1.58 9.36
CA LYS A 305 34.11 -1.56 8.19
C LYS A 305 34.63 -0.59 7.13
N LEU A 306 35.95 -0.51 6.97
CA LEU A 306 36.52 0.42 5.99
C LEU A 306 35.98 0.10 4.61
N GLY A 307 35.37 1.09 3.98
CA GLY A 307 34.68 0.90 2.71
C GLY A 307 33.18 0.91 2.82
N SER A 308 32.64 0.84 4.04
CA SER A 308 31.20 0.80 4.25
C SER A 308 30.63 2.21 4.36
N ALA A 309 29.36 2.35 3.97
CA ALA A 309 28.60 3.56 4.23
C ALA A 309 27.91 3.53 5.59
N GLY A 310 27.86 2.38 6.25
CA GLY A 310 27.30 2.29 7.58
C GLY A 310 25.95 1.60 7.64
N LYS A 311 25.09 2.07 8.53
CA LYS A 311 23.81 1.44 8.81
C LYS A 311 22.71 2.46 8.64
N PRO A 312 21.48 2.03 8.38
CA PRO A 312 20.40 2.98 8.16
C PRO A 312 20.09 3.80 9.41
N LEU A 313 19.74 5.06 9.20
CA LEU A 313 19.27 5.90 10.30
C LEU A 313 17.96 5.35 10.89
N PHE A 314 17.70 5.73 12.13
CA PHE A 314 16.47 5.29 12.76
C PHE A 314 15.27 5.69 11.91
N SER A 315 14.30 4.79 11.80
CA SER A 315 13.05 4.86 11.04
C SER A 315 13.27 4.51 9.57
N CYS A 316 14.51 4.36 9.12
CA CYS A 316 14.83 4.13 7.73
C CYS A 316 15.24 2.69 7.53
N GLU A 317 15.14 2.24 6.27
CA GLU A 317 15.44 0.86 5.91
C GLU A 317 16.19 0.81 4.59
N ILE A 318 16.94 -0.28 4.42
CA ILE A 318 17.67 -0.55 3.20
CA ILE A 318 17.68 -0.54 3.21
C ILE A 318 17.60 -2.03 2.91
N LYS A 319 17.57 -2.36 1.62
CA LYS A 319 17.68 -3.76 1.21
C LYS A 319 18.42 -3.79 -0.12
N ILE A 320 18.85 -4.98 -0.49
CA ILE A 320 19.59 -5.24 -1.71
C ILE A 320 18.76 -6.25 -2.50
N GLU A 321 18.49 -5.93 -3.77
CA GLU A 321 17.69 -6.81 -4.62
C GLU A 321 18.34 -6.95 -5.98
N ARG A 322 18.38 -8.18 -6.50
CA ARG A 322 18.79 -8.43 -7.87
C ARG A 322 17.62 -9.06 -8.62
N ASP A 323 17.17 -8.41 -9.69
CA ASP A 323 16.04 -8.88 -10.48
C ASP A 323 14.83 -9.15 -9.61
N GLY A 324 14.58 -8.29 -8.64
CA GLY A 324 13.44 -8.47 -7.77
C GLY A 324 13.56 -9.59 -6.76
N GLN A 325 14.72 -10.23 -6.69
CA GLN A 325 14.96 -11.32 -5.75
C GLN A 325 15.79 -10.83 -4.57
N VAL A 326 15.50 -11.37 -3.38
CA VAL A 326 16.22 -10.96 -2.18
C VAL A 326 17.67 -11.39 -2.28
N CYS A 327 18.58 -10.51 -1.85
CA CYS A 327 19.99 -10.82 -1.83
C CYS A 327 20.41 -11.17 -0.41
N GLU A 328 21.14 -12.27 -0.26
CA GLU A 328 21.72 -12.66 1.01
C GLU A 328 22.92 -11.77 1.30
N PRO A 329 23.46 -11.81 2.53
CA PRO A 329 24.64 -10.99 2.82
C PRO A 329 25.75 -11.27 1.81
N TYR A 330 26.48 -10.21 1.46
CA TYR A 330 27.59 -10.21 0.51
C TYR A 330 27.15 -10.40 -0.94
N GLU A 331 25.87 -10.65 -1.19
CA GLU A 331 25.43 -10.76 -2.59
C GLU A 331 25.14 -9.38 -3.17
N HIS A 332 25.64 -9.15 -4.38
CA HIS A 332 25.52 -7.85 -5.02
C HIS A 332 24.13 -7.62 -5.59
N GLY A 333 23.63 -6.41 -5.44
CA GLY A 333 22.35 -6.08 -6.07
C GLY A 333 22.08 -4.60 -5.98
N GLU A 334 20.89 -4.22 -6.41
CA GLU A 334 20.51 -2.82 -6.38
C GLU A 334 20.11 -2.40 -4.97
N ILE A 335 20.61 -1.25 -4.55
CA ILE A 335 20.26 -0.69 -3.25
C ILE A 335 18.87 -0.07 -3.34
N MET A 336 18.01 -0.44 -2.42
CA MET A 336 16.67 0.11 -2.33
C MET A 336 16.46 0.62 -0.91
N VAL A 337 15.78 1.76 -0.78
CA VAL A 337 15.67 2.41 0.51
C VAL A 337 14.22 2.76 0.77
N LYS A 338 13.92 2.91 2.06
CA LYS A 338 12.58 3.24 2.51
C LYS A 338 12.71 4.07 3.78
N GLY A 339 11.79 5.00 3.97
CA GLY A 339 11.79 5.74 5.20
C GLY A 339 11.04 7.05 5.05
N PRO A 340 10.77 7.69 6.18
CA PRO A 340 9.97 8.94 6.14
C PRO A 340 10.71 10.13 5.54
N ASN A 341 12.00 10.00 5.25
CA ASN A 341 12.77 11.03 4.57
C ASN A 341 12.82 10.84 3.06
N VAL A 342 12.26 9.76 2.54
CA VAL A 342 12.26 9.50 1.11
C VAL A 342 11.23 10.39 0.42
N MET A 343 11.63 10.96 -0.73
CA MET A 343 10.86 11.97 -1.44
C MET A 343 9.44 11.51 -1.76
N LYS A 344 8.55 12.50 -1.93
CA LYS A 344 7.20 12.22 -2.38
C LYS A 344 7.21 11.52 -3.74
N SER A 345 7.88 12.12 -4.72
CA SER A 345 7.97 11.59 -6.08
C SER A 345 8.78 12.58 -6.92
N TYR A 346 9.17 12.14 -8.10
CA TYR A 346 9.65 13.07 -9.11
C TYR A 346 8.48 13.84 -9.69
N PHE A 347 8.67 15.13 -9.93
CA PHE A 347 7.60 15.98 -10.41
C PHE A 347 7.32 15.72 -11.89
N ASN A 348 6.08 15.31 -12.21
CA ASN A 348 5.63 15.08 -13.58
CA ASN A 348 5.66 15.13 -13.60
C ASN A 348 6.63 14.23 -14.36
N ARG A 349 6.91 13.05 -13.79
CA ARG A 349 7.80 12.04 -14.40
C ARG A 349 7.13 10.69 -14.16
N GLU A 350 5.97 10.51 -14.80
CA GLU A 350 5.13 9.34 -14.55
C GLU A 350 5.92 8.05 -14.72
N SER A 351 6.65 7.93 -15.83
CA SER A 351 7.38 6.70 -16.11
C SER A 351 8.51 6.47 -15.11
N ALA A 352 9.21 7.54 -14.71
CA ALA A 352 10.31 7.36 -13.76
C ALA A 352 9.79 6.98 -12.37
N ASN A 353 8.67 7.59 -11.94
CA ASN A 353 8.09 7.22 -10.66
C ASN A 353 7.60 5.78 -10.67
N GLU A 354 7.01 5.34 -11.77
CA GLU A 354 6.52 3.97 -11.81
C GLU A 354 7.67 2.99 -11.81
N ALA A 355 8.80 3.38 -12.38
CA ALA A 355 9.96 2.49 -12.43
C ALA A 355 10.78 2.54 -11.14
N SER A 356 10.82 3.68 -10.46
CA SER A 356 11.74 3.85 -9.35
C SER A 356 11.15 3.39 -8.02
N PHE A 357 9.83 3.40 -7.88
CA PHE A 357 9.18 2.95 -6.66
C PHE A 357 8.60 1.56 -6.87
N GLN A 358 8.85 0.67 -5.91
CA GLN A 358 8.40 -0.72 -6.00
C GLN A 358 7.93 -1.10 -4.60
N ASN A 359 6.61 -1.09 -4.40
CA ASN A 359 5.98 -1.49 -3.13
C ASN A 359 6.47 -0.66 -1.95
N GLY A 360 6.56 0.66 -2.14
CA GLY A 360 6.98 1.56 -1.10
C GLY A 360 8.48 1.76 -0.98
N TRP A 361 9.27 1.03 -1.75
CA TRP A 361 10.72 1.15 -1.74
C TRP A 361 11.19 1.96 -2.94
N LEU A 362 12.28 2.70 -2.75
CA LEU A 362 12.85 3.50 -3.82
C LEU A 362 14.13 2.84 -4.32
N LYS A 363 14.17 2.54 -5.61
CA LYS A 363 15.38 2.06 -6.26
C LYS A 363 16.35 3.22 -6.48
N THR A 364 17.58 3.07 -6.02
CA THR A 364 18.55 4.15 -6.06
C THR A 364 19.35 4.21 -7.35
N GLY A 365 19.42 3.11 -8.10
CA GLY A 365 20.34 3.00 -9.21
C GLY A 365 21.76 2.65 -8.84
N ASP A 366 22.05 2.51 -7.54
CA ASP A 366 23.37 2.15 -7.06
C ASP A 366 23.40 0.64 -6.81
N LEU A 367 24.59 0.06 -6.97
CA LEU A 367 24.86 -1.33 -6.68
C LEU A 367 25.57 -1.46 -5.35
N GLY A 368 25.27 -2.52 -4.61
CA GLY A 368 25.91 -2.71 -3.32
C GLY A 368 25.60 -4.07 -2.73
N TYR A 369 26.07 -4.27 -1.51
CA TYR A 369 25.73 -5.44 -0.71
C TYR A 369 25.74 -5.05 0.76
N LEU A 370 25.10 -5.90 1.57
CA LEU A 370 25.15 -5.80 3.02
C LEU A 370 26.02 -6.90 3.60
N ASP A 371 26.81 -6.58 4.62
CA ASP A 371 27.56 -7.64 5.25
C ASP A 371 26.68 -8.36 6.27
N ASN A 372 27.26 -9.33 6.98
CA ASN A 372 26.41 -10.15 7.85
C ASN A 372 25.94 -9.42 9.09
N GLU A 373 26.41 -8.18 9.33
CA GLU A 373 25.90 -7.36 10.41
C GLU A 373 25.01 -6.22 9.90
N GLY A 374 24.71 -6.20 8.61
CA GLY A 374 23.86 -5.18 8.06
C GLY A 374 24.54 -3.91 7.62
N PHE A 375 25.87 -3.87 7.57
CA PHE A 375 26.56 -2.69 7.07
C PHE A 375 26.52 -2.64 5.56
N LEU A 376 26.27 -1.46 5.03
CA LEU A 376 26.15 -1.28 3.58
C LEU A 376 27.51 -1.02 2.93
N TYR A 377 27.79 -1.73 1.85
CA TYR A 377 28.94 -1.45 1.00
C TYR A 377 28.42 -1.04 -0.36
N VAL A 378 28.68 0.22 -0.74
CA VAL A 378 28.30 0.72 -2.05
C VAL A 378 29.44 0.42 -3.02
N LEU A 379 29.11 -0.22 -4.13
CA LEU A 379 30.09 -0.62 -5.13
C LEU A 379 30.13 0.43 -6.24
N ASP A 380 31.30 1.03 -6.47
CA ASP A 380 31.40 2.05 -7.50
C ASP A 380 31.40 1.40 -8.87
N ARG A 381 30.20 1.19 -9.43
CA ARG A 381 30.03 0.49 -10.70
C ARG A 381 29.15 1.22 -11.70
N ARG A 382 28.52 2.32 -11.32
CA ARG A 382 27.66 3.02 -12.26
C ARG A 382 28.47 3.64 -13.38
N SER A 383 27.94 3.58 -14.59
CA SER A 383 28.47 4.33 -15.70
C SER A 383 27.46 5.36 -16.23
N ASP A 384 26.27 5.43 -15.63
CA ASP A 384 25.28 6.44 -15.96
C ASP A 384 25.41 7.68 -15.09
N LEU A 385 26.44 7.72 -14.24
CA LEU A 385 26.63 8.82 -13.31
C LEU A 385 28.13 8.94 -13.04
N ILE A 386 28.62 10.18 -13.05
CA ILE A 386 30.01 10.51 -12.76
C ILE A 386 29.98 11.57 -11.67
N ILE A 387 30.74 11.37 -10.59
CA ILE A 387 30.74 12.32 -9.48
C ILE A 387 32.09 13.04 -9.45
N SER A 388 32.04 14.36 -9.61
CA SER A 388 33.20 15.23 -9.68
C SER A 388 33.09 16.22 -8.52
N GLY A 389 33.96 16.08 -7.52
CA GLY A 389 33.90 17.00 -6.39
C GLY A 389 32.53 17.07 -5.74
N GLY A 390 31.85 15.93 -5.61
CA GLY A 390 30.54 15.93 -5.02
C GLY A 390 29.41 16.40 -5.92
N GLU A 391 29.69 16.75 -7.17
CA GLU A 391 28.67 17.15 -8.13
C GLU A 391 28.35 16.00 -9.05
N ASN A 392 27.07 15.65 -9.14
CA ASN A 392 26.63 14.61 -10.07
C ASN A 392 26.67 15.11 -11.50
N ILE A 393 27.24 14.29 -12.38
CA ILE A 393 27.29 14.54 -13.82
C ILE A 393 26.67 13.34 -14.51
N TYR A 394 25.73 13.58 -15.42
CA TYR A 394 25.08 12.45 -16.08
C TYR A 394 25.57 12.35 -17.52
N PRO A 395 26.30 11.29 -17.86
CA PRO A 395 26.73 11.09 -19.25
C PRO A 395 25.64 11.34 -20.27
N ALA A 396 24.39 10.92 -19.99
CA ALA A 396 23.31 11.11 -20.97
C ALA A 396 23.07 12.58 -21.27
N GLU A 397 23.23 13.45 -20.26
CA GLU A 397 23.03 14.88 -20.50
C GLU A 397 24.17 15.45 -21.35
N VAL A 398 25.42 15.14 -20.97
CA VAL A 398 26.57 15.65 -21.70
C VAL A 398 26.56 15.10 -23.12
N GLU A 399 26.22 13.83 -23.28
CA GLU A 399 26.14 13.24 -24.62
C GLU A 399 25.09 13.94 -25.47
N SER A 400 23.94 14.28 -24.88
CA SER A 400 22.89 14.96 -25.62
C SER A 400 23.40 16.28 -26.17
N VAL A 401 24.11 17.06 -25.34
CA VAL A 401 24.69 18.32 -25.78
C VAL A 401 25.68 18.10 -26.93
N LEU A 402 26.59 17.14 -26.77
CA LEU A 402 27.58 16.89 -27.82
C LEU A 402 26.91 16.40 -29.10
N LEU A 403 25.91 15.53 -28.98
CA LEU A 403 25.18 15.05 -30.15
C LEU A 403 24.51 16.19 -30.91
N SER A 404 24.04 17.23 -30.20
CA SER A 404 23.35 18.32 -30.87
C SER A 404 24.28 19.16 -31.75
N HIS A 405 25.59 19.01 -31.60
CA HIS A 405 26.52 19.74 -32.43
C HIS A 405 26.52 19.17 -33.84
N PRO A 406 26.55 20.02 -34.87
CA PRO A 406 26.45 19.51 -36.26
C PRO A 406 27.54 18.52 -36.63
N ALA A 407 28.78 18.73 -36.18
CA ALA A 407 29.87 17.87 -36.59
C ALA A 407 29.89 16.52 -35.88
N VAL A 408 29.05 16.31 -34.86
CA VAL A 408 29.12 15.10 -34.04
C VAL A 408 28.03 14.12 -34.46
N ALA A 409 28.44 12.90 -34.78
CA ALA A 409 27.52 11.84 -35.16
C ALA A 409 27.14 10.96 -33.99
N GLU A 410 28.10 10.64 -33.12
CA GLU A 410 27.88 9.76 -31.97
C GLU A 410 28.69 10.29 -30.79
N ALA A 411 28.20 10.05 -29.58
CA ALA A 411 28.88 10.55 -28.40
C ALA A 411 28.71 9.58 -27.24
N GLY A 412 29.80 9.31 -26.57
CA GLY A 412 29.75 8.58 -25.31
C GLY A 412 30.63 9.29 -24.30
N VAL A 413 30.15 9.36 -23.07
CA VAL A 413 30.84 10.08 -22.01
C VAL A 413 31.07 9.14 -20.84
N SER A 414 32.31 9.11 -20.35
CA SER A 414 32.62 8.25 -19.22
C SER A 414 33.54 8.97 -18.26
N GLY A 415 33.59 8.48 -17.04
CA GLY A 415 34.34 9.12 -15.98
C GLY A 415 35.78 8.66 -15.95
N ALA A 416 36.70 9.60 -15.99
CA ALA A 416 38.13 9.30 -15.88
C ALA A 416 38.60 9.64 -14.48
N GLU A 417 39.46 8.80 -13.92
CA GLU A 417 40.00 9.06 -12.59
C GLU A 417 40.68 10.41 -12.55
N ASP A 418 40.53 11.10 -11.42
CA ASP A 418 41.10 12.42 -11.21
C ASP A 418 41.49 12.52 -9.74
N LYS A 419 42.77 12.81 -9.47
CA LYS A 419 43.25 12.84 -8.09
C LYS A 419 42.50 13.87 -7.26
N LYS A 420 42.15 15.01 -7.85
CA LYS A 420 41.46 16.05 -7.10
C LYS A 420 39.94 15.85 -7.04
N TRP A 421 39.31 15.60 -8.19
CA TRP A 421 37.85 15.62 -8.24
C TRP A 421 37.23 14.25 -8.06
N GLY A 422 38.02 13.18 -8.06
CA GLY A 422 37.45 11.85 -8.01
C GLY A 422 37.32 11.29 -9.41
N LYS A 423 36.31 11.77 -10.14
CA LYS A 423 36.14 11.47 -11.56
C LYS A 423 35.82 12.76 -12.28
N VAL A 424 36.29 12.87 -13.53
CA VAL A 424 35.91 13.96 -14.43
C VAL A 424 35.41 13.33 -15.73
N PRO A 425 34.56 14.02 -16.49
CA PRO A 425 34.04 13.45 -17.74
C PRO A 425 35.03 13.60 -18.90
N HIS A 426 35.17 12.50 -19.64
CA HIS A 426 35.83 12.47 -20.94
C HIS A 426 34.81 12.11 -22.01
N ALA A 427 34.96 12.72 -23.20
CA ALA A 427 34.01 12.53 -24.29
C ALA A 427 34.63 11.69 -25.40
N TYR A 428 33.85 10.74 -25.91
CA TYR A 428 34.25 9.84 -26.99
C TYR A 428 33.31 10.05 -28.16
N LEU A 429 33.84 10.50 -29.29
CA LEU A 429 33.01 10.99 -30.36
C LEU A 429 33.28 10.29 -31.68
N VAL A 430 32.20 10.12 -32.45
CA VAL A 430 32.29 9.81 -33.87
C VAL A 430 31.79 11.06 -34.61
N LEU A 431 32.60 11.57 -35.52
CA LEU A 431 32.34 12.86 -36.15
C LEU A 431 31.81 12.68 -37.57
N HIS A 432 30.86 13.53 -37.94
CA HIS A 432 30.53 13.75 -39.35
C HIS A 432 31.67 14.51 -40.00
N LYS A 433 31.85 15.75 -39.61
CA LYS A 433 32.88 16.66 -40.07
C LYS A 433 33.95 16.84 -39.01
N PRO A 434 35.13 17.31 -39.40
CA PRO A 434 36.15 17.67 -38.40
C PRO A 434 35.69 18.86 -37.56
N VAL A 435 36.15 18.87 -36.31
CA VAL A 435 35.89 19.95 -35.36
C VAL A 435 36.92 19.84 -34.26
N SER A 436 37.40 20.97 -33.76
CA SER A 436 38.45 20.97 -32.75
C SER A 436 37.87 20.83 -31.35
N ALA A 437 38.75 20.48 -30.40
CA ALA A 437 38.34 20.46 -29.00
C ALA A 437 37.93 21.86 -28.54
N GLY A 438 38.63 22.89 -29.02
CA GLY A 438 38.27 24.25 -28.63
C GLY A 438 36.88 24.64 -29.10
N GLU A 439 36.52 24.29 -30.34
CA GLU A 439 35.18 24.56 -30.82
C GLU A 439 34.13 23.82 -30.00
N LEU A 440 34.38 22.54 -29.70
CA LEU A 440 33.43 21.77 -28.91
C LEU A 440 33.32 22.30 -27.50
N THR A 441 34.45 22.72 -26.90
CA THR A 441 34.37 23.33 -25.57
C THR A 441 33.55 24.61 -25.61
N ASP A 442 33.76 25.45 -26.62
CA ASP A 442 33.00 26.69 -26.72
C ASP A 442 31.51 26.42 -26.84
N TYR A 443 31.15 25.37 -27.59
CA TYR A 443 29.74 24.99 -27.74
C TYR A 443 29.17 24.50 -26.42
N CYS A 444 29.95 23.72 -25.66
CA CYS A 444 29.49 23.21 -24.37
C CYS A 444 29.34 24.30 -23.33
N LYS A 445 30.09 25.40 -23.45
CA LYS A 445 30.02 26.47 -22.45
C LYS A 445 28.61 27.05 -22.35
N GLU A 446 27.89 27.08 -23.47
CA GLU A 446 26.54 27.63 -23.49
C GLU A 446 25.48 26.66 -22.99
N ARG A 447 25.80 25.38 -22.83
CA ARG A 447 24.79 24.37 -22.56
CA ARG A 447 24.78 24.39 -22.55
C ARG A 447 25.06 23.52 -21.32
N LEU A 448 26.22 23.65 -20.68
CA LEU A 448 26.57 22.80 -19.56
C LEU A 448 27.32 23.61 -18.50
N ALA A 449 26.98 23.35 -17.23
CA ALA A 449 27.80 23.81 -16.13
C ALA A 449 29.25 23.40 -16.32
N LYS A 450 30.17 24.23 -15.81
CA LYS A 450 31.59 23.99 -16.08
C LYS A 450 32.04 22.59 -15.69
N TYR A 451 31.62 22.09 -14.51
CA TYR A 451 32.11 20.79 -14.09
C TYR A 451 31.59 19.64 -14.94
N LYS A 452 30.56 19.86 -15.76
CA LYS A 452 30.07 18.83 -16.66
C LYS A 452 30.81 18.79 -17.99
N ARG A 453 31.58 19.82 -18.33
CA ARG A 453 32.20 19.88 -19.65
C ARG A 453 33.34 18.88 -19.75
N PRO A 454 33.46 18.18 -20.87
CA PRO A 454 34.51 17.16 -21.01
C PRO A 454 35.89 17.78 -20.88
N LYS A 455 36.72 17.16 -20.03
CA LYS A 455 38.08 17.63 -19.85
C LYS A 455 39.00 17.12 -20.96
N LYS A 456 38.64 16.01 -21.60
CA LYS A 456 39.35 15.53 -22.79
C LYS A 456 38.33 15.04 -23.81
N PHE A 457 38.69 15.14 -25.08
CA PHE A 457 37.88 14.66 -26.19
C PHE A 457 38.68 13.62 -26.97
N PHE A 458 38.02 12.53 -27.34
CA PHE A 458 38.63 11.49 -28.16
C PHE A 458 37.77 11.22 -29.38
N VAL A 459 38.42 10.89 -30.50
CA VAL A 459 37.74 10.58 -31.75
C VAL A 459 37.85 9.09 -32.01
N LEU A 460 36.75 8.50 -32.48
CA LEU A 460 36.70 7.07 -32.79
C LEU A 460 35.89 6.87 -34.07
N ASP A 461 36.08 5.70 -34.69
CA ASP A 461 35.25 5.34 -35.83
C ASP A 461 33.92 4.75 -35.40
N ARG A 462 33.88 4.10 -34.25
CA ARG A 462 32.66 3.51 -33.70
C ARG A 462 32.78 3.47 -32.19
N LEU A 463 31.63 3.35 -31.53
CA LEU A 463 31.59 3.28 -30.07
C LEU A 463 31.19 1.88 -29.62
N PRO A 464 31.63 1.43 -28.45
CA PRO A 464 31.23 0.09 -27.98
C PRO A 464 29.73 0.02 -27.74
N ARG A 465 29.09 -0.97 -28.37
CA ARG A 465 27.65 -1.13 -28.29
C ARG A 465 27.32 -2.62 -28.15
N ASN A 466 26.13 -2.88 -27.63
CA ASN A 466 25.56 -4.21 -27.53
C ASN A 466 24.71 -4.56 -28.74
N ALA A 467 24.03 -5.70 -28.67
CA ALA A 467 23.28 -6.16 -29.81
C ALA A 467 22.19 -5.18 -30.14
N SER A 468 21.61 -4.57 -29.14
CA SER A 468 20.49 -3.67 -29.36
C SER A 468 21.01 -2.31 -29.80
N ASN A 469 22.30 -2.26 -30.00
CA ASN A 469 23.00 -1.03 -30.40
C ASN A 469 23.02 0.04 -29.32
N LYS A 470 22.83 -0.35 -28.05
CA LYS A 470 22.92 0.59 -26.96
C LYS A 470 24.38 0.75 -26.53
N LEU A 471 24.75 1.98 -26.21
CA LEU A 471 26.14 2.28 -25.84
C LEU A 471 26.54 1.53 -24.57
N LEU A 472 27.78 1.05 -24.54
CA LEU A 472 28.36 0.38 -23.37
C LEU A 472 29.40 1.34 -22.81
N ARG A 473 28.97 2.21 -21.89
CA ARG A 473 29.84 3.30 -21.46
C ARG A 473 31.07 2.80 -20.73
N ASN A 474 30.96 1.70 -19.97
CA ASN A 474 32.10 1.20 -19.23
C ASN A 474 33.24 0.74 -20.11
N GLN A 475 33.01 0.56 -21.41
CA GLN A 475 34.04 0.11 -22.34
C GLN A 475 34.67 1.25 -23.13
N LEU A 476 34.28 2.49 -22.88
CA LEU A 476 34.78 3.60 -23.67
C LEU A 476 36.26 3.80 -23.54
N LYS A 477 36.81 3.58 -22.37
CA LYS A 477 38.20 3.96 -22.16
C LYS A 477 39.15 3.29 -23.15
N ASP A 478 38.80 2.12 -23.65
CA ASP A 478 39.54 1.53 -24.74
C ASP A 478 38.82 1.74 -26.06
N ALA A 479 39.47 2.13 -27.13
CA ALA A 479 40.77 2.73 -27.22
C ALA A 479 40.77 3.58 -28.48
N ARG A 480 41.62 4.61 -28.53
CA ARG A 480 41.39 5.85 -29.26
C ARG A 480 42.61 6.74 -29.33
N LYS A 481 42.49 7.89 -29.99
CA LYS A 481 43.49 8.99 -29.88
C LYS A 481 42.98 10.43 -29.54
N GLY A 482 43.78 11.18 -28.78
CA GLY A 482 43.33 12.44 -28.21
C GLY A 482 43.02 13.48 -29.28
N GLU A 483 42.00 14.28 -29.01
CA GLU A 483 41.55 15.32 -29.91
C GLU A 483 41.98 16.68 -29.37
N LEU A 484 42.77 17.41 -30.14
CA LEU A 484 43.31 18.69 -29.68
C LEU A 484 42.62 19.88 -30.32
CA LEU B 1 1.07 -12.82 -13.27
C LEU B 1 1.04 -11.35 -13.69
N THR B 2 2.05 -10.94 -14.44
CA THR B 2 2.17 -9.54 -14.80
C THR B 2 1.85 -9.24 -16.26
N GLU B 3 1.76 -10.27 -17.13
CA GLU B 3 1.47 -10.03 -18.54
C GLU B 3 0.52 -11.09 -19.11
N GLN B 4 -0.19 -10.70 -20.17
CA GLN B 4 -1.06 -11.56 -20.96
C GLN B 4 -0.73 -11.40 -22.42
N PRO B 5 -0.95 -12.44 -23.23
CA PRO B 5 -0.81 -12.27 -24.68
C PRO B 5 -1.73 -11.15 -25.11
N ASN B 6 -1.27 -10.36 -26.08
CA ASN B 6 -2.13 -9.33 -26.64
C ASN B 6 -3.47 -9.95 -27.01
N TRP B 7 -4.56 -9.32 -26.56
CA TRP B 7 -5.87 -9.96 -26.66
C TRP B 7 -6.29 -10.14 -28.11
N LEU B 8 -6.02 -9.14 -28.96
CA LEU B 8 -6.40 -9.25 -30.36
C LEU B 8 -5.59 -10.33 -31.03
N MET B 9 -4.30 -10.37 -30.74
CA MET B 9 -3.43 -11.41 -31.28
C MET B 9 -3.92 -12.80 -30.88
N GLN B 10 -4.17 -13.01 -29.58
CA GLN B 10 -4.61 -14.34 -29.16
C GLN B 10 -5.98 -14.66 -29.73
N ARG B 11 -6.89 -13.68 -29.77
CA ARG B 11 -8.23 -13.94 -30.29
C ARG B 11 -8.18 -14.32 -31.77
N ALA B 12 -7.30 -13.68 -32.54
CA ALA B 12 -7.16 -14.05 -33.95
C ALA B 12 -6.59 -15.45 -34.10
N GLN B 13 -5.77 -15.86 -33.14
CA GLN B 13 -5.19 -17.20 -33.16
C GLN B 13 -6.24 -18.27 -32.84
N LEU B 14 -7.17 -17.94 -31.95
CA LEU B 14 -8.17 -18.90 -31.50
C LEU B 14 -9.36 -18.99 -32.43
N THR B 15 -9.94 -17.84 -32.81
CA THR B 15 -11.14 -17.81 -33.64
C THR B 15 -10.95 -16.80 -34.78
N PRO B 16 -10.05 -17.09 -35.72
CA PRO B 16 -9.70 -16.10 -36.75
C PRO B 16 -10.86 -15.70 -37.63
N GLU B 17 -11.78 -16.62 -37.94
CA GLU B 17 -12.83 -16.30 -38.91
C GLU B 17 -14.12 -15.79 -38.27
N ARG B 18 -14.18 -15.75 -36.94
CA ARG B 18 -15.33 -15.12 -36.30
C ARG B 18 -15.31 -13.62 -36.59
N ILE B 19 -16.51 -13.04 -36.70
CA ILE B 19 -16.64 -11.63 -37.03
C ILE B 19 -16.30 -10.78 -35.81
N ALA B 20 -15.33 -9.87 -35.97
CA ALA B 20 -14.96 -8.93 -34.93
C ALA B 20 -15.80 -7.67 -34.96
N LEU B 21 -16.05 -7.17 -36.17
CA LEU B 21 -16.59 -5.82 -36.31
C LEU B 21 -17.51 -5.81 -37.52
N ILE B 22 -18.69 -5.22 -37.35
CA ILE B 22 -19.61 -4.95 -38.44
C ILE B 22 -19.80 -3.44 -38.46
N TYR B 23 -19.38 -2.80 -39.54
CA TYR B 23 -19.46 -1.34 -39.67
C TYR B 23 -19.89 -1.01 -41.09
N GLU B 24 -21.01 -0.28 -41.23
CA GLU B 24 -21.61 -0.02 -42.54
C GLU B 24 -21.71 -1.32 -43.32
N ASP B 25 -21.03 -1.38 -44.47
CA ASP B 25 -21.05 -2.57 -45.33
C ASP B 25 -19.81 -3.44 -45.13
N GLN B 26 -19.04 -3.22 -44.07
CA GLN B 26 -17.85 -4.01 -43.80
C GLN B 26 -18.14 -5.06 -42.74
N THR B 27 -17.68 -6.28 -42.99
CA THR B 27 -17.53 -7.28 -41.94
C THR B 27 -16.05 -7.57 -41.82
N VAL B 28 -15.52 -7.47 -40.61
CA VAL B 28 -14.10 -7.66 -40.34
C VAL B 28 -13.96 -8.84 -39.38
N THR B 29 -13.28 -9.90 -39.82
CA THR B 29 -13.00 -11.01 -38.93
C THR B 29 -11.91 -10.63 -37.93
N PHE B 30 -11.72 -11.46 -36.89
CA PHE B 30 -10.62 -11.20 -35.97
C PHE B 30 -9.27 -11.32 -36.68
N ALA B 31 -9.14 -12.27 -37.62
CA ALA B 31 -7.90 -12.34 -38.40
C ALA B 31 -7.68 -11.04 -39.17
N GLU B 32 -8.72 -10.53 -39.82
CA GLU B 32 -8.57 -9.30 -40.59
C GLU B 32 -8.28 -8.11 -39.70
N LEU B 33 -8.87 -8.09 -38.50
CA LEU B 33 -8.67 -6.99 -37.56
C LEU B 33 -7.24 -6.99 -37.03
N PHE B 34 -6.71 -8.17 -36.70
CA PHE B 34 -5.30 -8.22 -36.32
C PHE B 34 -4.42 -7.75 -37.47
N ALA B 35 -4.71 -8.20 -38.68
CA ALA B 35 -3.86 -7.85 -39.82
C ALA B 35 -3.90 -6.35 -40.08
N ALA B 36 -5.08 -5.73 -40.00
CA ALA B 36 -5.22 -4.30 -40.24
C ALA B 36 -4.55 -3.49 -39.13
N SER B 37 -4.67 -3.93 -37.88
CA SER B 37 -4.05 -3.22 -36.76
C SER B 37 -2.54 -3.34 -36.80
N LYS B 38 -2.03 -4.52 -37.20
CA LYS B 38 -0.60 -4.68 -37.38
C LYS B 38 -0.09 -3.79 -38.50
N ARG B 39 -0.80 -3.76 -39.62
CA ARG B 39 -0.36 -2.92 -40.73
C ARG B 39 -0.34 -1.45 -40.31
N MET B 40 -1.37 -1.01 -39.59
CA MET B 40 -1.39 0.39 -39.15
C MET B 40 -0.26 0.67 -38.17
N ALA B 41 0.07 -0.30 -37.29
CA ALA B 41 1.20 -0.13 -36.38
C ALA B 41 2.51 0.03 -37.15
N GLU B 42 2.70 -0.78 -38.21
CA GLU B 42 3.88 -0.62 -39.06
C GLU B 42 3.94 0.77 -39.66
N GLN B 43 2.80 1.30 -40.12
CA GLN B 43 2.80 2.61 -40.76
C GLN B 43 3.03 3.72 -39.74
N LEU B 44 2.51 3.57 -38.52
CA LEU B 44 2.81 4.52 -37.47
C LEU B 44 4.29 4.50 -37.12
N ALA B 45 4.86 3.29 -37.01
CA ALA B 45 6.30 3.18 -36.72
C ALA B 45 7.13 3.88 -37.78
N ALA B 46 6.65 3.89 -39.02
CA ALA B 46 7.38 4.58 -40.07
C ALA B 46 7.30 6.10 -39.92
N HIS B 47 6.30 6.61 -39.22
CA HIS B 47 6.22 8.03 -38.89
C HIS B 47 6.92 8.35 -37.57
N SER B 48 7.73 7.42 -37.06
CA SER B 48 8.58 7.55 -35.88
C SER B 48 7.82 7.43 -34.57
N VAL B 49 6.61 6.88 -34.60
CA VAL B 49 5.94 6.53 -33.36
C VAL B 49 6.68 5.35 -32.74
N ARG B 50 6.98 5.43 -31.44
CA ARG B 50 7.82 4.45 -30.77
C ARG B 50 7.19 4.00 -29.45
N LYS B 51 7.57 2.79 -29.02
CA LYS B 51 7.14 2.29 -27.72
C LYS B 51 7.45 3.30 -26.63
N GLY B 52 6.45 3.54 -25.77
CA GLY B 52 6.57 4.54 -24.74
C GLY B 52 6.01 5.91 -25.09
N ASP B 53 5.76 6.17 -26.37
CA ASP B 53 5.11 7.40 -26.79
C ASP B 53 3.64 7.40 -26.39
N THR B 54 3.03 8.58 -26.48
CA THR B 54 1.60 8.77 -26.29
C THR B 54 1.02 9.33 -27.58
N ALA B 55 -0.06 8.72 -28.07
CA ALA B 55 -0.71 9.16 -29.30
C ALA B 55 -2.17 9.46 -29.00
N ALA B 56 -2.65 10.61 -29.45
CA ALA B 56 -4.05 10.94 -29.28
C ALA B 56 -4.83 10.54 -30.53
N ILE B 57 -6.08 10.12 -30.33
CA ILE B 57 -6.95 9.73 -31.43
C ILE B 57 -8.13 10.68 -31.45
N LEU B 58 -8.41 11.24 -32.63
CA LEU B 58 -9.52 12.18 -32.80
C LEU B 58 -10.31 11.69 -34.01
N LEU B 59 -11.30 10.82 -33.77
CA LEU B 59 -12.03 10.20 -34.85
C LEU B 59 -13.46 9.94 -34.40
N GLN B 60 -14.39 10.02 -35.35
CA GLN B 60 -15.70 9.49 -35.08
C GLN B 60 -15.65 7.97 -35.20
N ASN B 61 -16.72 7.30 -34.75
CA ASN B 61 -16.74 5.84 -34.83
C ASN B 61 -16.58 5.39 -36.27
N ARG B 62 -15.51 4.63 -36.54
CA ARG B 62 -15.17 4.07 -37.86
C ARG B 62 -14.34 2.82 -37.61
N ALA B 63 -14.23 1.95 -38.61
CA ALA B 63 -13.35 0.79 -38.45
C ALA B 63 -11.92 1.24 -38.19
N GLU B 64 -11.49 2.32 -38.84
CA GLU B 64 -10.12 2.81 -38.72
C GLU B 64 -9.82 3.23 -37.29
N MET B 65 -10.83 3.70 -36.55
CA MET B 65 -10.61 4.03 -35.14
C MET B 65 -10.31 2.78 -34.32
N VAL B 66 -11.02 1.70 -34.61
CA VAL B 66 -10.72 0.43 -33.95
C VAL B 66 -9.32 -0.04 -34.28
N TYR B 67 -8.92 0.04 -35.56
CA TYR B 67 -7.55 -0.31 -35.93
C TYR B 67 -6.54 0.55 -35.15
N ALA B 68 -6.82 1.84 -34.99
CA ALA B 68 -5.85 2.75 -34.37
C ALA B 68 -5.63 2.39 -32.92
N VAL B 69 -6.69 2.08 -32.19
CA VAL B 69 -6.53 1.73 -30.78
C VAL B 69 -5.70 0.47 -30.67
N HIS B 70 -6.03 -0.54 -31.47
CA HIS B 70 -5.25 -1.78 -31.43
C HIS B 70 -3.83 -1.59 -31.91
N ALA B 71 -3.61 -0.71 -32.91
CA ALA B 71 -2.25 -0.45 -33.38
C ALA B 71 -1.39 0.13 -32.27
N CYS B 72 -1.95 1.08 -31.51
CA CYS B 72 -1.22 1.64 -30.37
C CYS B 72 -0.81 0.55 -29.40
N PHE B 73 -1.74 -0.36 -29.07
CA PHE B 73 -1.39 -1.46 -28.17
C PHE B 73 -0.22 -2.27 -28.74
N LEU B 74 -0.28 -2.59 -30.04
CA LEU B 74 0.75 -3.42 -30.65
C LEU B 74 2.09 -2.70 -30.72
N LEU B 75 2.10 -1.37 -30.60
CA LEU B 75 3.34 -0.60 -30.58
C LEU B 75 3.82 -0.28 -29.17
N GLY B 76 3.01 -0.53 -28.15
CA GLY B 76 3.38 -0.10 -26.81
C GLY B 76 3.20 1.40 -26.60
N VAL B 77 2.21 1.98 -27.27
CA VAL B 77 1.94 3.42 -27.24
C VAL B 77 0.65 3.65 -26.46
N LYS B 78 0.70 4.54 -25.46
CA LYS B 78 -0.54 4.93 -24.77
C LYS B 78 -1.45 5.69 -25.72
N ALA B 79 -2.74 5.36 -25.71
CA ALA B 79 -3.72 5.97 -26.59
C ALA B 79 -4.61 6.93 -25.79
N VAL B 80 -4.63 8.20 -26.19
CA VAL B 80 -5.50 9.22 -25.60
C VAL B 80 -6.71 9.36 -26.49
N LEU B 81 -7.91 9.07 -25.96
CA LEU B 81 -9.12 9.11 -26.75
C LEU B 81 -9.73 10.50 -26.60
N LEU B 82 -9.82 11.24 -27.70
CA LEU B 82 -10.29 12.63 -27.63
C LEU B 82 -11.76 12.73 -28.04
N ASN B 83 -12.53 13.45 -27.25
CA ASN B 83 -13.94 13.75 -27.52
C ASN B 83 -14.05 14.67 -28.74
N THR B 84 -14.73 14.21 -29.79
CA THR B 84 -14.73 14.94 -31.05
C THR B 84 -15.58 16.20 -31.01
N LYS B 85 -16.40 16.37 -29.97
CA LYS B 85 -17.23 17.55 -29.84
C LYS B 85 -16.51 18.71 -29.17
N LEU B 86 -15.34 18.46 -28.59
CA LEU B 86 -14.57 19.51 -27.94
C LEU B 86 -14.17 20.58 -28.94
N SER B 87 -14.08 21.82 -28.45
CA SER B 87 -13.49 22.89 -29.23
C SER B 87 -12.00 22.60 -29.45
N THR B 88 -11.44 23.28 -30.46
CA THR B 88 -9.99 23.22 -30.66
C THR B 88 -9.26 23.62 -29.38
N HIS B 89 -9.77 24.64 -28.69
CA HIS B 89 -9.19 25.07 -27.42
C HIS B 89 -9.12 23.94 -26.40
N GLU B 90 -10.24 23.22 -26.20
CA GLU B 90 -10.25 22.12 -25.23
C GLU B 90 -9.35 20.98 -25.67
N ARG B 91 -9.29 20.70 -26.98
CA ARG B 91 -8.42 19.63 -27.45
C ARG B 91 -6.95 19.97 -27.26
N LEU B 92 -6.57 21.23 -27.50
CA LEU B 92 -5.18 21.63 -27.32
C LEU B 92 -4.74 21.44 -25.87
N PHE B 93 -5.61 21.77 -24.91
CA PHE B 93 -5.27 21.52 -23.51
C PHE B 93 -4.97 20.05 -23.28
N GLN B 94 -5.82 19.17 -23.79
CA GLN B 94 -5.64 17.75 -23.52
C GLN B 94 -4.43 17.18 -24.25
N LEU B 95 -4.17 17.68 -25.47
CA LEU B 95 -2.98 17.25 -26.20
C LEU B 95 -1.71 17.60 -25.43
N GLU B 96 -1.65 18.83 -24.91
CA GLU B 96 -0.48 19.25 -24.16
C GLU B 96 -0.40 18.55 -22.81
N ASP B 97 -1.52 18.52 -22.08
CA ASP B 97 -1.52 17.95 -20.73
C ASP B 97 -1.15 16.47 -20.75
N SER B 98 -1.57 15.74 -21.78
CA SER B 98 -1.36 14.30 -21.85
C SER B 98 0.05 13.90 -22.26
N GLY B 99 0.87 14.86 -22.70
CA GLY B 99 2.17 14.54 -23.26
C GLY B 99 2.11 13.83 -24.59
N SER B 100 1.02 14.00 -25.33
CA SER B 100 0.88 13.36 -26.63
C SER B 100 1.96 13.88 -27.58
N GLY B 101 2.57 12.96 -28.33
CA GLY B 101 3.53 13.35 -29.33
C GLY B 101 2.92 13.35 -30.72
N PHE B 102 1.76 12.71 -30.84
CA PHE B 102 1.12 12.48 -32.14
C PHE B 102 -0.38 12.63 -32.01
N LEU B 103 -1.02 12.99 -33.13
CA LEU B 103 -2.47 13.03 -33.22
C LEU B 103 -2.91 12.27 -34.46
N LEU B 104 -3.70 11.21 -34.25
CA LEU B 104 -4.23 10.42 -35.35
C LEU B 104 -5.66 10.87 -35.59
N THR B 105 -5.93 11.42 -36.77
CA THR B 105 -7.26 11.93 -37.06
C THR B 105 -7.55 11.69 -38.54
N ASP B 106 -8.54 12.39 -39.11
CA ASP B 106 -8.85 12.26 -40.52
C ASP B 106 -9.27 13.61 -41.08
N SER B 107 -9.61 13.63 -42.38
CA SER B 107 -9.81 14.88 -43.10
C SER B 107 -11.15 15.54 -42.78
N SER B 108 -11.99 14.92 -41.97
CA SER B 108 -13.16 15.62 -41.48
C SER B 108 -12.81 16.58 -40.34
N PHE B 109 -11.60 16.49 -39.80
CA PHE B 109 -11.09 17.43 -38.81
C PHE B 109 -10.01 18.31 -39.42
N GLU B 110 -9.79 19.49 -38.82
CA GLU B 110 -8.81 20.45 -39.33
C GLU B 110 -7.49 20.22 -38.62
N LYS B 111 -6.68 19.31 -39.16
CA LYS B 111 -5.47 18.84 -38.48
C LYS B 111 -4.44 19.95 -38.30
N LYS B 112 -4.43 20.95 -39.18
CA LYS B 112 -3.40 21.99 -39.12
C LYS B 112 -3.45 22.79 -37.83
N GLU B 113 -4.58 22.81 -37.14
CA GLU B 113 -4.68 23.56 -35.89
C GLU B 113 -3.84 22.97 -34.77
N TYR B 114 -3.37 21.73 -34.91
CA TYR B 114 -2.64 21.07 -33.83
C TYR B 114 -1.17 20.86 -34.15
N GLU B 115 -0.71 21.25 -35.34
CA GLU B 115 0.63 20.91 -35.81
C GLU B 115 1.72 21.51 -34.94
N HIS B 116 1.45 22.61 -34.25
CA HIS B 116 2.46 23.26 -33.42
C HIS B 116 2.68 22.53 -32.09
N ILE B 117 1.82 21.58 -31.73
CA ILE B 117 1.94 20.85 -30.48
C ILE B 117 2.30 19.39 -30.72
N VAL B 118 1.74 18.77 -31.76
CA VAL B 118 1.92 17.35 -32.04
C VAL B 118 2.16 17.16 -33.53
N GLN B 119 2.78 16.02 -33.86
CA GLN B 119 2.81 15.56 -35.24
C GLN B 119 1.45 14.97 -35.60
N THR B 120 0.82 15.50 -36.65
CA THR B 120 -0.52 15.07 -37.00
C THR B 120 -0.47 14.07 -38.14
N ILE B 121 -1.30 13.04 -38.05
CA ILE B 121 -1.31 11.93 -38.99
C ILE B 121 -2.75 11.71 -39.43
N ASP B 122 -2.97 11.73 -40.75
CA ASP B 122 -4.27 11.40 -41.31
C ASP B 122 -4.34 9.88 -41.50
N VAL B 123 -5.28 9.23 -40.83
CA VAL B 123 -5.33 7.76 -40.84
CA VAL B 123 -5.30 7.76 -40.84
C VAL B 123 -5.62 7.24 -42.24
N ASP B 124 -6.39 7.97 -43.04
CA ASP B 124 -6.70 7.48 -44.38
C ASP B 124 -5.50 7.55 -45.30
N GLU B 125 -4.73 8.64 -45.20
CA GLU B 125 -3.47 8.72 -45.92
C GLU B 125 -2.47 7.72 -45.39
N LEU B 126 -2.41 7.58 -44.06
CA LEU B 126 -1.48 6.64 -43.43
C LEU B 126 -1.62 5.24 -44.01
N MET B 127 -2.86 4.78 -44.20
CA MET B 127 -3.11 3.41 -44.63
C MET B 127 -2.71 3.15 -46.07
N LYS B 128 -2.50 4.19 -46.87
CA LYS B 128 -2.03 4.00 -48.24
C LYS B 128 -0.52 3.81 -48.33
N GLU B 129 0.21 4.01 -47.23
CA GLU B 129 1.66 4.13 -47.29
C GLU B 129 2.35 2.78 -47.16
N ALA B 130 3.51 2.68 -47.80
CA ALA B 130 4.37 1.53 -47.62
C ALA B 130 5.14 1.67 -46.32
N ALA B 131 5.36 0.55 -45.63
CA ALA B 131 6.08 0.58 -44.37
C ALA B 131 6.69 -0.79 -44.11
N GLU B 132 7.90 -0.79 -43.54
CA GLU B 132 8.57 -2.05 -43.22
C GLU B 132 7.83 -2.79 -42.11
N GLU B 133 8.03 -4.10 -42.08
CA GLU B 133 7.47 -4.89 -41.01
C GLU B 133 8.19 -4.61 -39.70
N ILE B 134 7.46 -4.72 -38.60
CA ILE B 134 7.99 -4.48 -37.27
C ILE B 134 7.72 -5.71 -36.41
N GLU B 135 8.42 -5.75 -35.27
CA GLU B 135 8.13 -6.69 -34.20
C GLU B 135 7.08 -6.04 -33.31
N ILE B 136 5.92 -6.68 -33.20
CA ILE B 136 4.86 -6.11 -32.37
C ILE B 136 5.12 -6.46 -30.91
N GLU B 137 4.45 -5.71 -30.04
CA GLU B 137 4.37 -6.05 -28.62
C GLU B 137 3.40 -7.20 -28.48
N ALA B 138 3.95 -8.41 -28.35
CA ALA B 138 3.12 -9.60 -28.28
C ALA B 138 2.41 -9.76 -26.93
N TYR B 139 2.84 -9.03 -25.91
CA TYR B 139 2.24 -9.11 -24.58
C TYR B 139 1.72 -7.75 -24.13
N MET B 140 0.64 -7.79 -23.36
CA MET B 140 0.13 -6.64 -22.65
C MET B 140 0.56 -6.74 -21.19
N GLN B 141 1.23 -5.72 -20.69
CA GLN B 141 1.58 -5.69 -19.26
C GLN B 141 0.36 -5.22 -18.48
N MET B 142 -0.03 -6.00 -17.47
CA MET B 142 -1.33 -5.77 -16.81
C MET B 142 -1.37 -4.40 -16.14
N ASP B 143 -0.26 -3.97 -15.55
CA ASP B 143 -0.27 -2.69 -14.85
C ASP B 143 0.17 -1.52 -15.73
N ALA B 144 0.41 -1.74 -17.02
CA ALA B 144 0.75 -0.64 -17.91
C ALA B 144 -0.50 0.15 -18.31
N THR B 145 -0.35 1.46 -18.41
CA THR B 145 -1.43 2.30 -18.90
C THR B 145 -1.69 2.02 -20.39
N ALA B 146 -2.94 1.69 -20.71
CA ALA B 146 -3.32 1.43 -22.10
C ALA B 146 -3.94 2.63 -22.76
N THR B 147 -4.85 3.30 -22.05
CA THR B 147 -5.66 4.38 -22.61
C THR B 147 -5.78 5.47 -21.55
N LEU B 148 -5.97 6.69 -22.03
CA LEU B 148 -6.18 7.86 -21.21
C LEU B 148 -7.46 8.52 -21.70
N MET B 149 -8.35 8.86 -20.77
CA MET B 149 -9.60 9.52 -21.12
C MET B 149 -9.79 10.66 -20.14
N TYR B 150 -10.22 11.82 -20.64
CA TYR B 150 -10.34 13.01 -19.81
C TYR B 150 -11.75 13.15 -19.24
N THR B 151 -11.82 13.47 -17.95
CA THR B 151 -13.10 13.60 -17.27
C THR B 151 -12.86 14.41 -16.01
N SER B 152 -13.92 14.57 -15.21
CA SER B 152 -13.79 15.06 -13.84
CA SER B 152 -13.83 15.07 -13.84
C SER B 152 -13.15 16.44 -13.79
N GLY B 153 -13.72 17.38 -14.56
CA GLY B 153 -13.24 18.75 -14.57
C GLY B 153 -13.73 19.60 -13.41
N THR B 154 -13.78 19.03 -12.21
CA THR B 154 -14.34 19.74 -11.06
C THR B 154 -13.47 20.90 -10.60
N THR B 155 -12.21 20.98 -11.01
CA THR B 155 -11.41 22.15 -10.69
C THR B 155 -11.40 23.19 -11.79
N GLY B 156 -12.07 22.93 -12.91
CA GLY B 156 -12.09 23.82 -14.06
C GLY B 156 -11.35 23.27 -15.27
N LYS B 157 -10.48 22.28 -15.08
CA LYS B 157 -9.80 21.60 -16.18
C LYS B 157 -9.98 20.11 -15.97
N PRO B 158 -10.20 19.34 -17.03
CA PRO B 158 -10.37 17.88 -16.87
C PRO B 158 -9.05 17.20 -16.50
N LYS B 159 -9.20 15.97 -16.04
CA LYS B 159 -8.09 15.12 -15.61
C LYS B 159 -8.04 13.89 -16.51
N GLY B 160 -6.83 13.45 -16.85
CA GLY B 160 -6.68 12.26 -17.65
C GLY B 160 -6.67 11.00 -16.82
N VAL B 161 -7.65 10.13 -17.03
CA VAL B 161 -7.74 8.87 -16.28
C VAL B 161 -6.87 7.84 -16.99
N GLN B 162 -5.92 7.26 -16.24
CA GLN B 162 -5.01 6.24 -16.76
C GLN B 162 -5.64 4.87 -16.52
N GLN B 163 -6.05 4.22 -17.61
CA GLN B 163 -6.73 2.94 -17.58
C GLN B 163 -5.75 1.89 -18.07
N THR B 164 -5.50 0.88 -17.24
CA THR B 164 -4.50 -0.13 -17.57
C THR B 164 -5.10 -1.28 -18.37
N PHE B 165 -4.22 -2.09 -18.96
CA PHE B 165 -4.71 -3.30 -19.61
C PHE B 165 -5.43 -4.19 -18.62
N GLY B 166 -4.90 -4.31 -17.41
CA GLY B 166 -5.59 -5.07 -16.37
C GLY B 166 -6.96 -4.53 -16.05
N ASN B 167 -7.09 -3.20 -16.00
CA ASN B 167 -8.39 -2.59 -15.71
C ASN B 167 -9.41 -3.03 -16.74
N HIS B 168 -9.04 -2.98 -18.03
CA HIS B 168 -9.98 -3.33 -19.08
C HIS B 168 -10.29 -4.81 -19.06
N TYR B 169 -9.28 -5.65 -18.80
CA TYR B 169 -9.51 -7.09 -18.71
C TYR B 169 -10.50 -7.41 -17.60
N PHE B 170 -10.29 -6.86 -16.40
CA PHE B 170 -11.18 -7.19 -15.30
C PHE B 170 -12.58 -6.60 -15.49
N SER B 171 -12.68 -5.41 -16.09
CA SER B 171 -14.00 -4.90 -16.45
C SER B 171 -14.74 -5.89 -17.32
N ALA B 172 -14.09 -6.37 -18.38
CA ALA B 172 -14.73 -7.32 -19.29
C ALA B 172 -15.10 -8.63 -18.59
N VAL B 173 -14.17 -9.18 -17.80
CA VAL B 173 -14.44 -10.45 -17.12
C VAL B 173 -15.56 -10.31 -16.09
N SER B 174 -15.51 -9.25 -15.28
CA SER B 174 -16.55 -9.08 -14.27
C SER B 174 -17.92 -8.87 -14.91
N SER B 175 -17.98 -8.14 -16.03
CA SER B 175 -19.26 -7.98 -16.70
C SER B 175 -19.78 -9.31 -17.23
N ALA B 176 -18.89 -10.14 -17.76
CA ALA B 176 -19.32 -11.45 -18.26
C ALA B 176 -19.84 -12.33 -17.13
N LEU B 177 -19.19 -12.29 -15.96
CA LEU B 177 -19.67 -13.10 -14.85
C LEU B 177 -21.06 -12.65 -14.41
N ASN B 178 -21.38 -11.39 -14.64
CA ASN B 178 -22.68 -10.86 -14.23
C ASN B 178 -23.76 -11.18 -15.26
N LEU B 179 -23.48 -10.88 -16.54
CA LEU B 179 -24.48 -10.98 -17.58
C LEU B 179 -24.57 -12.37 -18.20
N GLY B 180 -23.56 -13.20 -17.99
CA GLY B 180 -23.38 -14.42 -18.76
C GLY B 180 -22.77 -14.13 -20.12
N ILE B 181 -22.22 -15.17 -20.74
CA ILE B 181 -21.66 -15.05 -22.09
C ILE B 181 -21.97 -16.31 -22.86
N THR B 182 -22.29 -16.16 -24.14
CA THR B 182 -22.52 -17.31 -25.01
C THR B 182 -22.07 -16.91 -26.41
N GLU B 183 -21.74 -17.92 -27.25
CA GLU B 183 -21.21 -17.64 -28.58
C GLU B 183 -22.13 -16.79 -29.44
N GLN B 184 -23.44 -16.80 -29.17
CA GLN B 184 -24.41 -16.09 -29.99
C GLN B 184 -24.43 -14.60 -29.71
N ASP B 185 -23.77 -14.15 -28.66
CA ASP B 185 -23.87 -12.76 -28.28
C ASP B 185 -23.19 -11.86 -29.31
N ARG B 186 -23.84 -10.73 -29.60
CA ARG B 186 -23.29 -9.67 -30.41
C ARG B 186 -23.71 -8.37 -29.76
N TRP B 187 -22.78 -7.41 -29.69
CA TRP B 187 -23.01 -6.16 -28.97
C TRP B 187 -23.04 -5.01 -29.97
N LEU B 188 -24.06 -4.14 -29.87
CA LEU B 188 -24.16 -2.99 -30.75
C LEU B 188 -23.73 -1.74 -30.00
N ILE B 189 -22.85 -0.95 -30.62
CA ILE B 189 -22.31 0.27 -30.04
C ILE B 189 -22.67 1.44 -30.95
N ALA B 190 -23.55 2.32 -30.46
CA ALA B 190 -23.94 3.53 -31.17
C ALA B 190 -23.69 4.77 -30.32
N LEU B 191 -22.87 4.64 -29.31
CA LEU B 191 -22.20 5.48 -28.34
C LEU B 191 -20.79 5.77 -28.81
N PRO B 192 -20.20 6.90 -28.40
CA PRO B 192 -18.84 7.24 -28.87
C PRO B 192 -17.79 6.27 -28.33
N LEU B 193 -16.88 5.88 -29.22
CA LEU B 193 -15.75 5.06 -28.80
C LEU B 193 -14.75 5.84 -27.96
N PHE B 194 -14.86 7.17 -27.91
CA PHE B 194 -13.95 7.89 -27.04
C PHE B 194 -14.44 7.98 -25.60
N HIS B 195 -15.67 7.53 -25.32
CA HIS B 195 -16.09 7.25 -23.96
C HIS B 195 -15.86 5.77 -23.65
N ILE B 196 -15.74 5.44 -22.36
CA ILE B 196 -15.49 4.03 -22.04
C ILE B 196 -16.74 3.19 -22.26
N SER B 197 -17.93 3.80 -22.20
CA SER B 197 -19.16 3.12 -22.63
C SER B 197 -18.99 2.44 -23.99
N GLY B 198 -18.40 3.15 -24.94
CA GLY B 198 -18.17 2.56 -26.25
C GLY B 198 -16.89 1.75 -26.30
N LEU B 199 -15.80 2.33 -25.81
CA LEU B 199 -14.49 1.71 -25.98
C LEU B 199 -14.43 0.34 -25.32
N SER B 200 -15.07 0.18 -24.15
CA SER B 200 -15.00 -1.09 -23.43
C SER B 200 -15.51 -2.27 -24.25
N ALA B 201 -16.47 -2.04 -25.17
CA ALA B 201 -16.97 -3.10 -26.02
C ALA B 201 -15.87 -3.68 -26.93
N LEU B 202 -14.89 -2.87 -27.32
CA LEU B 202 -13.79 -3.39 -28.14
C LEU B 202 -12.95 -4.39 -27.37
N PHE B 203 -12.82 -4.20 -26.06
CA PHE B 203 -12.07 -5.12 -25.24
C PHE B 203 -12.89 -6.37 -24.93
N LYS B 204 -14.17 -6.19 -24.60
CA LYS B 204 -15.09 -7.34 -24.55
C LYS B 204 -14.99 -8.16 -25.82
N SER B 205 -14.99 -7.48 -26.99
CA SER B 205 -14.99 -8.19 -28.27
C SER B 205 -13.81 -9.15 -28.35
N VAL B 206 -12.59 -8.67 -28.06
CA VAL B 206 -11.46 -9.59 -28.28
C VAL B 206 -11.32 -10.60 -27.15
N ILE B 207 -11.68 -10.24 -25.91
CA ILE B 207 -11.53 -11.20 -24.81
C ILE B 207 -12.59 -12.29 -24.89
N TYR B 208 -13.83 -11.93 -25.18
CA TYR B 208 -14.91 -12.90 -25.35
C TYR B 208 -14.88 -13.62 -26.70
N GLY B 209 -14.36 -12.97 -27.74
CA GLY B 209 -14.60 -13.38 -29.11
C GLY B 209 -16.04 -13.08 -29.53
N MET B 210 -16.44 -11.82 -29.37
CA MET B 210 -17.79 -11.37 -29.59
C MET B 210 -17.80 -10.27 -30.64
N THR B 211 -18.70 -10.39 -31.61
CA THR B 211 -18.85 -9.36 -32.64
C THR B 211 -19.38 -8.06 -32.05
N VAL B 212 -18.78 -6.94 -32.46
CA VAL B 212 -19.34 -5.61 -32.20
C VAL B 212 -19.91 -5.05 -33.48
N VAL B 213 -21.17 -4.61 -33.40
CA VAL B 213 -21.84 -3.91 -34.49
C VAL B 213 -21.72 -2.41 -34.20
N LEU B 214 -20.96 -1.70 -35.02
CA LEU B 214 -20.55 -0.33 -34.72
C LEU B 214 -21.32 0.67 -35.58
N HIS B 215 -21.94 1.65 -34.95
CA HIS B 215 -22.63 2.74 -35.64
C HIS B 215 -21.92 4.05 -35.34
N GLN B 216 -21.89 4.95 -36.33
CA GLN B 216 -21.22 6.23 -36.08
C GLN B 216 -22.10 7.22 -35.35
N ARG B 217 -23.42 7.04 -35.39
CA ARG B 217 -24.34 7.90 -34.68
C ARG B 217 -25.49 7.04 -34.19
N PHE B 218 -26.33 7.59 -33.32
CA PHE B 218 -27.49 6.87 -32.83
C PHE B 218 -28.72 7.35 -33.60
N SER B 219 -29.16 6.54 -34.54
CA SER B 219 -30.42 6.74 -35.23
C SER B 219 -31.28 5.54 -34.87
N VAL B 220 -32.49 5.79 -34.39
CA VAL B 220 -33.30 4.69 -33.84
C VAL B 220 -33.67 3.68 -34.92
N SER B 221 -34.07 4.15 -36.10
CA SER B 221 -34.48 3.22 -37.15
C SER B 221 -33.29 2.46 -37.74
N ASP B 222 -32.12 3.11 -37.86
CA ASP B 222 -30.93 2.38 -38.25
C ASP B 222 -30.54 1.34 -37.20
N VAL B 223 -30.67 1.70 -35.92
CA VAL B 223 -30.33 0.76 -34.85
C VAL B 223 -31.29 -0.42 -34.84
N LEU B 224 -32.59 -0.17 -35.04
CA LEU B 224 -33.53 -1.30 -35.02
C LEU B 224 -33.30 -2.22 -36.20
N HIS B 225 -33.08 -1.65 -37.39
CA HIS B 225 -32.76 -2.46 -38.56
C HIS B 225 -31.49 -3.27 -38.34
N SER B 226 -30.45 -2.61 -37.83
CA SER B 226 -29.19 -3.28 -37.56
C SER B 226 -29.35 -4.42 -36.57
N ILE B 227 -30.12 -4.18 -35.50
CA ILE B 227 -30.33 -5.22 -34.50
C ILE B 227 -30.93 -6.46 -35.14
N ASN B 228 -31.99 -6.28 -35.95
CA ASN B 228 -32.63 -7.44 -36.55
C ASN B 228 -31.79 -8.02 -37.67
N ARG B 229 -31.09 -7.17 -38.43
CA ARG B 229 -30.23 -7.67 -39.52
C ARG B 229 -29.12 -8.56 -38.99
N HIS B 230 -28.51 -8.19 -37.87
CA HIS B 230 -27.30 -8.85 -37.41
C HIS B 230 -27.51 -9.67 -36.14
N GLU B 231 -28.76 -9.83 -35.69
CA GLU B 231 -29.10 -10.62 -34.50
C GLU B 231 -28.31 -10.15 -33.29
N VAL B 232 -28.37 -8.83 -33.05
CA VAL B 232 -27.72 -8.24 -31.89
C VAL B 232 -28.44 -8.69 -30.62
N THR B 233 -27.65 -9.05 -29.60
CA THR B 233 -28.23 -9.47 -28.33
C THR B 233 -27.97 -8.50 -27.19
N MET B 234 -26.99 -7.61 -27.35
CA MET B 234 -26.59 -6.68 -26.29
C MET B 234 -26.46 -5.29 -26.89
N ILE B 235 -26.84 -4.28 -26.11
CA ILE B 235 -26.71 -2.90 -26.56
C ILE B 235 -26.49 -2.02 -25.34
N SER B 236 -25.61 -1.03 -25.50
CA SER B 236 -25.36 -0.03 -24.47
C SER B 236 -26.11 1.25 -24.78
N ALA B 237 -26.62 1.91 -23.74
CA ALA B 237 -27.37 3.14 -23.95
C ALA B 237 -27.24 4.06 -22.76
N VAL B 238 -27.49 5.35 -23.00
CA VAL B 238 -27.80 6.29 -21.96
C VAL B 238 -29.30 6.55 -22.00
N GLN B 239 -29.83 7.19 -20.96
CA GLN B 239 -31.27 7.23 -20.82
C GLN B 239 -31.94 7.97 -21.97
N THR B 240 -31.29 9.01 -22.51
CA THR B 240 -31.88 9.72 -23.65
C THR B 240 -32.08 8.77 -24.84
N MET B 241 -31.11 7.88 -25.08
CA MET B 241 -31.23 6.90 -26.15
C MET B 241 -32.37 5.91 -25.89
N LEU B 242 -32.47 5.41 -24.66
CA LEU B 242 -33.54 4.49 -24.32
C LEU B 242 -34.90 5.16 -24.50
N ALA B 243 -35.01 6.44 -24.12
CA ALA B 243 -36.26 7.17 -24.32
C ALA B 243 -36.59 7.29 -25.81
N SER B 244 -35.60 7.57 -26.64
CA SER B 244 -35.83 7.65 -28.09
C SER B 244 -36.28 6.29 -28.62
N LEU B 245 -35.72 5.21 -28.09
CA LEU B 245 -36.11 3.88 -28.52
C LEU B 245 -37.58 3.61 -28.21
N LEU B 246 -38.01 3.93 -27.00
CA LEU B 246 -39.40 3.70 -26.61
C LEU B 246 -40.36 4.55 -27.43
N GLU B 247 -39.93 5.73 -27.86
CA GLU B 247 -40.80 6.59 -28.64
C GLU B 247 -41.06 6.02 -30.03
N GLU B 248 -40.21 5.11 -30.51
CA GLU B 248 -40.34 4.58 -31.85
C GLU B 248 -40.80 3.12 -31.91
N THR B 249 -40.88 2.43 -30.77
CA THR B 249 -41.37 1.06 -30.77
C THR B 249 -41.80 0.67 -29.37
N ASN B 250 -42.88 -0.09 -29.28
CA ASN B 250 -43.39 -0.58 -28.00
C ASN B 250 -42.91 -1.99 -27.68
N ARG B 251 -42.24 -2.66 -28.63
CA ARG B 251 -41.75 -4.00 -28.44
C ARG B 251 -40.23 -4.01 -28.60
N CYS B 252 -39.58 -4.73 -27.72
CA CYS B 252 -38.14 -4.86 -27.83
C CYS B 252 -37.79 -5.96 -28.83
N PRO B 253 -36.86 -5.72 -29.76
CA PRO B 253 -36.43 -6.78 -30.67
C PRO B 253 -36.09 -8.07 -29.92
N GLU B 254 -36.55 -9.19 -30.47
CA GLU B 254 -36.53 -10.44 -29.71
C GLU B 254 -35.11 -10.91 -29.38
N SER B 255 -34.14 -10.61 -30.25
CA SER B 255 -32.77 -11.05 -30.01
C SER B 255 -32.12 -10.30 -28.84
N ILE B 256 -32.63 -9.13 -28.48
CA ILE B 256 -32.00 -8.34 -27.42
C ILE B 256 -32.25 -9.01 -26.07
N ARG B 257 -31.18 -9.37 -25.37
CA ARG B 257 -31.30 -9.89 -24.02
C ARG B 257 -30.81 -8.92 -22.96
N CYS B 258 -30.08 -7.87 -23.33
N CYS B 258 -30.07 -7.87 -23.34
CA CYS B 258 -29.55 -6.93 -22.35
CA CYS B 258 -29.50 -6.94 -22.37
C CYS B 258 -29.41 -5.56 -22.98
C CYS B 258 -29.41 -5.56 -22.99
N ILE B 259 -30.05 -4.57 -22.37
CA ILE B 259 -29.82 -3.16 -22.66
C ILE B 259 -29.06 -2.63 -21.45
N LEU B 260 -27.76 -2.41 -21.62
CA LEU B 260 -26.92 -1.92 -20.53
C LEU B 260 -27.06 -0.42 -20.45
N LEU B 261 -27.70 0.05 -19.38
CA LEU B 261 -28.06 1.46 -19.23
C LEU B 261 -27.10 2.08 -18.24
N GLY B 262 -26.37 3.10 -18.68
CA GLY B 262 -25.37 3.72 -17.84
C GLY B 262 -25.32 5.22 -18.06
N GLY B 263 -24.38 5.86 -17.38
CA GLY B 263 -23.98 7.21 -17.71
C GLY B 263 -24.80 8.32 -17.08
N GLY B 264 -25.60 8.03 -16.06
CA GLY B 264 -26.37 9.07 -15.42
C GLY B 264 -27.72 8.57 -14.98
N PRO B 265 -28.43 9.39 -14.21
CA PRO B 265 -29.73 8.96 -13.69
C PRO B 265 -30.80 8.89 -14.78
N ALA B 266 -31.69 7.92 -14.62
CA ALA B 266 -32.82 7.68 -15.50
C ALA B 266 -34.12 7.99 -14.77
N PRO B 267 -35.07 8.65 -15.43
CA PRO B 267 -36.36 8.90 -14.78
C PRO B 267 -37.09 7.59 -14.56
N LEU B 268 -37.66 7.42 -13.36
CA LEU B 268 -38.30 6.16 -13.01
C LEU B 268 -39.46 5.79 -13.93
N PRO B 269 -40.32 6.71 -14.40
CA PRO B 269 -41.36 6.30 -15.34
C PRO B 269 -40.82 5.67 -16.60
N LEU B 270 -39.66 6.13 -17.08
CA LEU B 270 -39.02 5.48 -18.22
C LEU B 270 -38.63 4.04 -17.88
N LEU B 271 -38.03 3.83 -16.70
CA LEU B 271 -37.69 2.47 -16.28
C LEU B 271 -38.93 1.61 -16.11
N GLU B 272 -39.97 2.17 -15.49
CA GLU B 272 -41.20 1.40 -15.29
C GLU B 272 -41.83 1.02 -16.62
N GLU B 273 -41.84 1.95 -17.58
CA GLU B 273 -42.40 1.67 -18.91
C GLU B 273 -41.58 0.60 -19.63
N CYS B 274 -40.25 0.64 -19.50
CA CYS B 274 -39.43 -0.40 -20.09
C CYS B 274 -39.77 -1.76 -19.52
N ARG B 275 -40.00 -1.84 -18.20
CA ARG B 275 -40.27 -3.13 -17.56
C ARG B 275 -41.64 -3.67 -17.95
N GLU B 276 -42.65 -2.80 -18.06
CA GLU B 276 -43.97 -3.28 -18.43
C GLU B 276 -44.03 -3.68 -19.90
N LYS B 277 -43.15 -3.14 -20.75
CA LYS B 277 -43.15 -3.45 -22.17
C LYS B 277 -42.10 -4.48 -22.56
N GLY B 278 -41.36 -5.03 -21.61
CA GLY B 278 -40.44 -6.12 -21.94
C GLY B 278 -39.08 -5.70 -22.45
N PHE B 279 -38.66 -4.47 -22.21
CA PHE B 279 -37.30 -4.08 -22.54
C PHE B 279 -36.38 -4.52 -21.41
N PRO B 280 -35.33 -5.44 -21.68
CA PRO B 280 -34.48 -5.97 -20.59
C PRO B 280 -33.37 -4.99 -20.20
N VAL B 281 -33.78 -3.94 -19.49
CA VAL B 281 -32.89 -2.85 -19.10
C VAL B 281 -32.12 -3.27 -17.85
N PHE B 282 -30.78 -3.24 -17.94
CA PHE B 282 -29.89 -3.42 -16.79
C PHE B 282 -29.35 -2.04 -16.42
N GLN B 283 -29.92 -1.40 -15.39
CA GLN B 283 -29.33 -0.14 -14.95
C GLN B 283 -27.96 -0.40 -14.34
N SER B 284 -27.07 0.57 -14.47
CA SER B 284 -25.70 0.38 -14.01
CA SER B 284 -25.70 0.38 -14.01
C SER B 284 -25.11 1.69 -13.54
N TYR B 285 -24.12 1.57 -12.67
CA TYR B 285 -23.36 2.69 -12.15
C TYR B 285 -21.88 2.45 -12.46
N GLY B 286 -21.25 3.43 -13.09
CA GLY B 286 -19.89 3.29 -13.58
C GLY B 286 -19.42 4.64 -14.07
N MET B 287 -18.12 4.73 -14.32
CA MET B 287 -17.53 6.00 -14.69
C MET B 287 -16.23 5.71 -15.41
N THR B 288 -15.64 6.77 -15.98
CA THR B 288 -14.33 6.65 -16.62
C THR B 288 -13.30 6.05 -15.66
N GLU B 289 -13.31 6.51 -14.40
CA GLU B 289 -12.36 6.06 -13.39
C GLU B 289 -12.50 4.58 -13.04
N THR B 290 -13.64 3.95 -13.33
CA THR B 290 -13.80 2.52 -13.07
C THR B 290 -13.84 1.73 -14.36
N CYS B 291 -13.40 2.35 -15.47
CA CYS B 291 -13.29 1.70 -16.79
C CYS B 291 -14.61 1.06 -17.21
N SER B 292 -15.73 1.73 -16.87
CA SER B 292 -17.14 1.44 -17.18
C SER B 292 -17.82 0.90 -15.92
N GLN B 293 -18.84 0.06 -16.09
CA GLN B 293 -19.69 -0.36 -14.97
C GLN B 293 -18.89 -0.94 -13.80
N ILE B 294 -19.32 -0.58 -12.60
CA ILE B 294 -18.84 -1.27 -11.40
C ILE B 294 -19.98 -1.80 -10.54
N VAL B 295 -21.22 -1.33 -10.74
CA VAL B 295 -22.42 -1.82 -10.08
C VAL B 295 -23.51 -1.95 -11.14
N THR B 296 -24.23 -3.07 -11.16
CA THR B 296 -25.21 -3.29 -12.23
C THR B 296 -26.44 -4.05 -11.70
N LEU B 297 -27.62 -3.70 -12.22
CA LEU B 297 -28.93 -4.11 -11.65
C LEU B 297 -29.72 -4.96 -12.65
N SER B 298 -30.07 -6.18 -12.25
CA SER B 298 -30.81 -7.09 -13.12
C SER B 298 -32.27 -6.66 -13.25
N PRO B 299 -32.89 -6.87 -14.41
CA PRO B 299 -34.30 -6.48 -14.58
C PRO B 299 -35.27 -7.24 -13.68
N GLU B 300 -34.90 -8.44 -13.23
CA GLU B 300 -35.74 -9.15 -12.26
C GLU B 300 -35.93 -8.33 -10.99
N PHE B 301 -34.90 -7.59 -10.59
CA PHE B 301 -34.98 -6.70 -9.43
C PHE B 301 -35.40 -5.28 -9.79
N SER B 302 -35.60 -4.98 -11.08
CA SER B 302 -35.72 -3.57 -11.49
C SER B 302 -37.01 -2.94 -11.02
N MET B 303 -38.03 -3.72 -10.69
CA MET B 303 -39.26 -3.15 -10.14
C MET B 303 -39.20 -3.11 -8.61
N GLU B 304 -38.83 -4.23 -7.98
CA GLU B 304 -38.64 -4.24 -6.53
C GLU B 304 -37.54 -3.28 -6.11
N LYS B 305 -36.43 -3.27 -6.83
CA LYS B 305 -35.32 -2.35 -6.59
C LYS B 305 -35.34 -1.22 -7.62
N LEU B 306 -36.51 -0.62 -7.83
CA LEU B 306 -36.62 0.47 -8.78
C LEU B 306 -35.82 1.67 -8.27
N GLY B 307 -34.98 2.22 -9.14
CA GLY B 307 -34.08 3.28 -8.77
C GLY B 307 -32.73 2.82 -8.28
N SER B 308 -32.52 1.52 -8.12
CA SER B 308 -31.23 0.99 -7.72
C SER B 308 -30.31 0.86 -8.92
N ALA B 309 -29.01 1.02 -8.68
CA ALA B 309 -28.01 0.68 -9.69
C ALA B 309 -27.54 -0.77 -9.59
N GLY B 310 -27.99 -1.49 -8.57
CA GLY B 310 -27.67 -2.90 -8.44
C GLY B 310 -26.63 -3.23 -7.40
N LYS B 311 -25.81 -4.23 -7.67
CA LYS B 311 -24.80 -4.72 -6.74
C LYS B 311 -23.43 -4.68 -7.40
N PRO B 312 -22.37 -4.63 -6.62
CA PRO B 312 -21.03 -4.58 -7.21
C PRO B 312 -20.75 -5.83 -8.03
N LEU B 313 -20.08 -5.62 -9.16
CA LEU B 313 -19.62 -6.73 -9.97
C LEU B 313 -18.63 -7.58 -9.18
N PHE B 314 -18.52 -8.84 -9.59
CA PHE B 314 -17.58 -9.73 -8.92
C PHE B 314 -16.19 -9.14 -8.95
N SER B 315 -15.48 -9.28 -7.82
CA SER B 315 -14.15 -8.76 -7.54
C SER B 315 -14.18 -7.30 -7.12
N CYS B 316 -15.31 -6.61 -7.27
CA CYS B 316 -15.40 -5.19 -6.97
C CYS B 316 -16.14 -4.99 -5.65
N GLU B 317 -15.98 -3.79 -5.07
CA GLU B 317 -16.55 -3.46 -3.78
C GLU B 317 -17.07 -2.04 -3.81
N ILE B 318 -18.05 -1.78 -2.96
CA ILE B 318 -18.60 -0.44 -2.76
C ILE B 318 -18.85 -0.26 -1.27
N LYS B 319 -18.69 0.97 -0.80
CA LYS B 319 -19.12 1.32 0.54
C LYS B 319 -19.62 2.75 0.53
N ILE B 320 -20.37 3.08 1.56
CA ILE B 320 -20.93 4.42 1.77
C ILE B 320 -20.25 4.98 3.01
N GLU B 321 -19.59 6.13 2.87
CA GLU B 321 -18.82 6.70 3.97
C GLU B 321 -19.15 8.18 4.16
N ARG B 322 -19.14 8.60 5.41
CA ARG B 322 -19.28 10.01 5.77
C ARG B 322 -18.16 10.36 6.73
N ASP B 323 -17.29 11.29 6.32
CA ASP B 323 -16.18 11.78 7.14
C ASP B 323 -15.37 10.62 7.73
N GLY B 324 -14.99 9.69 6.87
CA GLY B 324 -14.19 8.56 7.29
C GLY B 324 -14.90 7.50 8.10
N GLN B 325 -16.21 7.63 8.31
CA GLN B 325 -17.00 6.64 9.04
C GLN B 325 -17.94 5.92 8.08
N VAL B 326 -17.94 4.60 8.12
CA VAL B 326 -18.78 3.81 7.23
C VAL B 326 -20.24 3.93 7.67
N CYS B 327 -21.13 4.14 6.70
CA CYS B 327 -22.53 4.42 6.98
C CYS B 327 -23.34 3.14 7.11
N GLU B 328 -24.37 3.20 7.95
CA GLU B 328 -25.30 2.10 8.13
C GLU B 328 -26.20 1.99 6.90
N PRO B 329 -26.97 0.91 6.79
CA PRO B 329 -27.93 0.81 5.67
C PRO B 329 -28.92 1.97 5.67
N TYR B 330 -29.21 2.45 4.47
CA TYR B 330 -30.13 3.54 4.15
C TYR B 330 -29.56 4.90 4.55
N GLU B 331 -28.43 4.92 5.25
CA GLU B 331 -27.79 6.19 5.61
C GLU B 331 -27.03 6.76 4.42
N HIS B 332 -27.23 8.05 4.15
CA HIS B 332 -26.64 8.72 2.99
C HIS B 332 -25.17 9.04 3.24
N GLY B 333 -24.34 8.77 2.24
CA GLY B 333 -22.95 9.18 2.30
C GLY B 333 -22.29 9.09 0.95
N GLU B 334 -20.97 9.31 0.92
CA GLU B 334 -20.23 9.29 -0.32
C GLU B 334 -19.95 7.86 -0.77
N ILE B 335 -20.21 7.59 -2.04
CA ILE B 335 -19.91 6.29 -2.64
C ILE B 335 -18.42 6.19 -2.85
N MET B 336 -17.83 5.10 -2.38
CA MET B 336 -16.44 4.80 -2.64
C MET B 336 -16.35 3.40 -3.19
N VAL B 337 -15.41 3.20 -4.11
CA VAL B 337 -15.35 1.95 -4.85
C VAL B 337 -13.93 1.42 -4.83
N LYS B 338 -13.84 0.12 -5.06
CA LYS B 338 -12.57 -0.60 -5.03
C LYS B 338 -12.71 -1.78 -5.97
N GLY B 339 -11.63 -2.09 -6.68
CA GLY B 339 -11.66 -3.24 -7.54
C GLY B 339 -10.59 -3.17 -8.60
N PRO B 340 -10.35 -4.30 -9.28
CA PRO B 340 -9.26 -4.37 -10.26
C PRO B 340 -9.56 -3.63 -11.54
N ASN B 341 -10.79 -3.07 -11.69
CA ASN B 341 -11.15 -2.22 -12.80
C ASN B 341 -10.97 -0.75 -12.48
N VAL B 342 -10.62 -0.40 -11.23
CA VAL B 342 -10.41 1.00 -10.85
C VAL B 342 -9.06 1.48 -11.38
N MET B 343 -9.08 2.69 -11.94
CA MET B 343 -7.96 3.29 -12.64
C MET B 343 -6.69 3.32 -11.80
N LYS B 344 -5.56 3.33 -12.51
CA LYS B 344 -4.28 3.45 -11.84
C LYS B 344 -4.17 4.77 -11.10
N SER B 345 -4.54 5.87 -11.77
CA SER B 345 -4.43 7.21 -11.22
C SER B 345 -4.80 8.22 -12.28
N TYR B 346 -5.08 9.45 -11.86
CA TYR B 346 -5.09 10.56 -12.79
C TYR B 346 -3.66 10.93 -13.19
N PHE B 347 -3.50 11.29 -14.46
CA PHE B 347 -2.18 11.59 -15.01
C PHE B 347 -1.74 12.99 -14.59
N ASN B 348 -0.56 13.08 -13.96
CA ASN B 348 0.02 14.36 -13.57
C ASN B 348 -0.98 15.20 -12.77
N ARG B 349 -1.66 14.56 -11.82
CA ARG B 349 -2.57 15.23 -10.88
C ARG B 349 -2.31 14.69 -9.48
N GLU B 350 -1.08 14.90 -8.99
CA GLU B 350 -0.67 14.23 -7.77
C GLU B 350 -1.56 14.61 -6.60
N SER B 351 -1.98 15.88 -6.53
CA SER B 351 -2.84 16.32 -5.44
C SER B 351 -4.21 15.67 -5.52
N ALA B 352 -4.78 15.59 -6.71
CA ALA B 352 -6.07 14.93 -6.87
C ALA B 352 -5.99 13.44 -6.50
N ASN B 353 -4.91 12.77 -6.90
CA ASN B 353 -4.75 11.36 -6.56
C ASN B 353 -4.64 11.15 -5.06
N GLU B 354 -3.91 12.03 -4.39
CA GLU B 354 -3.79 11.92 -2.94
C GLU B 354 -5.15 12.08 -2.27
N ALA B 355 -5.97 13.01 -2.76
CA ALA B 355 -7.28 13.25 -2.15
C ALA B 355 -8.30 12.18 -2.51
N SER B 356 -8.23 11.63 -3.72
CA SER B 356 -9.29 10.77 -4.21
C SER B 356 -9.15 9.32 -3.77
N PHE B 357 -7.92 8.86 -3.50
CA PHE B 357 -7.67 7.50 -3.06
C PHE B 357 -7.43 7.49 -1.56
N GLN B 358 -8.17 6.65 -0.84
CA GLN B 358 -8.08 6.56 0.62
C GLN B 358 -7.97 5.07 0.96
N ASN B 359 -6.74 4.64 1.25
CA ASN B 359 -6.46 3.25 1.64
C ASN B 359 -6.98 2.26 0.61
N GLY B 360 -6.74 2.54 -0.68
CA GLY B 360 -7.14 1.65 -1.74
C GLY B 360 -8.54 1.90 -2.29
N TRP B 361 -9.33 2.75 -1.66
CA TRP B 361 -10.67 3.07 -2.13
C TRP B 361 -10.66 4.37 -2.93
N LEU B 362 -11.51 4.43 -3.96
CA LEU B 362 -11.66 5.64 -4.75
C LEU B 362 -12.93 6.37 -4.33
N LYS B 363 -12.78 7.64 -3.95
CA LYS B 363 -13.94 8.49 -3.70
C LYS B 363 -14.52 8.96 -5.02
N THR B 364 -15.83 8.80 -5.21
CA THR B 364 -16.45 9.09 -6.49
C THR B 364 -17.00 10.51 -6.59
N GLY B 365 -17.24 11.16 -5.46
CA GLY B 365 -17.98 12.41 -5.41
C GLY B 365 -19.49 12.26 -5.54
N ASP B 366 -19.99 11.04 -5.64
CA ASP B 366 -21.41 10.75 -5.73
C ASP B 366 -21.95 10.44 -4.35
N LEU B 367 -23.23 10.76 -4.14
CA LEU B 367 -23.90 10.51 -2.87
C LEU B 367 -24.85 9.32 -3.05
N GLY B 368 -24.91 8.44 -2.05
CA GLY B 368 -25.79 7.30 -2.19
C GLY B 368 -26.00 6.59 -0.87
N TYR B 369 -26.76 5.49 -0.94
CA TYR B 369 -26.95 4.61 0.20
C TYR B 369 -27.09 3.17 -0.30
N LEU B 370 -26.93 2.24 0.63
CA LEU B 370 -27.16 0.82 0.40
C LEU B 370 -28.38 0.39 1.20
N ASP B 371 -29.23 -0.44 0.62
CA ASP B 371 -30.35 -0.97 1.38
C ASP B 371 -29.90 -2.19 2.18
N ASN B 372 -30.85 -2.84 2.85
CA ASN B 372 -30.53 -3.93 3.76
C ASN B 372 -29.97 -5.15 3.04
N GLU B 373 -30.14 -5.24 1.73
CA GLU B 373 -29.63 -6.36 0.96
C GLU B 373 -28.40 -6.01 0.14
N GLY B 374 -27.88 -4.80 0.30
CA GLY B 374 -26.66 -4.41 -0.39
C GLY B 374 -26.86 -3.75 -1.72
N PHE B 375 -28.09 -3.46 -2.12
CA PHE B 375 -28.33 -2.80 -3.39
C PHE B 375 -28.02 -1.31 -3.28
N LEU B 376 -27.41 -0.76 -4.32
CA LEU B 376 -26.96 0.63 -4.30
C LEU B 376 -28.02 1.57 -4.87
N TYR B 377 -28.30 2.66 -4.15
CA TYR B 377 -29.17 3.72 -4.64
C TYR B 377 -28.32 4.98 -4.77
N VAL B 378 -28.10 5.42 -5.99
CA VAL B 378 -27.34 6.63 -6.24
C VAL B 378 -28.33 7.79 -6.22
N LEU B 379 -27.99 8.82 -5.44
CA LEU B 379 -28.84 9.99 -5.28
C LEU B 379 -28.39 11.07 -6.25
N ASP B 380 -29.36 11.68 -6.94
CA ASP B 380 -29.04 12.67 -7.97
C ASP B 380 -28.99 14.04 -7.32
N ARG B 381 -27.88 14.30 -6.62
CA ARG B 381 -27.77 15.48 -5.77
C ARG B 381 -26.51 16.29 -6.02
N ARG B 382 -25.66 15.91 -6.96
CA ARG B 382 -24.43 16.64 -7.18
C ARG B 382 -24.71 17.99 -7.81
N SER B 383 -24.02 19.00 -7.32
CA SER B 383 -24.06 20.33 -7.91
C SER B 383 -22.81 20.64 -8.71
N ASP B 384 -21.78 19.81 -8.63
CA ASP B 384 -20.51 20.03 -9.34
C ASP B 384 -20.45 19.25 -10.64
N LEU B 385 -21.56 18.65 -11.05
CA LEU B 385 -21.61 17.88 -12.28
C LEU B 385 -23.03 17.97 -12.84
N ILE B 386 -23.13 18.16 -14.15
CA ILE B 386 -24.40 18.20 -14.86
C ILE B 386 -24.31 17.17 -15.98
N ILE B 387 -25.27 16.27 -16.06
CA ILE B 387 -25.22 15.24 -17.09
C ILE B 387 -26.31 15.52 -18.12
N SER B 388 -25.88 15.72 -19.35
CA SER B 388 -26.75 16.08 -20.47
C SER B 388 -26.59 15.01 -21.53
N GLY B 389 -27.64 14.20 -21.71
CA GLY B 389 -27.56 13.12 -22.70
C GLY B 389 -26.38 12.20 -22.48
N GLY B 390 -26.09 11.88 -21.22
CA GLY B 390 -24.94 11.01 -20.93
C GLY B 390 -23.59 11.68 -21.05
N GLU B 391 -23.55 12.99 -21.32
CA GLU B 391 -22.28 13.71 -21.37
C GLU B 391 -22.10 14.50 -20.09
N ASN B 392 -20.96 14.31 -19.44
CA ASN B 392 -20.63 15.05 -18.22
C ASN B 392 -20.29 16.49 -18.54
N ILE B 393 -20.88 17.42 -17.79
CA ILE B 393 -20.58 18.85 -17.88
C ILE B 393 -20.18 19.32 -16.50
N TYR B 394 -19.03 19.97 -16.38
CA TYR B 394 -18.58 20.43 -15.07
C TYR B 394 -18.80 21.92 -14.95
N PRO B 395 -19.69 22.36 -14.07
CA PRO B 395 -19.87 23.81 -13.83
C PRO B 395 -18.56 24.57 -13.69
N ALA B 396 -17.57 24.00 -13.02
CA ALA B 396 -16.31 24.72 -12.82
C ALA B 396 -15.64 25.06 -14.16
N GLU B 397 -15.70 24.16 -15.14
CA GLU B 397 -15.11 24.46 -16.44
C GLU B 397 -15.91 25.52 -17.19
N VAL B 398 -17.25 25.42 -17.21
CA VAL B 398 -18.05 26.44 -17.88
C VAL B 398 -17.88 27.79 -17.19
N GLU B 399 -17.86 27.79 -15.85
CA GLU B 399 -17.65 29.05 -15.11
C GLU B 399 -16.29 29.66 -15.44
N SER B 400 -15.26 28.83 -15.57
CA SER B 400 -13.94 29.34 -15.89
C SER B 400 -13.94 30.05 -17.24
N VAL B 401 -14.63 29.48 -18.22
CA VAL B 401 -14.73 30.12 -19.53
C VAL B 401 -15.48 31.43 -19.42
N LEU B 402 -16.64 31.42 -18.75
CA LEU B 402 -17.43 32.64 -18.61
C LEU B 402 -16.67 33.74 -17.90
N LEU B 403 -15.97 33.38 -16.81
CA LEU B 403 -15.22 34.37 -16.04
C LEU B 403 -14.11 35.00 -16.85
N SER B 404 -13.55 34.28 -17.83
CA SER B 404 -12.49 34.87 -18.64
C SER B 404 -13.01 35.93 -19.60
N HIS B 405 -14.31 36.00 -19.83
CA HIS B 405 -14.84 37.08 -20.65
C HIS B 405 -14.67 38.39 -19.91
N PRO B 406 -14.22 39.46 -20.57
CA PRO B 406 -13.93 40.71 -19.85
C PRO B 406 -15.16 41.37 -19.23
N ALA B 407 -16.36 41.10 -19.73
CA ALA B 407 -17.55 41.72 -19.16
C ALA B 407 -18.09 40.99 -17.93
N VAL B 408 -17.52 39.83 -17.59
CA VAL B 408 -18.08 38.98 -16.55
C VAL B 408 -17.26 39.14 -15.28
N ALA B 409 -17.92 39.50 -14.18
CA ALA B 409 -17.24 39.59 -12.89
C ALA B 409 -17.32 38.29 -12.11
N GLU B 410 -18.47 37.65 -12.07
CA GLU B 410 -18.65 36.37 -11.40
C GLU B 410 -19.54 35.48 -12.24
N ALA B 411 -19.41 34.17 -12.04
CA ALA B 411 -20.15 33.21 -12.84
C ALA B 411 -20.43 31.95 -12.02
N GLY B 412 -21.67 31.50 -12.08
CA GLY B 412 -22.09 30.24 -11.50
C GLY B 412 -22.92 29.48 -12.50
N VAL B 413 -22.74 28.17 -12.59
CA VAL B 413 -23.43 27.35 -13.58
C VAL B 413 -24.12 26.21 -12.84
N SER B 414 -25.38 25.95 -13.18
CA SER B 414 -26.07 24.83 -12.57
C SER B 414 -27.00 24.19 -13.58
N GLY B 415 -27.40 22.95 -13.30
CA GLY B 415 -28.19 22.18 -14.23
C GLY B 415 -29.67 22.50 -14.13
N ALA B 416 -30.30 22.75 -15.27
CA ALA B 416 -31.74 22.93 -15.36
C ALA B 416 -32.36 21.66 -15.91
N GLU B 417 -33.50 21.26 -15.34
CA GLU B 417 -34.17 20.07 -15.82
C GLU B 417 -34.54 20.23 -17.29
N ASP B 418 -34.34 19.15 -18.05
CA ASP B 418 -34.60 19.13 -19.48
C ASP B 418 -35.23 17.79 -19.81
N LYS B 419 -36.41 17.81 -20.43
CA LYS B 419 -37.13 16.56 -20.70
C LYS B 419 -36.35 15.65 -21.65
N LYS B 420 -35.59 16.21 -22.58
CA LYS B 420 -34.85 15.35 -23.48
C LYS B 420 -33.51 14.92 -22.90
N TRP B 421 -32.73 15.86 -22.37
CA TRP B 421 -31.34 15.60 -22.03
C TRP B 421 -31.11 15.27 -20.55
N GLY B 422 -32.14 15.34 -19.71
CA GLY B 422 -31.95 15.19 -18.29
C GLY B 422 -31.74 16.53 -17.61
N LYS B 423 -30.53 17.07 -17.76
CA LYS B 423 -30.19 18.41 -17.29
C LYS B 423 -29.37 19.12 -18.36
N VAL B 424 -29.56 20.43 -18.49
CA VAL B 424 -28.73 21.27 -19.34
C VAL B 424 -28.18 22.41 -18.49
N PRO B 425 -27.05 23.00 -18.89
CA PRO B 425 -26.45 24.07 -18.07
C PRO B 425 -27.10 25.43 -18.29
N HIS B 426 -27.36 26.13 -17.19
CA HIS B 426 -27.75 27.54 -17.20
C HIS B 426 -26.68 28.34 -16.48
N ALA B 427 -26.41 29.55 -16.97
CA ALA B 427 -25.35 30.39 -16.42
C ALA B 427 -25.94 31.56 -15.66
N TYR B 428 -25.30 31.92 -14.55
CA TYR B 428 -25.74 32.99 -13.66
C TYR B 428 -24.53 33.89 -13.46
N LEU B 429 -24.67 35.17 -13.80
CA LEU B 429 -23.52 36.04 -13.97
C LEU B 429 -23.67 37.33 -13.18
N VAL B 430 -22.54 37.81 -12.68
CA VAL B 430 -22.39 39.19 -12.22
C VAL B 430 -21.49 39.88 -13.24
N LEU B 431 -21.94 40.98 -13.84
CA LEU B 431 -21.25 41.63 -14.96
C LEU B 431 -20.55 42.92 -14.59
N HIS B 432 -19.35 43.17 -15.08
CA HIS B 432 -18.79 44.51 -14.98
C HIS B 432 -19.49 45.48 -15.92
N LYS B 433 -19.65 45.04 -17.15
CA LYS B 433 -20.06 45.86 -18.27
C LYS B 433 -21.18 45.08 -18.88
N PRO B 434 -22.04 45.72 -19.64
CA PRO B 434 -23.15 44.94 -20.19
C PRO B 434 -22.67 44.09 -21.37
N VAL B 435 -23.36 42.98 -21.58
CA VAL B 435 -23.03 42.06 -22.67
C VAL B 435 -24.27 41.21 -22.93
N SER B 436 -24.51 40.90 -24.20
CA SER B 436 -25.68 40.14 -24.58
C SER B 436 -25.42 38.63 -24.47
N ALA B 437 -26.51 37.86 -24.45
CA ALA B 437 -26.38 36.41 -24.54
C ALA B 437 -25.71 36.01 -25.84
N GLY B 438 -26.01 36.72 -26.94
CA GLY B 438 -25.42 36.37 -28.22
C GLY B 438 -23.92 36.53 -28.24
N GLU B 439 -23.41 37.60 -27.62
CA GLU B 439 -21.96 37.77 -27.51
C GLU B 439 -21.34 36.70 -26.63
N LEU B 440 -21.97 36.39 -25.50
CA LEU B 440 -21.46 35.35 -24.61
C LEU B 440 -21.46 33.99 -25.31
N THR B 441 -22.49 33.71 -26.11
CA THR B 441 -22.52 32.42 -26.79
C THR B 441 -21.43 32.31 -27.83
N ASP B 442 -21.20 33.40 -28.60
CA ASP B 442 -20.12 33.40 -29.58
C ASP B 442 -18.78 33.17 -28.90
N TYR B 443 -18.59 33.75 -27.72
CA TYR B 443 -17.35 33.55 -26.96
C TYR B 443 -17.24 32.09 -26.50
N CYS B 444 -18.34 31.51 -26.03
CA CYS B 444 -18.30 30.13 -25.58
C CYS B 444 -18.07 29.16 -26.73
N LYS B 445 -18.50 29.51 -27.96
CA LYS B 445 -18.35 28.62 -29.10
C LYS B 445 -16.92 28.18 -29.30
N GLU B 446 -15.98 29.09 -29.04
CA GLU B 446 -14.57 28.81 -29.30
C GLU B 446 -13.90 28.05 -28.17
N ARG B 447 -14.58 27.84 -27.05
CA ARG B 447 -13.94 27.33 -25.85
C ARG B 447 -14.64 26.15 -25.21
N LEU B 448 -15.83 25.77 -25.69
CA LEU B 448 -16.64 24.74 -25.05
C LEU B 448 -17.34 23.90 -26.11
N ALA B 449 -17.40 22.59 -25.86
CA ALA B 449 -18.27 21.72 -26.63
C ALA B 449 -19.70 22.24 -26.60
N LYS B 450 -20.46 22.02 -27.69
CA LYS B 450 -21.79 22.60 -27.77
C LYS B 450 -22.67 22.24 -26.57
N TYR B 451 -22.64 20.97 -26.14
CA TYR B 451 -23.50 20.55 -25.04
C TYR B 451 -23.11 21.19 -23.70
N LYS B 452 -21.92 21.79 -23.56
CA LYS B 452 -21.53 22.48 -22.33
C LYS B 452 -21.96 23.95 -22.32
N ARG B 453 -22.38 24.48 -23.45
CA ARG B 453 -22.64 25.91 -23.54
C ARG B 453 -23.97 26.23 -22.87
N PRO B 454 -24.06 27.32 -22.11
CA PRO B 454 -25.29 27.63 -21.39
C PRO B 454 -26.45 27.77 -22.35
N LYS B 455 -27.56 27.12 -22.00
CA LYS B 455 -28.80 27.29 -22.75
C LYS B 455 -29.54 28.56 -22.37
N LYS B 456 -29.27 29.10 -21.19
CA LYS B 456 -29.89 30.32 -20.72
C LYS B 456 -28.88 31.05 -19.86
N PHE B 457 -28.93 32.38 -19.89
CA PHE B 457 -28.09 33.24 -19.09
C PHE B 457 -28.94 34.12 -18.19
N PHE B 458 -28.52 34.28 -16.94
CA PHE B 458 -29.18 35.18 -16.00
C PHE B 458 -28.16 36.15 -15.43
N VAL B 459 -28.61 37.38 -15.18
CA VAL B 459 -27.76 38.43 -14.61
C VAL B 459 -28.19 38.67 -13.17
N LEU B 460 -27.21 38.77 -12.27
CA LEU B 460 -27.45 38.98 -10.85
C LEU B 460 -26.49 40.04 -10.34
N ASP B 461 -26.77 40.54 -9.14
CA ASP B 461 -25.85 41.43 -8.46
C ASP B 461 -24.93 40.69 -7.49
N ARG B 462 -25.34 39.51 -7.05
CA ARG B 462 -24.55 38.69 -6.16
C ARG B 462 -24.93 37.23 -6.38
N LEU B 463 -23.98 36.33 -6.10
CA LEU B 463 -24.27 34.90 -6.20
C LEU B 463 -24.36 34.29 -4.80
N PRO B 464 -25.19 33.28 -4.61
CA PRO B 464 -25.25 32.59 -3.31
C PRO B 464 -23.91 31.99 -2.95
N ARG B 465 -23.46 32.25 -1.72
CA ARG B 465 -22.17 31.80 -1.24
C ARG B 465 -22.26 31.46 0.24
N ASN B 466 -21.48 30.47 0.67
CA ASN B 466 -21.40 30.15 2.09
C ASN B 466 -20.50 31.16 2.81
N ALA B 467 -20.29 30.94 4.10
CA ALA B 467 -19.49 31.87 4.89
C ALA B 467 -18.05 31.93 4.41
N SER B 468 -17.54 30.84 3.85
CA SER B 468 -16.21 30.81 3.25
C SER B 468 -16.17 31.44 1.86
N ASN B 469 -17.28 32.08 1.45
CA ASN B 469 -17.38 32.74 0.15
C ASN B 469 -17.30 31.75 -1.02
N LYS B 470 -17.71 30.50 -0.78
CA LYS B 470 -17.74 29.50 -1.83
C LYS B 470 -19.13 29.43 -2.45
N LEU B 471 -19.16 29.28 -3.76
CA LEU B 471 -20.41 29.25 -4.52
C LEU B 471 -21.30 28.10 -4.04
N LEU B 472 -22.59 28.40 -3.86
CA LEU B 472 -23.62 27.40 -3.51
C LEU B 472 -24.49 27.19 -4.74
N ARG B 473 -24.08 26.24 -5.59
CA ARG B 473 -24.62 26.19 -6.96
C ARG B 473 -26.09 25.76 -6.99
N ASN B 474 -26.53 24.94 -6.04
CA ASN B 474 -27.93 24.50 -6.06
C ASN B 474 -28.89 25.60 -5.65
N GLN B 475 -28.40 26.70 -5.09
CA GLN B 475 -29.25 27.82 -4.75
C GLN B 475 -29.31 28.88 -5.84
N LEU B 476 -28.49 28.72 -6.89
CA LEU B 476 -28.52 29.64 -8.02
C LEU B 476 -29.92 29.73 -8.63
N LYS B 477 -30.60 28.59 -8.76
CA LYS B 477 -31.90 28.57 -9.43
C LYS B 477 -32.91 29.45 -8.71
N ASP B 478 -32.80 29.58 -7.39
CA ASP B 478 -33.74 30.36 -6.59
C ASP B 478 -33.28 31.79 -6.35
N ALA B 479 -32.03 32.13 -6.67
CA ALA B 479 -31.56 33.49 -6.49
C ALA B 479 -32.36 34.45 -7.38
N ARG B 480 -32.35 35.72 -7.02
CA ARG B 480 -33.11 36.71 -7.76
C ARG B 480 -32.29 37.23 -8.93
N LYS B 481 -32.87 37.19 -10.12
CA LYS B 481 -32.13 37.28 -11.36
C LYS B 481 -33.06 37.77 -12.46
N GLY B 482 -32.47 38.17 -13.57
CA GLY B 482 -33.23 38.45 -14.77
C GLY B 482 -32.57 37.78 -15.97
N GLU B 483 -33.40 37.21 -16.83
CA GLU B 483 -32.88 36.55 -18.03
C GLU B 483 -32.14 37.56 -18.90
N LEU B 484 -30.95 37.17 -19.36
CA LEU B 484 -30.17 38.00 -20.25
C LEU B 484 -30.43 37.57 -21.69
N LEU B 485 -30.71 38.55 -22.55
CA LEU B 485 -31.05 38.27 -23.94
C LEU B 485 -30.00 38.81 -24.90
C LEU C 1 3.64 7.25 7.53
N THR C 2 3.06 6.11 7.17
CA THR C 2 2.05 5.51 8.02
C THR C 2 2.65 4.47 8.96
N GLU C 3 3.89 4.05 8.69
CA GLU C 3 4.51 2.99 9.50
C GLU C 3 6.01 3.23 9.68
N GLN C 4 6.53 2.75 10.80
CA GLN C 4 7.96 2.73 11.07
C GLN C 4 8.36 1.31 11.44
N PRO C 5 9.62 0.94 11.21
CA PRO C 5 10.09 -0.34 11.75
C PRO C 5 9.90 -0.37 13.26
N ASN C 6 9.51 -1.54 13.78
CA ASN C 6 9.36 -1.69 15.22
C ASN C 6 10.61 -1.17 15.93
N TRP C 7 10.41 -0.29 16.92
CA TRP C 7 11.55 0.46 17.46
C TRP C 7 12.55 -0.44 18.14
N LEU C 8 12.06 -1.44 18.88
CA LEU C 8 12.95 -2.36 19.58
C LEU C 8 13.73 -3.21 18.59
N MET C 9 13.04 -3.70 17.55
CA MET C 9 13.70 -4.48 16.52
C MET C 9 14.80 -3.66 15.84
N GLN C 10 14.47 -2.43 15.41
CA GLN C 10 15.49 -1.64 14.74
C GLN C 10 16.61 -1.27 15.70
N ARG C 11 16.29 -0.94 16.95
CA ARG C 11 17.33 -0.59 17.91
C ARG C 11 18.29 -1.75 18.11
N ALA C 12 17.75 -2.97 18.19
CA ALA C 12 18.60 -4.13 18.35
C ALA C 12 19.48 -4.36 17.14
N GLN C 13 18.96 -4.02 15.96
CA GLN C 13 19.76 -4.10 14.74
C GLN C 13 20.88 -3.08 14.73
N LEU C 14 20.60 -1.87 15.22
CA LEU C 14 21.59 -0.79 15.11
C LEU C 14 22.67 -0.88 16.17
N THR C 15 22.28 -1.08 17.43
CA THR C 15 23.21 -1.09 18.56
C THR C 15 22.86 -2.25 19.48
N PRO C 16 23.15 -3.48 19.04
CA PRO C 16 22.67 -4.65 19.78
C PRO C 16 23.26 -4.77 21.16
N GLU C 17 24.50 -4.33 21.36
CA GLU C 17 25.19 -4.56 22.62
C GLU C 17 25.08 -3.40 23.60
N ARG C 18 24.50 -2.28 23.20
CA ARG C 18 24.19 -1.23 24.16
C ARG C 18 23.20 -1.74 25.20
N ILE C 19 23.35 -1.29 26.44
CA ILE C 19 22.50 -1.74 27.53
C ILE C 19 21.15 -1.03 27.45
N ALA C 20 20.08 -1.82 27.39
CA ALA C 20 18.72 -1.30 27.36
C ALA C 20 18.18 -1.11 28.77
N LEU C 21 18.47 -2.05 29.65
CA LEU C 21 17.78 -2.12 30.93
C LEU C 21 18.76 -2.57 31.99
N ILE C 22 18.79 -1.84 33.10
CA ILE C 22 19.48 -2.29 34.32
C ILE C 22 18.40 -2.43 35.38
N TYR C 23 18.25 -3.63 35.91
CA TYR C 23 17.23 -3.90 36.93
C TYR C 23 17.82 -4.84 37.97
N GLU C 24 17.93 -4.36 39.21
CA GLU C 24 18.64 -5.11 40.24
C GLU C 24 20.03 -5.50 39.75
N ASP C 25 20.34 -6.80 39.76
CA ASP C 25 21.61 -7.32 39.27
C ASP C 25 21.54 -7.81 37.83
N GLN C 26 20.52 -7.40 37.07
CA GLN C 26 20.38 -7.76 35.67
C GLN C 26 20.81 -6.61 34.77
N THR C 27 21.59 -6.92 33.74
CA THR C 27 21.78 -5.98 32.64
C THR C 27 21.27 -6.67 31.39
N VAL C 28 20.46 -5.96 30.62
CA VAL C 28 19.83 -6.49 29.41
C VAL C 28 20.22 -5.57 28.26
N THR C 29 20.93 -6.12 27.28
CA THR C 29 21.24 -5.38 26.07
C THR C 29 19.99 -5.26 25.19
N PHE C 30 20.07 -4.37 24.19
CA PHE C 30 18.95 -4.29 23.24
C PHE C 30 18.75 -5.60 22.51
N ALA C 31 19.84 -6.26 22.10
CA ALA C 31 19.71 -7.57 21.48
C ALA C 31 18.98 -8.53 22.40
N GLU C 32 19.39 -8.59 23.68
CA GLU C 32 18.74 -9.48 24.63
C GLU C 32 17.29 -9.09 24.85
N LEU C 33 17.02 -7.79 24.88
CA LEU C 33 15.66 -7.32 25.09
C LEU C 33 14.76 -7.73 23.93
N PHE C 34 15.24 -7.57 22.69
CA PHE C 34 14.45 -8.03 21.56
C PHE C 34 14.22 -9.53 21.62
N ALA C 35 15.27 -10.29 21.93
CA ALA C 35 15.13 -11.75 21.98
C ALA C 35 14.13 -12.17 23.04
N ALA C 36 14.17 -11.54 24.22
CA ALA C 36 13.25 -11.91 25.28
C ALA C 36 11.83 -11.50 24.95
N SER C 37 11.64 -10.35 24.29
CA SER C 37 10.30 -9.89 23.95
C SER C 37 9.71 -10.74 22.83
N LYS C 38 10.53 -11.09 21.84
CA LYS C 38 10.08 -12.01 20.80
C LYS C 38 9.72 -13.36 21.39
N ARG C 39 10.54 -13.85 22.32
CA ARG C 39 10.23 -15.15 22.92
C ARG C 39 8.93 -15.07 23.70
N MET C 40 8.69 -13.97 24.40
CA MET C 40 7.45 -13.89 25.16
C MET C 40 6.26 -13.73 24.22
N ALA C 41 6.45 -13.03 23.10
CA ALA C 41 5.41 -12.98 22.08
C ALA C 41 5.07 -14.37 21.56
N GLU C 42 6.09 -15.16 21.23
CA GLU C 42 5.84 -16.53 20.79
C GLU C 42 5.05 -17.32 21.84
N GLN C 43 5.42 -17.17 23.11
CA GLN C 43 4.70 -17.90 24.16
C GLN C 43 3.27 -17.38 24.32
N LEU C 44 3.06 -16.08 24.14
CA LEU C 44 1.71 -15.53 24.19
C LEU C 44 0.87 -16.03 23.01
N ALA C 45 1.47 -16.14 21.83
CA ALA C 45 0.74 -16.67 20.68
C ALA C 45 0.31 -18.11 20.93
N ALA C 46 1.13 -18.86 21.66
CA ALA C 46 0.78 -20.24 21.98
C ALA C 46 -0.41 -20.33 22.92
N HIS C 47 -0.65 -19.28 23.72
CA HIS C 47 -1.82 -19.19 24.57
C HIS C 47 -3.00 -18.54 23.88
N SER C 48 -2.96 -18.46 22.53
CA SER C 48 -4.02 -18.02 21.62
C SER C 48 -4.10 -16.51 21.46
N VAL C 49 -3.12 -15.75 21.93
CA VAL C 49 -3.16 -14.30 21.73
C VAL C 49 -2.89 -14.03 20.25
N ARG C 50 -3.67 -13.10 19.67
CA ARG C 50 -3.65 -12.87 18.23
C ARG C 50 -3.62 -11.38 17.92
N LYS C 51 -3.09 -11.06 16.73
CA LYS C 51 -3.06 -9.69 16.25
C LYS C 51 -4.45 -9.05 16.32
N GLY C 52 -4.52 -7.84 16.87
CA GLY C 52 -5.77 -7.16 17.08
C GLY C 52 -6.39 -7.37 18.46
N ASP C 53 -5.90 -8.33 19.23
CA ASP C 53 -6.39 -8.52 20.58
C ASP C 53 -5.93 -7.39 21.48
N THR C 54 -6.47 -7.39 22.70
CA THR C 54 -6.14 -6.43 23.73
C THR C 54 -5.73 -7.21 24.97
N ALA C 55 -4.57 -6.91 25.52
CA ALA C 55 -4.06 -7.61 26.70
C ALA C 55 -3.73 -6.60 27.78
N ALA C 56 -4.19 -6.88 29.00
CA ALA C 56 -3.90 -6.04 30.14
C ALA C 56 -2.66 -6.56 30.86
N ILE C 57 -1.88 -5.64 31.40
CA ILE C 57 -0.68 -5.96 32.16
C ILE C 57 -0.86 -5.46 33.59
N LEU C 58 -0.67 -6.36 34.54
CA LEU C 58 -0.80 -6.07 35.98
C LEU C 58 0.49 -6.57 36.62
N LEU C 59 1.48 -5.69 36.73
CA LEU C 59 2.80 -6.07 37.23
C LEU C 59 3.42 -4.87 37.93
N GLN C 60 4.26 -5.15 38.92
CA GLN C 60 5.19 -4.17 39.45
C GLN C 60 6.33 -3.97 38.45
N ASN C 61 7.06 -2.86 38.60
CA ASN C 61 8.24 -2.63 37.75
C ASN C 61 9.21 -3.81 37.88
N ARG C 62 9.43 -4.48 36.78
CA ARG C 62 10.53 -5.42 36.63
C ARG C 62 10.81 -5.74 35.18
N ALA C 63 11.89 -6.45 34.91
CA ALA C 63 12.27 -6.63 33.51
C ALA C 63 11.14 -7.31 32.74
N GLU C 64 10.44 -8.26 33.38
CA GLU C 64 9.38 -9.00 32.72
C GLU C 64 8.25 -8.09 32.27
N MET C 65 8.02 -6.98 32.98
CA MET C 65 7.01 -6.03 32.55
C MET C 65 7.42 -5.34 31.25
N VAL C 66 8.71 -4.98 31.14
CA VAL C 66 9.23 -4.41 29.90
C VAL C 66 9.09 -5.41 28.76
N TYR C 67 9.41 -6.69 29.03
CA TYR C 67 9.24 -7.72 28.00
C TYR C 67 7.78 -7.78 27.55
N ALA C 68 6.85 -7.73 28.50
CA ALA C 68 5.44 -7.90 28.15
C ALA C 68 4.94 -6.79 27.24
N VAL C 69 5.33 -5.55 27.54
CA VAL C 69 4.90 -4.43 26.71
C VAL C 69 5.42 -4.59 25.30
N HIS C 70 6.71 -4.87 25.14
CA HIS C 70 7.28 -5.03 23.81
C HIS C 70 6.73 -6.27 23.12
N ALA C 71 6.49 -7.36 23.87
CA ALA C 71 5.87 -8.54 23.28
C ALA C 71 4.51 -8.21 22.68
N CYS C 72 3.70 -7.44 23.39
CA CYS C 72 2.42 -7.01 22.83
C CYS C 72 2.62 -6.32 21.49
N PHE C 73 3.55 -5.35 21.44
CA PHE C 73 3.79 -4.64 20.19
C PHE C 73 4.18 -5.60 19.08
N LEU C 74 5.07 -6.55 19.37
CA LEU C 74 5.53 -7.50 18.37
C LEU C 74 4.43 -8.43 17.90
N LEU C 75 3.36 -8.58 18.66
CA LEU C 75 2.22 -9.37 18.24
C LEU C 75 1.12 -8.54 17.58
N GLY C 76 1.21 -7.22 17.66
CA GLY C 76 0.12 -6.39 17.17
C GLY C 76 -1.03 -6.34 18.15
N VAL C 77 -0.73 -6.40 19.45
CA VAL C 77 -1.72 -6.46 20.51
C VAL C 77 -1.69 -5.14 21.28
N LYS C 78 -2.87 -4.59 21.54
CA LYS C 78 -2.95 -3.37 22.33
C LYS C 78 -2.70 -3.68 23.82
N ALA C 79 -1.83 -2.91 24.46
CA ALA C 79 -1.45 -3.14 25.85
C ALA C 79 -2.21 -2.19 26.77
N VAL C 80 -2.94 -2.74 27.74
CA VAL C 80 -3.67 -1.94 28.74
C VAL C 80 -2.85 -2.01 30.03
N LEU C 81 -2.27 -0.89 30.45
CA LEU C 81 -1.43 -0.84 31.64
C LEU C 81 -2.31 -0.61 32.86
N LEU C 82 -2.28 -1.54 33.80
CA LEU C 82 -3.17 -1.48 34.97
C LEU C 82 -2.41 -1.01 36.20
N ASN C 83 -3.00 -0.05 36.90
CA ASN C 83 -2.50 0.45 38.17
C ASN C 83 -2.58 -0.66 39.22
N THR C 84 -1.43 -1.03 39.80
CA THR C 84 -1.36 -2.17 40.71
C THR C 84 -1.98 -1.88 42.07
N LYS C 85 -2.22 -0.62 42.40
CA LYS C 85 -2.83 -0.28 43.68
C LYS C 85 -4.36 -0.29 43.62
N LEU C 86 -4.96 -0.45 42.45
CA LEU C 86 -6.41 -0.51 42.36
C LEU C 86 -6.97 -1.72 43.09
N SER C 87 -8.19 -1.57 43.62
CA SER C 87 -8.93 -2.69 44.14
C SER C 87 -9.36 -3.60 42.99
N THR C 88 -9.74 -4.82 43.36
CA THR C 88 -10.31 -5.76 42.38
C THR C 88 -11.45 -5.11 41.61
N HIS C 89 -12.35 -4.47 42.34
CA HIS C 89 -13.50 -3.79 41.77
C HIS C 89 -13.09 -2.80 40.68
N GLU C 90 -12.08 -1.98 40.96
CA GLU C 90 -11.64 -0.98 39.99
C GLU C 90 -10.97 -1.64 38.78
N ARG C 91 -10.16 -2.67 39.02
CA ARG C 91 -9.51 -3.37 37.91
C ARG C 91 -10.56 -4.05 37.04
N LEU C 92 -11.57 -4.67 37.65
CA LEU C 92 -12.57 -5.40 36.86
C LEU C 92 -13.22 -4.47 35.84
N PHE C 93 -13.55 -3.24 36.25
CA PHE C 93 -14.19 -2.32 35.33
C PHE C 93 -13.28 -2.03 34.14
N GLN C 94 -11.99 -1.82 34.40
CA GLN C 94 -11.05 -1.49 33.34
C GLN C 94 -10.81 -2.68 32.43
N LEU C 95 -10.78 -3.89 32.99
CA LEU C 95 -10.67 -5.09 32.15
C LEU C 95 -11.87 -5.19 31.21
N GLU C 96 -13.08 -4.95 31.73
CA GLU C 96 -14.27 -5.06 30.90
C GLU C 96 -14.37 -3.90 29.93
N ASP C 97 -14.16 -2.67 30.40
CA ASP C 97 -14.31 -1.51 29.54
C ASP C 97 -13.30 -1.52 28.39
N SER C 98 -12.09 -2.01 28.65
CA SER C 98 -11.03 -1.98 27.65
C SER C 98 -11.21 -3.05 26.57
N GLY C 99 -12.11 -4.01 26.78
CA GLY C 99 -12.21 -5.14 25.89
C GLY C 99 -11.03 -6.08 25.95
N SER C 100 -10.29 -6.07 27.05
CA SER C 100 -9.16 -6.99 27.21
C SER C 100 -9.62 -8.44 27.09
N GLY C 101 -8.82 -9.25 26.41
CA GLY C 101 -9.08 -10.68 26.37
C GLY C 101 -8.11 -11.45 27.24
N PHE C 102 -7.05 -10.80 27.68
CA PHE C 102 -6.00 -11.46 28.44
C PHE C 102 -5.53 -10.54 29.55
N LEU C 103 -5.02 -11.16 30.62
CA LEU C 103 -4.37 -10.44 31.71
C LEU C 103 -3.01 -11.08 31.96
N LEU C 104 -1.95 -10.29 31.79
CA LEU C 104 -0.59 -10.77 32.01
C LEU C 104 -0.15 -10.29 33.37
N THR C 105 0.10 -11.22 34.29
CA THR C 105 0.35 -10.80 35.67
C THR C 105 1.29 -11.83 36.30
N ASP C 106 1.39 -11.84 37.63
CA ASP C 106 2.25 -12.81 38.29
C ASP C 106 1.57 -13.28 39.58
N SER C 107 2.27 -14.15 40.31
CA SER C 107 1.68 -14.77 41.51
C SER C 107 1.53 -13.80 42.67
N SER C 108 2.10 -12.59 42.60
CA SER C 108 1.90 -11.62 43.67
C SER C 108 0.55 -10.91 43.57
N PHE C 109 -0.22 -11.18 42.52
CA PHE C 109 -1.59 -10.72 42.38
C PHE C 109 -2.53 -11.92 42.33
N GLU C 110 -3.78 -11.73 42.74
CA GLU C 110 -4.73 -12.85 42.84
C GLU C 110 -5.48 -13.00 41.51
N LYS C 111 -4.95 -13.88 40.66
CA LYS C 111 -5.42 -13.97 39.28
C LYS C 111 -6.83 -14.55 39.19
N LYS C 112 -7.27 -15.34 40.19
CA LYS C 112 -8.56 -16.04 40.08
C LYS C 112 -9.73 -15.07 40.02
N GLU C 113 -9.60 -13.90 40.63
CA GLU C 113 -10.70 -12.93 40.64
C GLU C 113 -11.03 -12.39 39.25
N TYR C 114 -10.17 -12.64 38.26
CA TYR C 114 -10.37 -12.10 36.92
C TYR C 114 -10.69 -13.15 35.88
N GLU C 115 -10.60 -14.44 36.25
CA GLU C 115 -10.72 -15.53 35.29
C GLU C 115 -12.03 -15.51 34.52
N HIS C 116 -13.10 -14.98 35.10
CA HIS C 116 -14.39 -15.05 34.43
C HIS C 116 -14.50 -14.07 33.27
N ILE C 117 -13.57 -13.12 33.15
CA ILE C 117 -13.70 -12.05 32.17
C ILE C 117 -12.52 -12.08 31.21
N VAL C 118 -11.36 -12.57 31.65
CA VAL C 118 -10.18 -12.66 30.80
C VAL C 118 -9.45 -13.98 31.06
N GLN C 119 -8.65 -14.38 30.08
CA GLN C 119 -7.70 -15.46 30.28
C GLN C 119 -6.47 -14.91 31.00
N THR C 120 -6.18 -15.42 32.19
CA THR C 120 -5.06 -14.92 32.95
C THR C 120 -3.82 -15.74 32.63
N ILE C 121 -2.67 -15.05 32.56
CA ILE C 121 -1.40 -15.65 32.21
C ILE C 121 -0.37 -15.19 33.22
N ASP C 122 0.34 -16.13 33.83
CA ASP C 122 1.43 -15.81 34.72
C ASP C 122 2.70 -15.65 33.89
N VAL C 123 3.29 -14.45 33.92
CA VAL C 123 4.44 -14.17 33.04
C VAL C 123 5.63 -15.06 33.39
N ASP C 124 5.79 -15.41 34.67
CA ASP C 124 6.93 -16.22 35.09
C ASP C 124 6.78 -17.65 34.62
N GLU C 125 5.57 -18.21 34.70
CA GLU C 125 5.33 -19.54 34.16
C GLU C 125 5.39 -19.51 32.63
N LEU C 126 4.92 -18.43 32.05
CA LEU C 126 4.93 -18.27 30.59
C LEU C 126 6.34 -18.39 30.03
N MET C 127 7.31 -17.74 30.66
CA MET C 127 8.66 -17.71 30.14
C MET C 127 9.37 -19.04 30.26
N LYS C 128 8.78 -20.01 30.95
CA LYS C 128 9.38 -21.34 31.04
C LYS C 128 8.92 -22.28 29.93
N GLU C 129 7.97 -21.86 29.10
CA GLU C 129 7.34 -22.75 28.14
C GLU C 129 8.03 -22.71 26.79
N ALA C 130 8.10 -23.86 26.14
CA ALA C 130 8.55 -23.92 24.75
C ALA C 130 7.39 -23.57 23.83
N ALA C 131 7.67 -22.79 22.80
CA ALA C 131 6.66 -22.38 21.84
C ALA C 131 7.27 -22.32 20.45
N GLU C 132 6.43 -22.54 19.44
CA GLU C 132 6.86 -22.39 18.06
C GLU C 132 7.26 -20.94 17.78
N GLU C 133 8.27 -20.76 16.94
CA GLU C 133 8.65 -19.40 16.56
C GLU C 133 7.62 -18.80 15.60
N ILE C 134 7.48 -17.47 15.65
CA ILE C 134 6.52 -16.75 14.83
C ILE C 134 7.25 -15.66 14.06
N GLU C 135 6.55 -15.14 13.05
CA GLU C 135 6.95 -13.91 12.38
C GLU C 135 6.37 -12.72 13.15
N ILE C 136 7.26 -11.88 13.69
CA ILE C 136 6.78 -10.74 14.46
C ILE C 136 6.13 -9.70 13.55
N GLU C 137 5.36 -8.82 14.17
CA GLU C 137 4.95 -7.58 13.52
C GLU C 137 6.17 -6.68 13.41
N ALA C 138 6.75 -6.60 12.22
CA ALA C 138 8.00 -5.87 12.04
C ALA C 138 7.80 -4.36 11.98
N TYR C 139 6.56 -3.89 11.85
CA TYR C 139 6.28 -2.46 11.71
C TYR C 139 5.28 -2.03 12.75
N MET C 140 5.44 -0.79 13.21
CA MET C 140 4.44 -0.13 14.04
C MET C 140 3.66 0.84 13.15
N GLN C 141 2.33 0.72 13.19
CA GLN C 141 1.49 1.65 12.46
C GLN C 141 1.33 2.92 13.28
N MET C 142 1.67 4.07 12.69
CA MET C 142 1.77 5.29 13.49
C MET C 142 0.44 5.65 14.13
N ASP C 143 -0.67 5.38 13.45
CA ASP C 143 -1.98 5.75 13.98
C ASP C 143 -2.68 4.62 14.72
N ALA C 144 -2.04 3.46 14.88
CA ALA C 144 -2.63 2.39 15.67
C ALA C 144 -2.48 2.68 17.16
N THR C 145 -3.48 2.29 17.94
CA THR C 145 -3.34 2.41 19.39
C THR C 145 -2.32 1.41 19.90
N ALA C 146 -1.28 1.91 20.58
CA ALA C 146 -0.25 1.09 21.18
C ALA C 146 -0.62 0.65 22.59
N THR C 147 -1.06 1.61 23.41
CA THR C 147 -1.27 1.41 24.83
C THR C 147 -2.52 2.17 25.27
N LEU C 148 -3.16 1.65 26.29
CA LEU C 148 -4.37 2.24 26.87
C LEU C 148 -4.08 2.46 28.34
N MET C 149 -4.32 3.67 28.85
CA MET C 149 -4.16 3.98 30.26
C MET C 149 -5.41 4.69 30.73
N TYR C 150 -5.91 4.30 31.90
CA TYR C 150 -7.13 4.86 32.45
C TYR C 150 -6.85 6.09 33.32
N THR C 151 -7.65 7.13 33.12
CA THR C 151 -7.48 8.38 33.86
C THR C 151 -8.80 9.15 33.75
N SER C 152 -8.82 10.34 34.33
CA SER C 152 -9.88 11.33 34.11
C SER C 152 -11.27 10.79 34.44
N GLY C 153 -11.40 10.23 35.65
CA GLY C 153 -12.68 9.77 36.14
C GLY C 153 -13.50 10.89 36.73
N THR C 154 -13.54 12.05 36.05
CA THR C 154 -14.21 13.21 36.62
C THR C 154 -15.71 13.01 36.77
N THR C 155 -16.31 12.05 36.08
CA THR C 155 -17.73 11.77 36.27
C THR C 155 -17.95 10.55 37.15
N GLY C 156 -16.90 9.94 37.68
CA GLY C 156 -17.04 8.75 38.48
C GLY C 156 -16.25 7.57 37.94
N LYS C 157 -16.40 7.28 36.65
CA LYS C 157 -15.69 6.17 36.02
C LYS C 157 -14.53 6.70 35.18
N PRO C 158 -13.37 6.03 35.22
CA PRO C 158 -12.24 6.49 34.41
C PRO C 158 -12.45 6.23 32.93
N LYS C 159 -11.61 6.89 32.14
CA LYS C 159 -11.64 6.81 30.69
C LYS C 159 -10.31 6.25 30.21
N GLY C 160 -10.37 5.34 29.25
CA GLY C 160 -9.16 4.79 28.68
C GLY C 160 -8.58 5.69 27.60
N VAL C 161 -7.34 6.13 27.79
CA VAL C 161 -6.66 7.00 26.83
C VAL C 161 -5.96 6.15 25.79
N GLN C 162 -6.30 6.34 24.52
CA GLN C 162 -5.66 5.60 23.43
C GLN C 162 -4.40 6.35 22.99
N GLN C 163 -3.25 5.77 23.29
CA GLN C 163 -1.96 6.35 22.98
C GLN C 163 -1.39 5.59 21.79
N THR C 164 -1.17 6.29 20.68
CA THR C 164 -0.70 5.63 19.47
C THR C 164 0.83 5.50 19.47
N PHE C 165 1.33 4.62 18.59
CA PHE C 165 2.77 4.57 18.38
C PHE C 165 3.31 5.92 17.96
N GLY C 166 2.59 6.62 17.07
CA GLY C 166 2.98 7.97 16.70
C GLY C 166 3.07 8.91 17.90
N ASN C 167 2.07 8.87 18.78
CA ASN C 167 2.11 9.69 20.00
C ASN C 167 3.40 9.46 20.77
N HIS C 168 3.75 8.19 21.00
CA HIS C 168 4.93 7.87 21.79
C HIS C 168 6.20 8.27 21.07
N TYR C 169 6.24 8.10 19.75
CA TYR C 169 7.42 8.53 19.00
C TYR C 169 7.60 10.04 19.11
N PHE C 170 6.51 10.80 18.90
CA PHE C 170 6.68 12.25 18.90
C PHE C 170 6.94 12.78 20.30
N SER C 171 6.35 12.17 21.33
CA SER C 171 6.73 12.54 22.69
C SER C 171 8.24 12.40 22.91
N ALA C 172 8.79 11.24 22.51
CA ALA C 172 10.21 11.01 22.74
C ALA C 172 11.07 11.99 21.95
N VAL C 173 10.71 12.22 20.68
CA VAL C 173 11.51 13.11 19.84
C VAL C 173 11.42 14.54 20.37
N SER C 174 10.21 15.01 20.69
CA SER C 174 10.09 16.38 21.19
C SER C 174 10.87 16.58 22.49
N SER C 175 10.83 15.59 23.38
CA SER C 175 11.64 15.72 24.61
C SER C 175 13.14 15.75 24.30
N ALA C 176 13.60 14.93 23.35
CA ALA C 176 15.03 14.93 23.00
C ALA C 176 15.46 16.29 22.45
N LEU C 177 14.62 16.90 21.62
CA LEU C 177 14.94 18.22 21.08
C LEU C 177 15.03 19.25 22.19
N ASN C 178 14.29 19.05 23.29
CA ASN C 178 14.32 20.01 24.39
C ASN C 178 15.50 19.80 25.30
N LEU C 179 15.76 18.54 25.69
CA LEU C 179 16.76 18.22 26.70
C LEU C 179 18.11 17.89 26.10
N GLY C 180 18.18 17.64 24.81
CA GLY C 180 19.37 17.09 24.22
C GLY C 180 19.50 15.60 24.52
N ILE C 181 20.33 14.93 23.74
CA ILE C 181 20.55 13.50 23.91
C ILE C 181 22.00 13.22 23.59
N THR C 182 22.64 12.38 24.42
CA THR C 182 24.00 11.95 24.16
C THR C 182 24.11 10.47 24.49
N GLU C 183 25.15 9.83 23.96
CA GLU C 183 25.34 8.40 24.16
C GLU C 183 25.53 8.05 25.64
N GLN C 184 26.07 8.98 26.45
CA GLN C 184 26.32 8.69 27.85
C GLN C 184 25.08 8.80 28.72
N ASP C 185 23.97 9.27 28.19
CA ASP C 185 22.77 9.44 29.01
C ASP C 185 22.21 8.11 29.47
N ARG C 186 21.79 8.08 30.74
CA ARG C 186 21.08 6.96 31.36
C ARG C 186 19.97 7.54 32.20
N TRP C 187 18.78 6.96 32.10
CA TRP C 187 17.58 7.51 32.73
C TRP C 187 17.09 6.55 33.82
N LEU C 188 16.88 7.06 35.03
CA LEU C 188 16.46 6.22 36.14
C LEU C 188 14.96 6.38 36.38
N ILE C 189 14.26 5.25 36.41
CA ILE C 189 12.82 5.22 36.54
C ILE C 189 12.48 4.44 37.81
N ALA C 190 11.97 5.15 38.81
CA ALA C 190 11.57 4.55 40.08
C ALA C 190 10.13 4.90 40.43
N LEU C 191 9.36 5.25 39.39
CA LEU C 191 7.94 5.53 39.46
C LEU C 191 7.23 4.60 38.48
N PRO C 192 5.95 4.30 38.71
CA PRO C 192 5.34 3.12 38.07
C PRO C 192 5.36 3.17 36.56
N LEU C 193 5.67 2.02 35.95
CA LEU C 193 5.60 1.87 34.50
C LEU C 193 4.18 1.85 33.97
N PHE C 194 3.18 1.69 34.84
CA PHE C 194 1.80 1.80 34.36
C PHE C 194 1.33 3.24 34.26
N HIS C 195 2.12 4.20 34.73
CA HIS C 195 1.89 5.60 34.40
C HIS C 195 2.76 5.97 33.19
N ILE C 196 2.33 6.99 32.44
CA ILE C 196 3.15 7.35 31.27
C ILE C 196 4.46 8.00 31.70
N SER C 197 4.52 8.49 32.93
CA SER C 197 5.77 8.96 33.49
C SER C 197 6.86 7.90 33.43
N GLY C 198 6.50 6.66 33.78
CA GLY C 198 7.45 5.55 33.73
C GLY C 198 7.52 4.95 32.36
N LEU C 199 6.35 4.68 31.78
CA LEU C 199 6.32 3.94 30.53
C LEU C 199 7.02 4.69 29.39
N SER C 200 6.87 6.03 29.35
CA SER C 200 7.50 6.80 28.27
C SER C 200 9.02 6.56 28.20
N ALA C 201 9.68 6.33 29.34
CA ALA C 201 11.12 6.08 29.31
C ALA C 201 11.47 4.83 28.50
N LEU C 202 10.57 3.83 28.45
CA LEU C 202 10.86 2.64 27.66
C LEU C 202 10.90 2.94 26.18
N PHE C 203 10.09 3.92 25.75
CA PHE C 203 10.06 4.29 24.35
C PHE C 203 11.23 5.20 24.02
N LYS C 204 11.56 6.13 24.92
CA LYS C 204 12.81 6.87 24.78
C LYS C 204 14.00 5.92 24.67
N SER C 205 14.00 4.88 25.50
CA SER C 205 15.11 3.92 25.50
C SER C 205 15.36 3.35 24.11
N VAL C 206 14.32 2.80 23.47
CA VAL C 206 14.60 2.14 22.20
C VAL C 206 14.80 3.15 21.06
N ILE C 207 14.10 4.30 21.12
CA ILE C 207 14.24 5.29 20.05
C ILE C 207 15.59 5.97 20.13
N TYR C 208 16.03 6.34 21.33
CA TYR C 208 17.34 6.99 21.49
C TYR C 208 18.47 5.99 21.48
N GLY C 209 18.22 4.76 21.90
CA GLY C 209 19.28 3.82 22.24
C GLY C 209 19.89 4.15 23.59
N MET C 210 19.03 4.34 24.59
CA MET C 210 19.40 4.87 25.90
C MET C 210 19.07 3.87 27.00
N THR C 211 20.02 3.64 27.91
CA THR C 211 19.82 2.74 29.04
C THR C 211 18.80 3.33 30.01
N VAL C 212 17.83 2.52 30.42
CA VAL C 212 16.96 2.83 31.54
C VAL C 212 17.40 2.01 32.74
N VAL C 213 17.59 2.68 33.87
CA VAL C 213 17.85 2.03 35.16
C VAL C 213 16.51 1.95 35.87
N LEU C 214 15.99 0.74 36.05
CA LEU C 214 14.63 0.52 36.55
C LEU C 214 14.66 0.10 38.01
N HIS C 215 13.88 0.79 38.85
CA HIS C 215 13.63 0.38 40.22
C HIS C 215 12.17 -0.06 40.42
N GLN C 216 11.94 -1.05 41.28
CA GLN C 216 10.57 -1.49 41.50
C GLN C 216 9.82 -0.53 42.41
N ARG C 217 10.50 -0.02 43.44
CA ARG C 217 9.91 0.94 44.37
C ARG C 217 10.82 2.15 44.43
N PHE C 218 10.32 3.23 45.03
CA PHE C 218 11.10 4.44 45.26
C PHE C 218 11.65 4.41 46.67
N SER C 219 12.97 4.33 46.79
CA SER C 219 13.68 4.50 48.05
C SER C 219 14.82 5.47 47.78
N VAL C 220 14.89 6.55 48.55
CA VAL C 220 15.86 7.61 48.28
C VAL C 220 17.27 7.05 48.33
N SER C 221 17.59 6.27 49.36
CA SER C 221 18.94 5.76 49.52
C SER C 221 19.31 4.78 48.41
N ASP C 222 18.39 3.88 48.05
CA ASP C 222 18.65 3.00 46.91
C ASP C 222 18.84 3.81 45.64
N VAL C 223 18.04 4.85 45.44
CA VAL C 223 18.16 5.70 44.26
C VAL C 223 19.51 6.41 44.23
N LEU C 224 19.96 6.92 45.39
CA LEU C 224 21.26 7.58 45.41
C LEU C 224 22.39 6.60 45.12
N HIS C 225 22.32 5.40 45.70
CA HIS C 225 23.33 4.37 45.39
C HIS C 225 23.31 4.01 43.92
N SER C 226 22.11 3.85 43.35
CA SER C 226 21.99 3.45 41.96
C SER C 226 22.53 4.52 41.01
N ILE C 227 22.23 5.79 41.29
CA ILE C 227 22.78 6.90 40.50
C ILE C 227 24.30 6.85 40.49
N ASN C 228 24.91 6.60 41.65
N ASN C 228 24.89 6.65 41.66
CA ASN C 228 26.36 6.57 41.71
CA ASN C 228 26.34 6.53 41.77
C ASN C 228 26.94 5.30 41.10
C ASN C 228 26.87 5.34 41.02
N ARG C 229 26.27 4.17 41.26
CA ARG C 229 26.77 2.94 40.68
C ARG C 229 26.69 2.97 39.16
N HIS C 230 25.61 3.52 38.62
CA HIS C 230 25.33 3.37 37.20
C HIS C 230 25.51 4.67 36.41
N GLU C 231 26.04 5.72 37.04
CA GLU C 231 26.29 7.01 36.39
C GLU C 231 25.03 7.53 35.69
N VAL C 232 23.92 7.51 36.42
CA VAL C 232 22.67 8.03 35.92
C VAL C 232 22.78 9.52 35.64
N THR C 233 22.24 9.95 34.49
CA THR C 233 22.23 11.37 34.14
C THR C 233 20.85 12.00 34.15
N MET C 234 19.79 11.21 34.02
CA MET C 234 18.42 11.71 33.95
C MET C 234 17.56 10.97 34.96
N ILE C 235 16.57 11.65 35.52
CA ILE C 235 15.66 10.96 36.44
C ILE C 235 14.32 11.68 36.41
N SER C 236 13.24 10.90 36.51
CA SER C 236 11.89 11.45 36.56
C SER C 236 11.36 11.41 37.99
N ALA C 237 10.56 12.42 38.34
CA ALA C 237 10.09 12.51 39.70
C ALA C 237 8.77 13.26 39.77
N VAL C 238 7.99 12.94 40.79
CA VAL C 238 6.92 13.81 41.24
C VAL C 238 7.42 14.55 42.49
N GLN C 239 6.70 15.60 42.89
CA GLN C 239 7.28 16.52 43.86
C GLN C 239 7.52 15.85 45.21
N THR C 240 6.69 14.88 45.58
CA THR C 240 6.93 14.13 46.81
C THR C 240 8.28 13.41 46.74
N MET C 241 8.64 12.88 45.57
CA MET C 241 9.92 12.20 45.43
C MET C 241 11.09 13.17 45.53
N LEU C 242 10.95 14.33 44.87
CA LEU C 242 11.95 15.38 44.96
C LEU C 242 12.14 15.85 46.39
N ALA C 243 11.03 16.05 47.10
CA ALA C 243 11.10 16.46 48.50
C ALA C 243 11.86 15.43 49.34
N SER C 244 11.62 14.14 49.07
CA SER C 244 12.30 13.08 49.80
C SER C 244 13.79 13.05 49.46
N LEU C 245 14.14 13.31 48.20
CA LEU C 245 15.54 13.40 47.81
C LEU C 245 16.26 14.51 48.57
N LEU C 246 15.63 15.70 48.64
CA LEU C 246 16.25 16.83 49.31
C LEU C 246 16.32 16.63 50.81
N GLU C 247 15.37 15.88 51.40
CA GLU C 247 15.45 15.58 52.83
C GLU C 247 16.63 14.67 53.16
N GLU C 248 17.14 13.94 52.17
CA GLU C 248 18.24 13.02 52.39
C GLU C 248 19.59 13.69 52.16
N THR C 249 19.72 14.55 51.15
CA THR C 249 21.01 15.08 50.78
C THR C 249 20.92 16.57 50.45
N ASN C 250 21.94 17.33 50.88
CA ASN C 250 22.06 18.73 50.50
C ASN C 250 22.67 18.92 49.11
N ARG C 251 23.19 17.87 48.48
CA ARG C 251 23.87 18.01 47.20
C ARG C 251 23.33 17.02 46.19
N CYS C 252 23.20 17.49 44.97
CA CYS C 252 22.76 16.63 43.89
C CYS C 252 23.94 15.82 43.35
N PRO C 253 23.77 14.52 43.11
CA PRO C 253 24.84 13.74 42.48
C PRO C 253 25.33 14.39 41.20
N GLU C 254 26.66 14.36 41.00
CA GLU C 254 27.27 15.15 39.95
C GLU C 254 26.83 14.70 38.55
N SER C 255 26.54 13.41 38.37
CA SER C 255 26.20 12.95 37.02
C SER C 255 24.82 13.39 36.58
N ILE C 256 23.95 13.81 37.50
CA ILE C 256 22.58 14.15 37.15
C ILE C 256 22.56 15.51 36.47
N ARG C 257 22.07 15.55 35.23
CA ARG C 257 21.90 16.79 34.49
C ARG C 257 20.44 17.19 34.33
N CYS C 258 19.50 16.31 34.64
N CYS C 258 19.50 16.29 34.60
CA CYS C 258 18.09 16.60 34.45
CA CYS C 258 18.08 16.59 34.42
C CYS C 258 17.27 15.78 35.44
C CYS C 258 17.26 15.78 35.41
N ILE C 259 16.52 16.48 36.27
CA ILE C 259 15.47 15.89 37.09
C ILE C 259 14.17 16.35 36.45
N LEU C 260 13.48 15.43 35.76
CA LEU C 260 12.24 15.79 35.07
C LEU C 260 11.11 15.71 36.09
N LEU C 261 10.57 16.85 36.48
CA LEU C 261 9.54 16.93 37.50
C LEU C 261 8.19 17.10 36.84
N GLY C 262 7.24 16.23 37.19
CA GLY C 262 5.92 16.28 36.58
C GLY C 262 4.88 15.78 37.55
N GLY C 263 3.64 15.74 37.07
CA GLY C 263 2.58 15.02 37.73
C GLY C 263 1.82 15.80 38.78
N GLY C 264 1.96 17.12 38.81
CA GLY C 264 1.19 17.95 39.69
C GLY C 264 1.99 19.12 40.20
N PRO C 265 1.35 20.01 40.95
CA PRO C 265 2.04 21.22 41.42
C PRO C 265 3.10 20.91 42.49
N ALA C 266 4.18 21.70 42.46
CA ALA C 266 5.18 21.57 43.49
C ALA C 266 5.18 22.80 44.39
N PRO C 267 5.42 22.64 45.69
CA PRO C 267 5.56 23.81 46.55
C PRO C 267 6.71 24.67 46.07
N LEU C 268 6.48 25.98 46.03
CA LEU C 268 7.52 26.89 45.57
C LEU C 268 8.78 26.86 46.43
N PRO C 269 8.70 26.76 47.76
CA PRO C 269 9.96 26.65 48.54
C PRO C 269 10.78 25.43 48.15
N LEU C 270 10.13 24.34 47.75
CA LEU C 270 10.89 23.17 47.29
C LEU C 270 11.66 23.51 46.01
N LEU C 271 11.02 24.16 45.05
CA LEU C 271 11.71 24.53 43.82
C LEU C 271 12.84 25.52 44.09
N GLU C 272 12.63 26.46 45.01
CA GLU C 272 13.68 27.42 45.32
C GLU C 272 14.87 26.73 45.98
N GLU C 273 14.61 25.79 46.89
CA GLU C 273 15.69 25.04 47.51
C GLU C 273 16.47 24.22 46.48
N CYS C 274 15.76 23.57 45.55
CA CYS C 274 16.46 22.85 44.48
C CYS C 274 17.39 23.76 43.70
N ARG C 275 16.89 24.92 43.28
CA ARG C 275 17.73 25.84 42.52
C ARG C 275 18.90 26.32 43.36
N GLU C 276 18.65 26.62 44.63
CA GLU C 276 19.72 27.10 45.51
C GLU C 276 20.85 26.07 45.61
N LYS C 277 20.48 24.82 45.82
CA LYS C 277 21.45 23.77 46.11
C LYS C 277 21.93 23.06 44.86
N GLY C 278 21.55 23.51 43.68
CA GLY C 278 22.09 22.99 42.44
C GLY C 278 21.44 21.74 41.89
N PHE C 279 20.21 21.46 42.28
CA PHE C 279 19.47 20.33 41.69
C PHE C 279 18.86 20.78 40.36
N PRO C 280 19.19 20.17 39.29
CA PRO C 280 18.73 20.66 37.96
C PRO C 280 17.31 20.21 37.62
N VAL C 281 16.34 20.86 38.26
CA VAL C 281 14.95 20.49 38.14
C VAL C 281 14.32 21.16 36.92
N PHE C 282 13.73 20.34 36.05
CA PHE C 282 12.97 20.78 34.88
C PHE C 282 11.50 20.55 35.20
N GLN C 283 10.81 21.59 35.67
CA GLN C 283 9.38 21.46 35.90
C GLN C 283 8.67 21.25 34.56
N SER C 284 7.60 20.45 34.59
CA SER C 284 6.90 20.14 33.36
C SER C 284 5.41 20.02 33.62
N TYR C 285 4.64 20.15 32.54
CA TYR C 285 3.19 19.98 32.57
C TYR C 285 2.85 18.96 31.51
N GLY C 286 2.13 17.94 31.89
CA GLY C 286 1.84 16.83 31.00
C GLY C 286 0.81 15.94 31.65
N MET C 287 0.25 15.05 30.85
CA MET C 287 -0.81 14.20 31.35
C MET C 287 -0.83 12.92 30.53
N THR C 288 -1.60 11.94 31.02
CA THR C 288 -1.86 10.72 30.26
C THR C 288 -2.26 11.04 28.82
N GLU C 289 -3.15 12.03 28.65
CA GLU C 289 -3.71 12.38 27.36
C GLU C 289 -2.69 13.02 26.41
N THR C 290 -1.58 13.54 26.92
CA THR C 290 -0.51 14.05 26.06
C THR C 290 0.68 13.11 26.02
N CYS C 291 0.53 11.88 26.52
CA CYS C 291 1.57 10.85 26.50
C CYS C 291 2.86 11.32 27.17
N SER C 292 2.72 12.07 28.27
CA SER C 292 3.71 12.66 29.16
C SER C 292 3.86 14.14 28.85
N GLN C 293 5.04 14.71 29.11
CA GLN C 293 5.23 16.16 29.09
C GLN C 293 4.76 16.80 27.78
N ILE C 294 4.16 17.99 27.89
CA ILE C 294 3.92 18.81 26.70
C ILE C 294 4.43 20.22 26.86
N VAL C 295 4.71 20.67 28.07
CA VAL C 295 5.30 21.97 28.36
C VAL C 295 6.37 21.75 29.43
N THR C 296 7.59 22.31 29.25
CA THR C 296 8.67 22.08 30.21
C THR C 296 9.50 23.34 30.45
N LEU C 297 10.01 23.49 31.68
CA LEU C 297 10.67 24.72 32.15
C LEU C 297 12.12 24.45 32.52
N SER C 298 13.06 25.12 31.84
CA SER C 298 14.49 24.89 32.08
C SER C 298 14.93 25.51 33.42
N PRO C 299 15.97 24.94 34.05
CA PRO C 299 16.44 25.53 35.32
C PRO C 299 16.88 26.98 35.19
N GLU C 300 17.31 27.41 34.00
CA GLU C 300 17.76 28.78 33.81
C GLU C 300 16.65 29.80 33.98
N PHE C 301 15.39 29.39 33.81
CA PHE C 301 14.25 30.27 34.02
C PHE C 301 13.48 29.97 35.30
N SER C 302 13.96 29.03 36.11
CA SER C 302 13.13 28.46 37.16
C SER C 302 12.87 29.43 38.31
N MET C 303 13.74 30.41 38.52
CA MET C 303 13.49 31.43 39.53
C MET C 303 12.85 32.69 38.94
N GLU C 304 13.28 33.10 37.74
CA GLU C 304 12.62 34.22 37.06
C GLU C 304 11.16 33.88 36.75
N LYS C 305 10.90 32.63 36.38
CA LYS C 305 9.55 32.17 36.07
C LYS C 305 9.06 31.21 37.15
N LEU C 306 9.45 31.45 38.40
CA LEU C 306 9.08 30.55 39.48
C LEU C 306 7.56 30.45 39.56
N GLY C 307 7.06 29.22 39.46
CA GLY C 307 5.64 28.97 39.35
C GLY C 307 5.18 28.53 37.98
N SER C 308 6.05 28.59 36.98
CA SER C 308 5.73 28.27 35.59
C SER C 308 6.10 26.83 35.24
N ALA C 309 5.32 26.24 34.34
CA ALA C 309 5.61 24.93 33.76
C ALA C 309 6.45 25.02 32.50
N GLY C 310 6.74 26.23 32.03
CA GLY C 310 7.61 26.42 30.90
C GLY C 310 6.89 26.74 29.61
N LYS C 311 7.49 26.29 28.52
CA LYS C 311 7.03 26.53 27.17
CA LYS C 311 7.04 26.53 27.16
C LYS C 311 6.73 25.21 26.47
N PRO C 312 5.84 25.21 25.48
CA PRO C 312 5.50 23.96 24.80
C PRO C 312 6.72 23.35 24.11
N LEU C 313 6.77 22.02 24.11
CA LEU C 313 7.82 21.31 23.38
C LEU C 313 7.68 21.56 21.88
N PHE C 314 8.78 21.37 21.15
CA PHE C 314 8.74 21.52 19.70
C PHE C 314 7.67 20.61 19.10
N SER C 315 6.95 21.14 18.11
CA SER C 315 5.82 20.54 17.41
C SER C 315 4.52 20.69 18.22
N CYS C 316 4.57 21.08 19.49
CA CYS C 316 3.39 21.16 20.34
C CYS C 316 2.93 22.60 20.49
N GLU C 317 1.68 22.75 20.93
CA GLU C 317 1.06 24.06 21.08
C GLU C 317 0.17 24.08 22.30
N ILE C 318 0.03 25.28 22.89
CA ILE C 318 -0.89 25.52 24.00
C ILE C 318 -1.54 26.88 23.81
N LYS C 319 -2.76 26.99 24.32
CA LYS C 319 -3.46 28.27 24.32
C LYS C 319 -4.39 28.27 25.51
N ILE C 320 -4.82 29.45 25.89
CA ILE C 320 -5.72 29.65 27.03
C ILE C 320 -7.01 30.22 26.49
N GLU C 321 -8.15 29.57 26.78
CA GLU C 321 -9.44 30.06 26.32
C GLU C 321 -10.46 30.12 27.44
N ARG C 322 -11.31 31.14 27.43
CA ARG C 322 -12.48 31.19 28.31
C ARG C 322 -13.71 31.22 27.44
N ASP C 323 -14.56 30.20 27.57
CA ASP C 323 -15.81 30.10 26.82
C ASP C 323 -15.61 30.37 25.33
N GLY C 324 -14.54 29.79 24.77
CA GLY C 324 -14.29 29.90 23.36
C GLY C 324 -13.53 31.14 22.92
N GLN C 325 -13.22 32.05 23.83
CA GLN C 325 -12.43 33.25 23.52
C GLN C 325 -11.02 33.07 24.03
N VAL C 326 -10.03 33.21 23.15
CA VAL C 326 -8.65 33.10 23.57
C VAL C 326 -8.32 34.26 24.52
N CYS C 327 -7.56 33.97 25.55
CA CYS C 327 -7.31 34.94 26.62
C CYS C 327 -6.05 35.74 26.32
N GLU C 328 -6.02 36.96 26.85
CA GLU C 328 -4.83 37.80 26.73
C GLU C 328 -3.81 37.30 27.74
N PRO C 329 -2.56 37.72 27.64
CA PRO C 329 -1.59 37.38 28.69
C PRO C 329 -2.13 37.75 30.06
N TYR C 330 -1.87 36.87 31.02
CA TYR C 330 -2.20 36.94 32.45
C TYR C 330 -3.70 36.76 32.70
N GLU C 331 -4.52 36.64 31.66
CA GLU C 331 -5.94 36.36 31.82
C GLU C 331 -6.17 34.86 31.98
N HIS C 332 -6.85 34.47 33.05
CA HIS C 332 -7.02 33.06 33.38
C HIS C 332 -8.02 32.40 32.43
N GLY C 333 -7.77 31.13 32.12
CA GLY C 333 -8.74 30.39 31.34
C GLY C 333 -8.35 28.94 31.27
N GLU C 334 -9.05 28.18 30.42
CA GLU C 334 -8.78 26.75 30.34
C GLU C 334 -7.57 26.50 29.46
N ILE C 335 -6.69 25.61 29.91
CA ILE C 335 -5.53 25.22 29.14
C ILE C 335 -5.97 24.24 28.07
N MET C 336 -5.61 24.53 26.81
CA MET C 336 -5.91 23.67 25.67
C MET C 336 -4.61 23.37 24.93
N VAL C 337 -4.45 22.11 24.52
CA VAL C 337 -3.17 21.66 23.99
C VAL C 337 -3.39 20.98 22.64
N LYS C 338 -2.33 20.98 21.84
CA LYS C 338 -2.36 20.41 20.51
C LYS C 338 -0.95 19.92 20.19
N GLY C 339 -0.87 18.78 19.51
CA GLY C 339 0.41 18.27 19.10
C GLY C 339 0.34 16.82 18.70
N PRO C 340 1.40 16.33 18.04
CA PRO C 340 1.42 14.93 17.60
C PRO C 340 1.59 13.94 18.73
N ASN C 341 1.83 14.41 19.95
CA ASN C 341 1.84 13.57 21.13
C ASN C 341 0.48 13.47 21.81
N VAL C 342 -0.52 14.25 21.35
CA VAL C 342 -1.84 14.24 21.99
C VAL C 342 -2.62 13.01 21.53
N MET C 343 -3.30 12.37 22.49
CA MET C 343 -3.95 11.07 22.27
C MET C 343 -4.93 11.08 21.10
N LYS C 344 -5.15 9.89 20.53
CA LYS C 344 -6.14 9.72 19.49
C LYS C 344 -7.54 10.13 19.97
N SER C 345 -7.98 9.56 21.08
CA SER C 345 -9.29 9.78 21.65
C SER C 345 -9.38 8.90 22.88
N TYR C 346 -10.37 9.17 23.72
CA TYR C 346 -10.72 8.22 24.76
C TYR C 346 -11.40 7.01 24.13
N PHE C 347 -11.18 5.84 24.72
CA PHE C 347 -11.75 4.60 24.20
C PHE C 347 -13.24 4.51 24.58
N ASN C 348 -14.10 4.38 23.57
CA ASN C 348 -15.54 4.18 23.75
C ASN C 348 -16.14 5.19 24.72
N ARG C 349 -15.89 6.48 24.43
CA ARG C 349 -16.42 7.61 25.18
C ARG C 349 -16.84 8.68 24.17
N GLU C 350 -17.86 8.37 23.37
CA GLU C 350 -18.26 9.25 22.29
C GLU C 350 -18.53 10.66 22.78
N SER C 351 -19.31 10.80 23.85
CA SER C 351 -19.69 12.11 24.36
C SER C 351 -18.50 12.87 24.91
N ALA C 352 -17.62 12.19 25.66
CA ALA C 352 -16.45 12.84 26.21
C ALA C 352 -15.52 13.34 25.12
N ASN C 353 -15.31 12.53 24.08
CA ASN C 353 -14.48 12.95 22.94
C ASN C 353 -15.08 14.16 22.23
N GLU C 354 -16.41 14.18 22.06
CA GLU C 354 -17.02 15.35 21.44
C GLU C 354 -16.80 16.59 22.29
N ALA C 355 -16.89 16.45 23.61
CA ALA C 355 -16.75 17.60 24.50
C ALA C 355 -15.30 18.05 24.62
N SER C 356 -14.36 17.10 24.67
CA SER C 356 -12.97 17.39 25.01
C SER C 356 -12.16 17.95 23.85
N PHE C 357 -12.54 17.67 22.61
CA PHE C 357 -11.81 18.17 21.45
C PHE C 357 -12.61 19.28 20.78
N GLN C 358 -11.90 20.34 20.37
CA GLN C 358 -12.52 21.47 19.69
C GLN C 358 -11.54 21.91 18.60
N ASN C 359 -11.87 21.54 17.36
CA ASN C 359 -11.08 21.91 16.19
C ASN C 359 -9.60 21.55 16.34
N GLY C 360 -9.34 20.30 16.74
CA GLY C 360 -7.99 19.80 16.85
C GLY C 360 -7.33 19.98 18.21
N TRP C 361 -7.88 20.81 19.07
CA TRP C 361 -7.32 21.09 20.38
C TRP C 361 -8.00 20.26 21.45
N LEU C 362 -7.21 19.84 22.44
CA LEU C 362 -7.72 19.06 23.57
C LEU C 362 -7.91 19.97 24.78
N LYS C 363 -9.13 20.00 25.30
CA LYS C 363 -9.40 20.72 26.55
C LYS C 363 -8.91 19.89 27.73
N THR C 364 -8.01 20.46 28.54
CA THR C 364 -7.38 19.71 29.62
C THR C 364 -8.18 19.69 30.90
N GLY C 365 -9.08 20.66 31.09
CA GLY C 365 -9.75 20.82 32.37
C GLY C 365 -8.94 21.56 33.42
N ASP C 366 -7.70 21.94 33.11
CA ASP C 366 -6.88 22.74 34.00
C ASP C 366 -7.04 24.22 33.66
N LEU C 367 -6.87 25.05 34.67
CA LEU C 367 -6.93 26.51 34.54
C LEU C 367 -5.52 27.06 34.60
N GLY C 368 -5.24 28.09 33.79
CA GLY C 368 -3.92 28.67 33.76
C GLY C 368 -3.91 29.98 33.03
N TYR C 369 -2.71 30.53 32.87
CA TYR C 369 -2.52 31.69 32.01
C TYR C 369 -1.14 31.61 31.40
N LEU C 370 -0.93 32.41 30.35
CA LEU C 370 0.38 32.61 29.75
C LEU C 370 0.86 34.00 30.12
N ASP C 371 2.17 34.13 30.37
CA ASP C 371 2.72 35.46 30.59
C ASP C 371 3.04 36.09 29.24
N ASN C 372 3.66 37.27 29.26
CA ASN C 372 3.85 37.99 28.01
C ASN C 372 4.95 37.39 27.14
N GLU C 373 5.72 36.43 27.64
CA GLU C 373 6.69 35.71 26.83
C GLU C 373 6.22 34.31 26.48
N GLY C 374 5.00 33.96 26.83
CA GLY C 374 4.45 32.67 26.46
C GLY C 374 4.70 31.56 27.46
N PHE C 375 5.19 31.87 28.64
CA PHE C 375 5.39 30.85 29.67
C PHE C 375 4.06 30.51 30.32
N LEU C 376 3.84 29.22 30.54
CA LEU C 376 2.59 28.74 31.11
C LEU C 376 2.65 28.73 32.63
N TYR C 377 1.58 29.21 33.25
CA TYR C 377 1.37 29.13 34.69
C TYR C 377 0.09 28.36 34.94
N VAL C 378 0.20 27.19 35.55
CA VAL C 378 -0.96 26.37 35.90
C VAL C 378 -1.48 26.79 37.27
N LEU C 379 -2.78 27.05 37.35
CA LEU C 379 -3.40 27.52 38.58
C LEU C 379 -4.05 26.34 39.28
N ASP C 380 -3.68 26.12 40.55
CA ASP C 380 -4.22 25.01 41.33
C ASP C 380 -5.62 25.42 41.77
N ARG C 381 -6.59 25.21 40.88
CA ARG C 381 -7.96 25.65 41.11
C ARG C 381 -9.00 24.57 40.88
N ARG C 382 -8.63 23.42 40.33
CA ARG C 382 -9.62 22.38 40.08
C ARG C 382 -10.17 21.85 41.39
N SER C 383 -11.47 21.60 41.41
CA SER C 383 -12.09 20.88 42.51
C SER C 383 -12.57 19.50 42.08
N ASP C 384 -12.39 19.13 40.81
CA ASP C 384 -12.80 17.83 40.31
C ASP C 384 -11.63 16.87 40.25
N LEU C 385 -10.46 17.28 40.74
CA LEU C 385 -9.24 16.48 40.73
C LEU C 385 -8.43 16.83 41.98
N ILE C 386 -7.94 15.81 42.66
CA ILE C 386 -7.04 15.93 43.81
C ILE C 386 -5.80 15.13 43.45
N ILE C 387 -4.61 15.71 43.63
CA ILE C 387 -3.37 15.00 43.30
C ILE C 387 -2.60 14.72 44.58
N SER C 388 -2.38 13.44 44.86
CA SER C 388 -1.71 12.98 46.08
C SER C 388 -0.49 12.17 45.65
N GLY C 389 0.70 12.69 45.94
CA GLY C 389 1.92 11.96 45.54
C GLY C 389 1.99 11.63 44.08
N GLY C 390 1.50 12.53 43.22
CA GLY C 390 1.52 12.30 41.80
C GLY C 390 0.43 11.37 41.31
N GLU C 391 -0.47 10.95 42.19
CA GLU C 391 -1.58 10.07 41.83
C GLU C 391 -2.86 10.89 41.76
N ASN C 392 -3.54 10.84 40.61
CA ASN C 392 -4.82 11.53 40.46
C ASN C 392 -5.93 10.82 41.22
N ILE C 393 -6.71 11.60 41.97
CA ILE C 393 -7.89 11.15 42.68
C ILE C 393 -9.07 12.00 42.20
N TYR C 394 -10.16 11.34 41.83
CA TYR C 394 -11.30 12.09 41.32
C TYR C 394 -12.41 12.08 42.37
N PRO C 395 -12.75 13.23 42.93
CA PRO C 395 -13.81 13.26 43.93
C PRO C 395 -15.07 12.51 43.52
N ALA C 396 -15.45 12.60 42.24
CA ALA C 396 -16.68 11.92 41.79
C ALA C 396 -16.60 10.41 42.00
N GLU C 397 -15.42 9.81 41.78
CA GLU C 397 -15.28 8.38 42.01
C GLU C 397 -15.42 8.06 43.49
N VAL C 398 -14.70 8.81 44.35
CA VAL C 398 -14.76 8.55 45.78
C VAL C 398 -16.16 8.81 46.32
N GLU C 399 -16.81 9.87 45.83
CA GLU C 399 -18.18 10.17 46.25
C GLU C 399 -19.14 9.06 45.85
N SER C 400 -18.95 8.51 44.65
CA SER C 400 -19.82 7.42 44.19
C SER C 400 -19.74 6.22 45.13
N VAL C 401 -18.53 5.86 45.55
CA VAL C 401 -18.38 4.74 46.48
C VAL C 401 -19.04 5.07 47.81
N LEU C 402 -18.78 6.27 48.34
CA LEU C 402 -19.36 6.65 49.63
C LEU C 402 -20.89 6.64 49.58
N LEU C 403 -21.46 7.17 48.50
CA LEU C 403 -22.92 7.24 48.38
C LEU C 403 -23.56 5.86 48.34
N SER C 404 -22.83 4.85 47.84
CA SER C 404 -23.40 3.52 47.72
C SER C 404 -23.62 2.87 49.09
N HIS C 405 -22.95 3.34 50.13
CA HIS C 405 -23.15 2.81 51.46
C HIS C 405 -24.56 3.15 51.95
N PRO C 406 -25.26 2.19 52.56
CA PRO C 406 -26.67 2.44 52.91
C PRO C 406 -26.88 3.56 53.89
N ALA C 407 -25.89 3.83 54.76
CA ALA C 407 -26.03 4.86 55.77
C ALA C 407 -25.79 6.26 55.21
N VAL C 408 -25.22 6.38 54.01
CA VAL C 408 -24.80 7.67 53.46
C VAL C 408 -25.90 8.22 52.55
N ALA C 409 -26.35 9.43 52.84
CA ALA C 409 -27.37 10.09 52.03
C ALA C 409 -26.79 11.01 50.97
N GLU C 410 -25.74 11.76 51.33
CA GLU C 410 -25.06 12.65 50.40
C GLU C 410 -23.56 12.58 50.67
N ALA C 411 -22.75 12.82 49.64
CA ALA C 411 -21.31 12.72 49.81
C ALA C 411 -20.60 13.76 48.96
N GLY C 412 -19.64 14.45 49.56
CA GLY C 412 -18.75 15.32 48.82
C GLY C 412 -17.32 15.08 49.27
N VAL C 413 -16.39 15.19 48.33
CA VAL C 413 -14.97 14.93 48.61
C VAL C 413 -14.16 16.09 48.07
N SER C 414 -13.24 16.61 48.87
CA SER C 414 -12.34 17.66 48.41
C SER C 414 -10.94 17.43 48.98
N GLY C 415 -9.96 18.13 48.39
CA GLY C 415 -8.57 17.94 48.75
C GLY C 415 -8.17 18.84 49.91
N ALA C 416 -7.53 18.23 50.90
CA ALA C 416 -6.95 18.95 52.02
C ALA C 416 -5.44 19.00 51.87
N GLU C 417 -4.85 20.09 52.31
CA GLU C 417 -3.40 20.25 52.22
C GLU C 417 -2.69 19.17 53.02
N ASP C 418 -1.58 18.68 52.48
CA ASP C 418 -0.79 17.64 53.12
C ASP C 418 0.68 17.91 52.86
N LYS C 419 1.47 18.00 53.93
CA LYS C 419 2.88 18.37 53.79
C LYS C 419 3.63 17.37 52.91
N LYS C 420 3.29 16.08 53.02
CA LYS C 420 4.02 15.07 52.24
C LYS C 420 3.41 14.84 50.87
N TRP C 421 2.09 14.68 50.78
CA TRP C 421 1.46 14.24 49.54
C TRP C 421 0.95 15.40 48.69
N GLY C 422 1.00 16.63 49.19
CA GLY C 422 0.45 17.74 48.46
C GLY C 422 -1.00 17.96 48.82
N LYS C 423 -1.87 17.03 48.43
CA LYS C 423 -3.29 17.07 48.77
C LYS C 423 -3.77 15.65 49.07
N VAL C 424 -4.66 15.51 50.05
CA VAL C 424 -5.28 14.22 50.34
C VAL C 424 -6.80 14.40 50.37
N PRO C 425 -7.58 13.36 50.09
CA PRO C 425 -9.05 13.52 50.06
C PRO C 425 -9.65 13.51 51.46
N HIS C 426 -10.53 14.48 51.71
CA HIS C 426 -11.40 14.50 52.90
C HIS C 426 -12.84 14.32 52.44
N ALA C 427 -13.62 13.58 53.23
CA ALA C 427 -15.00 13.26 52.87
C ALA C 427 -15.96 14.02 53.76
N TYR C 428 -17.05 14.50 53.14
CA TYR C 428 -18.08 15.30 53.80
C TYR C 428 -19.41 14.63 53.55
N LEU C 429 -20.08 14.19 54.62
CA LEU C 429 -21.18 13.24 54.50
C LEU C 429 -22.44 13.77 55.16
N VAL C 430 -23.59 13.52 54.52
CA VAL C 430 -24.89 13.58 55.16
C VAL C 430 -25.36 12.14 55.33
N LEU C 431 -25.71 11.76 56.56
CA LEU C 431 -26.00 10.38 56.92
C LEU C 431 -27.49 10.16 57.15
N HIS C 432 -27.99 9.02 56.66
CA HIS C 432 -29.30 8.54 57.07
C HIS C 432 -29.25 7.95 58.48
N LYS C 433 -28.24 7.12 58.73
CA LYS C 433 -28.06 6.37 59.95
C LYS C 433 -26.62 6.52 60.43
N PRO C 434 -26.36 6.29 61.71
CA PRO C 434 -24.99 6.43 62.21
C PRO C 434 -24.04 5.43 61.57
N VAL C 435 -22.78 5.85 61.42
CA VAL C 435 -21.73 4.99 60.89
C VAL C 435 -20.39 5.59 61.29
N SER C 436 -19.46 4.73 61.67
CA SER C 436 -18.16 5.20 62.14
C SER C 436 -17.23 5.45 60.96
N ALA C 437 -16.15 6.18 61.23
CA ALA C 437 -15.12 6.35 60.21
C ALA C 437 -14.48 5.02 59.86
N GLY C 438 -14.25 4.18 60.86
CA GLY C 438 -13.64 2.88 60.60
C GLY C 438 -14.51 1.99 59.74
N GLU C 439 -15.83 2.05 59.94
CA GLU C 439 -16.75 1.29 59.11
C GLU C 439 -16.68 1.72 57.66
N LEU C 440 -16.72 3.03 57.41
CA LEU C 440 -16.64 3.55 56.05
C LEU C 440 -15.29 3.26 55.42
N THR C 441 -14.21 3.32 56.21
CA THR C 441 -12.89 3.01 55.68
C THR C 441 -12.82 1.56 55.21
N ASP C 442 -13.35 0.64 56.01
CA ASP C 442 -13.39 -0.76 55.59
C ASP C 442 -14.24 -0.92 54.34
N TYR C 443 -15.31 -0.14 54.22
CA TYR C 443 -16.16 -0.19 53.03
C TYR C 443 -15.42 0.32 51.80
N CYS C 444 -14.70 1.45 51.94
CA CYS C 444 -13.91 1.97 50.84
C CYS C 444 -12.77 1.03 50.46
N LYS C 445 -12.23 0.28 51.44
CA LYS C 445 -11.07 -0.56 51.18
C LYS C 445 -11.34 -1.58 50.08
N GLU C 446 -12.58 -2.03 49.96
CA GLU C 446 -12.95 -3.00 48.94
C GLU C 446 -13.19 -2.36 47.57
N ARG C 447 -13.23 -1.03 47.49
CA ARG C 447 -13.69 -0.34 46.30
C ARG C 447 -12.73 0.72 45.76
N LEU C 448 -11.72 1.10 46.53
CA LEU C 448 -10.85 2.22 46.18
C LEU C 448 -9.40 1.87 46.47
N ALA C 449 -8.51 2.25 45.55
CA ALA C 449 -7.08 2.26 45.85
C ALA C 449 -6.82 3.04 47.12
N LYS C 450 -5.76 2.65 47.84
CA LYS C 450 -5.54 3.16 49.19
C LYS C 450 -5.39 4.68 49.22
N TYR C 451 -4.69 5.25 48.23
CA TYR C 451 -4.48 6.68 48.22
C TYR C 451 -5.77 7.46 47.92
N LYS C 452 -6.80 6.81 47.40
CA LYS C 452 -8.08 7.48 47.16
C LYS C 452 -8.97 7.52 48.40
N ARG C 453 -8.68 6.71 49.42
CA ARG C 453 -9.62 6.64 50.52
C ARG C 453 -9.52 7.89 51.40
N PRO C 454 -10.65 8.42 51.88
CA PRO C 454 -10.61 9.64 52.69
C PRO C 454 -9.73 9.48 53.91
N LYS C 455 -8.86 10.48 54.14
CA LYS C 455 -8.03 10.52 55.34
C LYS C 455 -8.78 11.07 56.53
N LYS C 456 -9.90 11.75 56.30
CA LYS C 456 -10.74 12.33 57.34
C LYS C 456 -12.17 12.34 56.84
N PHE C 457 -13.12 12.12 57.75
CA PHE C 457 -14.55 12.17 57.44
C PHE C 457 -15.22 13.26 58.27
N PHE C 458 -16.20 13.93 57.68
CA PHE C 458 -17.01 14.91 58.39
C PHE C 458 -18.47 14.63 58.12
N VAL C 459 -19.31 14.98 59.10
CA VAL C 459 -20.76 14.80 59.02
C VAL C 459 -21.40 16.17 59.01
N LEU C 460 -22.39 16.35 58.12
CA LEU C 460 -23.08 17.61 57.94
C LEU C 460 -24.58 17.34 57.83
N ASP C 461 -25.36 18.41 58.03
CA ASP C 461 -26.80 18.35 57.81
C ASP C 461 -27.16 18.48 56.34
N ARG C 462 -26.38 19.27 55.58
CA ARG C 462 -26.62 19.45 54.16
C ARG C 462 -25.29 19.79 53.51
N LEU C 463 -25.18 19.52 52.19
CA LEU C 463 -23.96 19.96 51.54
C LEU C 463 -24.19 21.27 50.80
N PRO C 464 -23.18 22.14 50.73
CA PRO C 464 -23.33 23.38 49.96
C PRO C 464 -23.53 23.07 48.48
N ARG C 465 -24.57 23.65 47.90
CA ARG C 465 -24.93 23.43 46.51
C ARG C 465 -25.37 24.74 45.89
N ASN C 466 -25.33 24.81 44.57
CA ASN C 466 -25.80 26.02 43.91
C ASN C 466 -27.29 25.90 43.60
N ALA C 467 -27.83 26.87 42.86
CA ALA C 467 -29.26 26.88 42.57
C ALA C 467 -29.68 25.71 41.69
N SER C 468 -28.75 25.10 40.98
CA SER C 468 -29.04 23.93 40.15
C SER C 468 -28.82 22.63 40.90
N ASN C 469 -28.63 22.67 42.22
CA ASN C 469 -28.44 21.51 43.07
C ASN C 469 -27.07 20.87 42.90
N LYS C 470 -26.12 21.60 42.30
CA LYS C 470 -24.80 21.08 42.05
C LYS C 470 -23.89 21.31 43.25
N LEU C 471 -23.21 20.25 43.67
CA LEU C 471 -22.27 20.31 44.78
C LEU C 471 -21.18 21.33 44.52
N LEU C 472 -20.92 22.18 45.51
CA LEU C 472 -19.86 23.18 45.44
C LEU C 472 -18.71 22.64 46.27
N ARG C 473 -17.81 21.89 45.62
CA ARG C 473 -16.82 21.13 46.39
C ARG C 473 -15.83 22.04 47.10
N ASN C 474 -15.48 23.18 46.51
CA ASN C 474 -14.51 24.05 47.17
C ASN C 474 -15.08 24.72 48.42
N GLN C 475 -16.39 24.61 48.66
CA GLN C 475 -17.01 25.17 49.85
C GLN C 475 -17.24 24.15 50.96
N LEU C 476 -16.85 22.89 50.74
CA LEU C 476 -17.07 21.86 51.75
C LEU C 476 -16.25 22.14 53.01
N LYS C 477 -15.01 22.58 52.86
CA LYS C 477 -14.15 22.80 54.03
C LYS C 477 -14.71 23.84 54.98
N ASP C 478 -15.57 24.75 54.50
CA ASP C 478 -16.07 25.83 55.32
C ASP C 478 -17.46 25.57 55.90
N ALA C 479 -18.08 24.44 55.58
CA ALA C 479 -19.45 24.20 56.01
C ALA C 479 -19.50 23.78 57.47
N ARG C 480 -20.69 23.92 58.07
CA ARG C 480 -20.90 23.46 59.44
C ARG C 480 -20.80 21.95 59.50
N LYS C 481 -19.87 21.45 60.31
CA LYS C 481 -19.62 20.02 60.32
C LYS C 481 -18.97 19.63 61.64
N GLY C 482 -19.03 18.33 61.93
CA GLY C 482 -18.27 17.75 63.01
C GLY C 482 -17.45 16.58 62.48
N GLU C 483 -16.27 16.38 63.08
CA GLU C 483 -15.43 15.27 62.64
C GLU C 483 -16.09 13.95 62.99
N LEU C 484 -16.11 13.04 62.04
CA LEU C 484 -16.66 11.71 62.25
C LEU C 484 -15.56 10.78 62.74
N LEU C 485 -15.82 10.09 63.83
CA LEU C 485 -14.85 9.19 64.43
C LEU C 485 -15.15 7.74 64.01
CA LEU D 1 -4.40 -6.36 -8.49
C LEU D 1 -3.58 -7.22 -7.55
N THR D 2 -3.76 -7.02 -6.25
CA THR D 2 -3.03 -7.81 -5.26
C THR D 2 -3.97 -8.73 -4.47
N GLU D 3 -5.23 -8.29 -4.30
CA GLU D 3 -6.18 -9.08 -3.52
C GLU D 3 -7.58 -8.92 -4.10
N GLN D 4 -8.41 -9.93 -3.82
CA GLN D 4 -9.82 -9.93 -4.17
C GLN D 4 -10.63 -10.24 -2.92
N PRO D 5 -11.86 -9.73 -2.81
CA PRO D 5 -12.74 -10.18 -1.72
C PRO D 5 -12.87 -11.69 -1.80
N ASN D 6 -12.88 -12.32 -0.65
CA ASN D 6 -13.05 -13.77 -0.60
C ASN D 6 -14.26 -14.17 -1.44
N TRP D 7 -14.05 -15.13 -2.35
CA TRP D 7 -15.05 -15.44 -3.37
C TRP D 7 -16.35 -15.92 -2.76
N LEU D 8 -16.25 -16.77 -1.73
CA LEU D 8 -17.47 -17.29 -1.11
C LEU D 8 -18.21 -16.17 -0.39
N MET D 9 -17.49 -15.32 0.36
CA MET D 9 -18.11 -14.18 1.00
C MET D 9 -18.81 -13.28 -0.01
N GLN D 10 -18.13 -12.92 -1.11
CA GLN D 10 -18.78 -12.05 -2.08
C GLN D 10 -19.96 -12.75 -2.75
N ARG D 11 -19.82 -14.03 -3.08
CA ARG D 11 -20.92 -14.73 -3.74
C ARG D 11 -22.14 -14.78 -2.84
N ALA D 12 -21.91 -15.00 -1.54
CA ALA D 12 -23.01 -15.00 -0.58
C ALA D 12 -23.67 -13.63 -0.47
N GLN D 13 -22.89 -12.57 -0.62
CA GLN D 13 -23.46 -11.22 -0.64
C GLN D 13 -24.30 -10.99 -1.89
N LEU D 14 -23.87 -11.53 -3.04
CA LEU D 14 -24.55 -11.21 -4.28
C LEU D 14 -25.80 -12.06 -4.51
N THR D 15 -25.68 -13.37 -4.37
CA THR D 15 -26.79 -14.30 -4.62
C THR D 15 -26.92 -15.27 -3.45
N PRO D 16 -27.37 -14.78 -2.29
CA PRO D 16 -27.35 -15.62 -1.09
C PRO D 16 -28.20 -16.86 -1.20
N GLU D 17 -29.32 -16.82 -1.94
CA GLU D 17 -30.27 -17.91 -1.94
C GLU D 17 -30.12 -18.83 -3.15
N ARG D 18 -29.22 -18.51 -4.07
CA ARG D 18 -28.87 -19.48 -5.09
C ARG D 18 -28.23 -20.71 -4.45
N ILE D 19 -28.47 -21.86 -5.06
CA ILE D 19 -27.98 -23.12 -4.50
C ILE D 19 -26.50 -23.26 -4.84
N ALA D 20 -25.67 -23.43 -3.80
CA ALA D 20 -24.24 -23.66 -4.01
C ALA D 20 -23.92 -25.12 -4.22
N LEU D 21 -24.57 -25.99 -3.46
CA LEU D 21 -24.16 -27.38 -3.37
C LEU D 21 -25.40 -28.23 -3.23
N ILE D 22 -25.44 -29.32 -3.98
CA ILE D 22 -26.45 -30.34 -3.78
C ILE D 22 -25.70 -31.64 -3.50
N TYR D 23 -25.96 -32.22 -2.33
CA TYR D 23 -25.26 -33.41 -1.88
C TYR D 23 -26.30 -34.31 -1.23
N GLU D 24 -26.38 -35.55 -1.69
CA GLU D 24 -27.43 -36.47 -1.26
C GLU D 24 -28.81 -35.80 -1.38
N ASP D 25 -29.01 -35.10 -2.49
CA ASP D 25 -30.26 -34.48 -2.91
C ASP D 25 -30.71 -33.36 -1.98
N GLN D 26 -29.85 -32.96 -1.04
CA GLN D 26 -30.12 -31.87 -0.11
C GLN D 26 -29.36 -30.64 -0.55
N THR D 27 -29.95 -29.46 -0.34
CA THR D 27 -29.44 -28.22 -0.90
C THR D 27 -28.74 -27.36 0.15
N VAL D 28 -27.69 -26.66 -0.28
CA VAL D 28 -26.98 -25.67 0.54
C VAL D 28 -26.89 -24.40 -0.31
N THR D 29 -27.50 -23.31 0.17
CA THR D 29 -27.37 -22.04 -0.54
C THR D 29 -25.99 -21.43 -0.29
N PHE D 30 -25.63 -20.45 -1.14
CA PHE D 30 -24.37 -19.74 -0.89
C PHE D 30 -24.36 -19.08 0.48
N ALA D 31 -25.50 -18.52 0.93
CA ALA D 31 -25.54 -17.96 2.27
C ALA D 31 -25.25 -19.03 3.31
N GLU D 32 -25.87 -20.20 3.17
CA GLU D 32 -25.65 -21.27 4.13
C GLU D 32 -24.21 -21.79 4.06
N LEU D 33 -23.62 -21.80 2.86
CA LEU D 33 -22.26 -22.30 2.71
C LEU D 33 -21.26 -21.34 3.37
N PHE D 34 -21.45 -20.03 3.19
CA PHE D 34 -20.59 -19.09 3.91
C PHE D 34 -20.77 -19.25 5.42
N ALA D 35 -22.02 -19.35 5.88
CA ALA D 35 -22.27 -19.47 7.32
C ALA D 35 -21.58 -20.72 7.88
N ALA D 36 -21.73 -21.84 7.17
CA ALA D 36 -21.11 -23.09 7.63
C ALA D 36 -19.59 -23.02 7.61
N SER D 37 -19.01 -22.42 6.57
CA SER D 37 -17.55 -22.34 6.46
C SER D 37 -16.98 -21.35 7.48
N LYS D 38 -17.69 -20.25 7.72
CA LYS D 38 -17.27 -19.33 8.77
C LYS D 38 -17.27 -20.00 10.14
N ARG D 39 -18.35 -20.74 10.43
CA ARG D 39 -18.43 -21.41 11.72
C ARG D 39 -17.32 -22.44 11.87
N MET D 40 -17.04 -23.18 10.80
CA MET D 40 -15.99 -24.18 10.91
C MET D 40 -14.63 -23.51 11.07
N ALA D 41 -14.42 -22.34 10.45
CA ALA D 41 -13.18 -21.61 10.67
C ALA D 41 -13.05 -21.17 12.13
N GLU D 42 -14.14 -20.70 12.73
CA GLU D 42 -14.10 -20.33 14.14
C GLU D 42 -13.78 -21.54 15.02
N GLN D 43 -14.36 -22.69 14.70
CA GLN D 43 -14.11 -23.89 15.49
C GLN D 43 -12.68 -24.39 15.30
N LEU D 44 -12.12 -24.26 14.09
CA LEU D 44 -10.72 -24.61 13.87
C LEU D 44 -9.81 -23.66 14.65
N ALA D 45 -10.13 -22.37 14.66
CA ALA D 45 -9.31 -21.41 15.40
C ALA D 45 -9.27 -21.73 16.89
N ALA D 46 -10.34 -22.31 17.43
CA ALA D 46 -10.38 -22.66 18.84
C ALA D 46 -9.50 -23.88 19.14
N HIS D 47 -9.11 -24.62 18.11
CA HIS D 47 -8.10 -25.66 18.21
C HIS D 47 -6.70 -25.13 17.87
N SER D 48 -6.51 -23.82 17.91
CA SER D 48 -5.24 -23.12 17.73
C SER D 48 -4.73 -23.18 16.29
N VAL D 49 -5.59 -23.43 15.31
CA VAL D 49 -5.20 -23.21 13.93
C VAL D 49 -5.02 -21.71 13.72
N ARG D 50 -3.86 -21.33 13.24
CA ARG D 50 -3.48 -19.94 13.09
C ARG D 50 -3.31 -19.50 11.65
N LYS D 51 -3.51 -18.23 11.41
CA LYS D 51 -3.22 -17.71 10.07
C LYS D 51 -1.79 -18.06 9.69
N GLY D 52 -1.59 -18.53 8.46
CA GLY D 52 -0.29 -18.96 8.00
C GLY D 52 0.03 -20.41 8.27
N ASP D 53 -0.78 -21.12 9.04
CA ASP D 53 -0.61 -22.55 9.24
C ASP D 53 -0.97 -23.31 7.96
N THR D 54 -0.66 -24.59 7.96
CA THR D 54 -1.00 -25.49 6.89
C THR D 54 -1.84 -26.63 7.46
N ALA D 55 -2.99 -26.89 6.85
CA ALA D 55 -3.86 -27.95 7.33
C ALA D 55 -4.11 -28.93 6.19
N ALA D 56 -3.91 -30.22 6.46
CA ALA D 56 -4.26 -31.23 5.49
C ALA D 56 -5.71 -31.67 5.70
N ILE D 57 -6.36 -32.01 4.60
CA ILE D 57 -7.75 -32.47 4.58
C ILE D 57 -7.77 -33.89 4.03
N LEU D 58 -8.37 -34.81 4.78
CA LEU D 58 -8.47 -36.21 4.37
C LEU D 58 -9.95 -36.57 4.50
N LEU D 59 -10.69 -36.43 3.42
CA LEU D 59 -12.13 -36.66 3.44
C LEU D 59 -12.58 -37.19 2.09
N GLN D 60 -13.58 -38.07 2.11
CA GLN D 60 -14.32 -38.36 0.90
C GLN D 60 -15.17 -37.15 0.53
N ASN D 61 -15.67 -37.14 -0.72
CA ASN D 61 -16.54 -36.04 -1.14
C ASN D 61 -17.75 -35.96 -0.22
N ARG D 62 -17.86 -34.88 0.55
CA ARG D 62 -19.00 -34.59 1.41
C ARG D 62 -19.18 -33.07 1.44
N ALA D 63 -20.36 -32.61 1.88
CA ALA D 63 -20.51 -31.18 2.10
C ALA D 63 -19.44 -30.67 3.08
N GLU D 64 -19.12 -31.47 4.10
CA GLU D 64 -18.18 -31.04 5.13
C GLU D 64 -16.79 -30.79 4.55
N MET D 65 -16.42 -31.52 3.49
CA MET D 65 -15.15 -31.26 2.83
C MET D 65 -15.15 -29.89 2.14
N VAL D 66 -16.28 -29.53 1.51
CA VAL D 66 -16.41 -28.20 0.93
C VAL D 66 -16.30 -27.14 2.02
N TYR D 67 -16.97 -27.35 3.15
CA TYR D 67 -16.85 -26.39 4.26
C TYR D 67 -15.40 -26.24 4.69
N ALA D 68 -14.67 -27.35 4.78
CA ALA D 68 -13.32 -27.34 5.32
C ALA D 68 -12.38 -26.54 4.43
N VAL D 69 -12.52 -26.71 3.12
CA VAL D 69 -11.67 -25.97 2.18
C VAL D 69 -11.94 -24.48 2.33
N HIS D 70 -13.21 -24.09 2.32
CA HIS D 70 -13.51 -22.67 2.46
C HIS D 70 -13.12 -22.15 3.84
N ALA D 71 -13.27 -22.98 4.87
CA ALA D 71 -12.83 -22.58 6.20
C ALA D 71 -11.33 -22.28 6.25
N CYS D 72 -10.50 -23.13 5.63
CA CYS D 72 -9.07 -22.80 5.59
C CYS D 72 -8.84 -21.45 4.93
N PHE D 73 -9.53 -21.19 3.81
CA PHE D 73 -9.37 -19.90 3.14
C PHE D 73 -9.70 -18.75 4.09
N LEU D 74 -10.81 -18.87 4.81
CA LEU D 74 -11.27 -17.81 5.70
C LEU D 74 -10.35 -17.62 6.91
N LEU D 75 -9.50 -18.60 7.21
CA LEU D 75 -8.48 -18.46 8.26
C LEU D 75 -7.11 -18.05 7.72
N GLY D 76 -6.93 -18.00 6.41
CA GLY D 76 -5.61 -17.75 5.86
C GLY D 76 -4.71 -18.94 6.07
N VAL D 77 -5.26 -20.14 5.96
CA VAL D 77 -4.55 -21.40 6.18
C VAL D 77 -4.44 -22.13 4.85
N LYS D 78 -3.23 -22.56 4.50
CA LYS D 78 -3.03 -23.35 3.30
C LYS D 78 -3.66 -24.73 3.46
N ALA D 79 -4.42 -25.17 2.46
CA ALA D 79 -5.11 -26.45 2.52
C ALA D 79 -4.40 -27.48 1.65
N VAL D 80 -3.95 -28.58 2.27
CA VAL D 80 -3.33 -29.70 1.57
C VAL D 80 -4.41 -30.76 1.35
N LEU D 81 -4.75 -31.03 0.10
CA LEU D 81 -5.78 -32.01 -0.22
C LEU D 81 -5.11 -33.37 -0.34
N LEU D 82 -5.55 -34.32 0.50
CA LEU D 82 -4.95 -35.65 0.53
C LEU D 82 -5.81 -36.65 -0.20
N ASN D 83 -5.16 -37.42 -1.07
CA ASN D 83 -5.77 -38.55 -1.77
C ASN D 83 -6.18 -39.62 -0.76
N THR D 84 -7.48 -39.94 -0.71
CA THR D 84 -8.01 -40.84 0.32
C THR D 84 -7.66 -42.30 0.06
N LYS D 85 -7.20 -42.64 -1.13
CA LYS D 85 -6.81 -44.01 -1.44
C LYS D 85 -5.38 -44.33 -1.06
N LEU D 86 -4.59 -43.32 -0.70
CA LEU D 86 -3.20 -43.56 -0.33
C LEU D 86 -3.11 -44.38 0.95
N SER D 87 -2.05 -45.18 1.03
CA SER D 87 -1.72 -45.90 2.26
C SER D 87 -1.34 -44.90 3.34
N THR D 88 -1.40 -45.36 4.60
CA THR D 88 -0.93 -44.51 5.71
C THR D 88 0.49 -44.05 5.47
N HIS D 89 1.36 -44.95 4.98
CA HIS D 89 2.75 -44.63 4.67
C HIS D 89 2.85 -43.46 3.69
N GLU D 90 2.12 -43.53 2.57
CA GLU D 90 2.15 -42.44 1.58
C GLU D 90 1.66 -41.12 2.18
N ARG D 91 0.64 -41.17 3.04
CA ARG D 91 0.08 -39.94 3.58
C ARG D 91 1.01 -39.32 4.62
N LEU D 92 1.71 -40.15 5.40
CA LEU D 92 2.67 -39.63 6.36
C LEU D 92 3.75 -38.79 5.66
N PHE D 93 4.24 -39.25 4.51
CA PHE D 93 5.25 -38.50 3.79
C PHE D 93 4.73 -37.12 3.41
N GLN D 94 3.51 -37.04 2.89
CA GLN D 94 2.95 -35.77 2.46
C GLN D 94 2.62 -34.86 3.64
N LEU D 95 2.21 -35.45 4.77
CA LEU D 95 1.99 -34.65 5.97
C LEU D 95 3.27 -33.99 6.45
N GLU D 96 4.37 -34.75 6.49
CA GLU D 96 5.63 -34.16 6.95
C GLU D 96 6.23 -33.23 5.90
N ASP D 97 6.20 -33.64 4.63
CA ASP D 97 6.79 -32.82 3.56
C ASP D 97 6.09 -31.46 3.45
N SER D 98 4.77 -31.44 3.53
CA SER D 98 4.01 -30.21 3.39
C SER D 98 4.14 -29.26 4.58
N GLY D 99 4.72 -29.72 5.69
CA GLY D 99 4.70 -28.91 6.89
C GLY D 99 3.34 -28.73 7.50
N SER D 100 2.40 -29.64 7.22
CA SER D 100 1.09 -29.56 7.84
C SER D 100 1.21 -29.62 9.36
N GLY D 101 0.44 -28.76 10.03
CA GLY D 101 0.35 -28.82 11.48
C GLY D 101 -0.90 -29.54 11.93
N PHE D 102 -1.85 -29.75 11.02
CA PHE D 102 -3.16 -30.26 11.36
C PHE D 102 -3.65 -31.19 10.27
N LEU D 103 -4.48 -32.14 10.68
CA LEU D 103 -5.18 -33.04 9.76
C LEU D 103 -6.66 -33.01 10.07
N LEU D 104 -7.47 -32.55 9.12
CA LEU D 104 -8.92 -32.53 9.26
C LEU D 104 -9.46 -33.75 8.55
N THR D 105 -10.11 -34.65 9.30
CA THR D 105 -10.57 -35.91 8.72
C THR D 105 -11.85 -36.33 9.45
N ASP D 106 -12.22 -37.60 9.33
CA ASP D 106 -13.42 -38.10 10.02
C ASP D 106 -13.19 -39.53 10.50
N SER D 107 -14.21 -40.12 11.10
CA SER D 107 -14.08 -41.44 11.71
C SER D 107 -14.00 -42.57 10.69
N SER D 108 -14.15 -42.31 9.39
CA SER D 108 -13.88 -43.34 8.39
C SER D 108 -12.40 -43.52 8.13
N PHE D 109 -11.56 -42.69 8.73
CA PHE D 109 -10.11 -42.79 8.66
C PHE D 109 -9.55 -43.01 10.05
N GLU D 110 -8.38 -43.66 10.12
CA GLU D 110 -7.78 -43.99 11.41
C GLU D 110 -6.89 -42.83 11.83
N LYS D 111 -7.49 -41.87 12.52
CA LYS D 111 -6.79 -40.63 12.87
C LYS D 111 -5.56 -40.88 13.74
N LYS D 112 -5.58 -41.90 14.59
CA LYS D 112 -4.48 -42.10 15.52
C LYS D 112 -3.17 -42.44 14.82
N GLU D 113 -3.23 -42.96 13.60
CA GLU D 113 -2.01 -43.26 12.86
C GLU D 113 -1.20 -42.00 12.54
N TYR D 114 -1.79 -40.82 12.64
CA TYR D 114 -1.10 -39.58 12.26
C TYR D 114 -0.78 -38.68 13.43
N GLU D 115 -1.21 -39.03 14.65
CA GLU D 115 -1.14 -38.11 15.78
C GLU D 115 0.29 -37.83 16.23
N HIS D 116 1.24 -38.68 15.89
CA HIS D 116 2.62 -38.38 16.24
C HIS D 116 3.21 -37.29 15.34
N ILE D 117 2.51 -36.92 14.27
CA ILE D 117 3.03 -36.03 13.26
C ILE D 117 2.25 -34.71 13.21
N VAL D 118 0.92 -34.76 13.38
CA VAL D 118 0.06 -33.59 13.29
C VAL D 118 -1.01 -33.70 14.36
N GLN D 119 -1.62 -32.56 14.67
CA GLN D 119 -2.84 -32.57 15.49
C GLN D 119 -4.02 -32.97 14.60
N THR D 120 -4.72 -34.01 15.00
CA THR D 120 -5.84 -34.54 14.22
C THR D 120 -7.14 -33.97 14.72
N ILE D 121 -8.06 -33.70 13.79
CA ILE D 121 -9.35 -33.09 14.09
C ILE D 121 -10.42 -33.85 13.33
N ASP D 122 -11.46 -34.29 14.03
CA ASP D 122 -12.61 -34.92 13.40
C ASP D 122 -13.62 -33.84 13.04
N VAL D 123 -13.89 -33.68 11.74
CA VAL D 123 -14.73 -32.56 11.31
C VAL D 123 -16.15 -32.66 11.85
N ASP D 124 -16.64 -33.88 12.08
CA ASP D 124 -18.01 -34.03 12.58
C ASP D 124 -18.09 -33.66 14.06
N GLU D 125 -17.11 -34.07 14.86
CA GLU D 125 -17.05 -33.61 16.24
C GLU D 125 -16.82 -32.11 16.29
N LEU D 126 -15.93 -31.62 15.43
CA LEU D 126 -15.59 -30.20 15.38
C LEU D 126 -16.82 -29.32 15.25
N MET D 127 -17.74 -29.70 14.36
CA MET D 127 -18.89 -28.86 14.04
C MET D 127 -19.91 -28.81 15.17
N LYS D 128 -19.81 -29.69 16.15
CA LYS D 128 -20.69 -29.64 17.32
C LYS D 128 -20.21 -28.65 18.38
N GLU D 129 -18.98 -28.14 18.26
CA GLU D 129 -18.34 -27.41 19.35
C GLU D 129 -18.69 -25.94 19.31
N ALA D 130 -18.85 -25.36 20.50
CA ALA D 130 -18.92 -23.92 20.62
C ALA D 130 -17.55 -23.32 20.38
N ALA D 131 -17.52 -22.12 19.82
CA ALA D 131 -16.26 -21.45 19.57
C ALA D 131 -16.50 -19.94 19.51
N GLU D 132 -15.53 -19.20 20.01
CA GLU D 132 -15.58 -17.74 19.95
C GLU D 132 -15.63 -17.27 18.49
N GLU D 133 -16.48 -16.29 18.23
CA GLU D 133 -16.54 -15.71 16.89
C GLU D 133 -15.25 -14.94 16.62
N ILE D 134 -14.72 -15.11 15.42
CA ILE D 134 -13.49 -14.43 15.05
C ILE D 134 -13.75 -13.65 13.79
N GLU D 135 -12.83 -12.73 13.49
CA GLU D 135 -12.86 -11.99 12.25
C GLU D 135 -12.13 -12.82 11.20
N ILE D 136 -12.82 -13.12 10.11
CA ILE D 136 -12.26 -13.97 9.06
C ILE D 136 -11.38 -13.14 8.14
N GLU D 137 -10.63 -13.82 7.27
CA GLU D 137 -9.82 -13.17 6.25
C GLU D 137 -10.77 -12.80 5.12
N ALA D 138 -11.14 -11.52 5.06
CA ALA D 138 -12.13 -11.06 4.09
C ALA D 138 -11.57 -11.01 2.68
N TYR D 139 -10.25 -11.06 2.50
CA TYR D 139 -9.64 -10.96 1.18
C TYR D 139 -8.77 -12.17 0.91
N MET D 140 -8.69 -12.54 -0.36
CA MET D 140 -7.75 -13.55 -0.84
C MET D 140 -6.60 -12.83 -1.52
N GLN D 141 -5.37 -13.11 -1.10
CA GLN D 141 -4.20 -12.57 -1.78
C GLN D 141 -3.93 -13.40 -3.03
N MET D 142 -3.86 -12.74 -4.19
CA MET D 142 -3.79 -13.45 -5.46
C MET D 142 -2.54 -14.32 -5.56
N ASP D 143 -1.43 -13.88 -4.98
CA ASP D 143 -0.18 -14.63 -5.04
C ASP D 143 0.03 -15.59 -3.88
N ALA D 144 -0.90 -15.65 -2.94
CA ALA D 144 -0.75 -16.55 -1.80
C ALA D 144 -1.13 -17.97 -2.22
N THR D 145 -0.42 -18.95 -1.67
CA THR D 145 -0.77 -20.35 -1.92
C THR D 145 -2.09 -20.68 -1.23
N ALA D 146 -3.06 -21.13 -2.01
CA ALA D 146 -4.36 -21.50 -1.49
C ALA D 146 -4.42 -22.98 -1.13
N THR D 147 -3.91 -23.82 -2.04
CA THR D 147 -4.04 -25.26 -1.90
C THR D 147 -2.75 -25.92 -2.37
N LEU D 148 -2.52 -27.11 -1.85
CA LEU D 148 -1.35 -27.90 -2.17
C LEU D 148 -1.85 -29.27 -2.56
N MET D 149 -1.43 -29.76 -3.74
CA MET D 149 -1.78 -31.09 -4.20
C MET D 149 -0.51 -31.79 -4.63
N TYR D 150 -0.39 -33.05 -4.26
CA TYR D 150 0.79 -33.84 -4.58
C TYR D 150 0.63 -34.57 -5.91
N THR D 151 1.69 -34.56 -6.70
CA THR D 151 1.69 -35.25 -7.99
C THR D 151 3.14 -35.39 -8.43
N SER D 152 3.34 -35.86 -9.66
CA SER D 152 4.65 -35.86 -10.32
CA SER D 152 4.65 -35.86 -10.32
CA SER D 152 4.65 -35.84 -10.32
C SER D 152 5.71 -36.56 -9.46
N GLY D 153 5.42 -37.81 -9.13
CA GLY D 153 6.37 -38.59 -8.35
C GLY D 153 7.43 -39.28 -9.19
N THR D 154 7.97 -38.58 -10.19
CA THR D 154 8.93 -39.21 -11.11
C THR D 154 10.27 -39.55 -10.46
N THR D 155 10.61 -38.93 -9.34
CA THR D 155 11.79 -39.36 -8.60
C THR D 155 11.49 -40.47 -7.60
N GLY D 156 10.26 -40.96 -7.56
CA GLY D 156 9.82 -41.92 -6.56
C GLY D 156 9.08 -41.31 -5.39
N LYS D 157 9.16 -39.99 -5.21
CA LYS D 157 8.37 -39.29 -4.20
C LYS D 157 7.63 -38.14 -4.86
N PRO D 158 6.36 -37.93 -4.50
CA PRO D 158 5.60 -36.84 -5.11
C PRO D 158 6.09 -35.46 -4.67
N LYS D 159 5.63 -34.45 -5.40
CA LYS D 159 5.94 -33.05 -5.15
C LYS D 159 4.65 -32.30 -4.87
N GLY D 160 4.69 -31.36 -3.94
CA GLY D 160 3.51 -30.55 -3.67
C GLY D 160 3.40 -29.37 -4.61
N VAL D 161 2.29 -29.28 -5.34
CA VAL D 161 2.04 -28.18 -6.27
C VAL D 161 1.37 -27.04 -5.52
N GLN D 162 2.00 -25.88 -5.50
CA GLN D 162 1.44 -24.71 -4.81
C GLN D 162 0.52 -23.98 -5.78
N GLN D 163 -0.78 -24.04 -5.51
CA GLN D 163 -1.80 -23.43 -6.35
C GLN D 163 -2.30 -22.17 -5.67
N THR D 164 -2.11 -21.02 -6.31
CA THR D 164 -2.49 -19.75 -5.69
C THR D 164 -3.98 -19.45 -5.89
N PHE D 165 -4.49 -18.51 -5.09
CA PHE D 165 -5.85 -18.02 -5.35
C PHE D 165 -5.96 -17.44 -6.76
N GLY D 166 -4.95 -16.67 -7.18
CA GLY D 166 -4.93 -16.19 -8.55
C GLY D 166 -4.99 -17.30 -9.58
N ASN D 167 -4.21 -18.37 -9.37
CA ASN D 167 -4.27 -19.52 -10.26
C ASN D 167 -5.71 -20.01 -10.43
N HIS D 168 -6.42 -20.20 -9.31
CA HIS D 168 -7.77 -20.77 -9.39
C HIS D 168 -8.74 -19.79 -10.04
N TYR D 169 -8.62 -18.51 -9.69
CA TYR D 169 -9.47 -17.49 -10.29
C TYR D 169 -9.31 -17.49 -11.81
N PHE D 170 -8.06 -17.48 -12.28
CA PHE D 170 -7.85 -17.41 -13.72
C PHE D 170 -8.23 -18.69 -14.42
N SER D 171 -8.02 -19.84 -13.77
CA SER D 171 -8.54 -21.08 -14.33
C SER D 171 -10.04 -21.00 -14.57
N ALA D 172 -10.79 -20.57 -13.55
CA ALA D 172 -12.25 -20.49 -13.68
C ALA D 172 -12.67 -19.50 -14.78
N VAL D 173 -12.02 -18.33 -14.82
CA VAL D 173 -12.41 -17.32 -15.79
C VAL D 173 -12.08 -17.76 -17.20
N SER D 174 -10.89 -18.32 -17.41
CA SER D 174 -10.52 -18.76 -18.74
C SER D 174 -11.45 -19.86 -19.25
N SER D 175 -11.84 -20.78 -18.36
CA SER D 175 -12.81 -21.80 -18.75
C SER D 175 -14.17 -21.19 -19.10
N ALA D 176 -14.64 -20.22 -18.32
CA ALA D 176 -15.91 -19.57 -18.64
C ALA D 176 -15.85 -18.89 -20.00
N LEU D 177 -14.74 -18.23 -20.31
CA LEU D 177 -14.63 -17.60 -21.62
C LEU D 177 -14.67 -18.62 -22.74
N ASN D 178 -14.25 -19.85 -22.46
CA ASN D 178 -14.22 -20.87 -23.49
C ASN D 178 -15.58 -21.55 -23.66
N LEU D 179 -16.22 -21.91 -22.54
CA LEU D 179 -17.44 -22.71 -22.53
C LEU D 179 -18.71 -21.87 -22.49
N GLY D 180 -18.60 -20.58 -22.19
CA GLY D 180 -19.76 -19.78 -21.87
C GLY D 180 -20.28 -20.08 -20.47
N ILE D 181 -21.08 -19.15 -19.95
CA ILE D 181 -21.68 -19.32 -18.64
C ILE D 181 -23.06 -18.70 -18.66
N THR D 182 -23.99 -19.34 -17.97
CA THR D 182 -25.35 -18.83 -17.85
C THR D 182 -25.89 -19.19 -16.48
N GLU D 183 -26.91 -18.44 -16.04
CA GLU D 183 -27.50 -18.66 -14.72
C GLU D 183 -28.06 -20.07 -14.57
N GLN D 184 -28.45 -20.72 -15.66
CA GLN D 184 -29.05 -22.04 -15.56
C GLN D 184 -28.02 -23.16 -15.40
N ASP D 185 -26.74 -22.88 -15.58
CA ASP D 185 -25.75 -23.96 -15.57
C ASP D 185 -25.64 -24.59 -14.19
N ARG D 186 -25.46 -25.91 -14.16
CA ARG D 186 -25.18 -26.66 -12.94
C ARG D 186 -24.18 -27.74 -13.30
N TRP D 187 -23.18 -27.92 -12.45
CA TRP D 187 -22.04 -28.79 -12.76
C TRP D 187 -22.06 -29.99 -11.83
N LEU D 188 -21.97 -31.20 -12.38
CA LEU D 188 -21.97 -32.41 -11.54
C LEU D 188 -20.55 -32.93 -11.37
N ILE D 189 -20.16 -33.13 -10.12
CA ILE D 189 -18.83 -33.61 -9.77
C ILE D 189 -18.99 -34.96 -9.07
N ALA D 190 -18.53 -36.02 -9.73
CA ALA D 190 -18.47 -37.37 -9.17
C ALA D 190 -17.04 -37.90 -9.22
N LEU D 191 -16.09 -36.99 -9.33
CA LEU D 191 -14.64 -37.17 -9.30
C LEU D 191 -14.13 -36.68 -7.95
N PRO D 192 -12.93 -37.08 -7.54
CA PRO D 192 -12.46 -36.68 -6.20
C PRO D 192 -12.19 -35.19 -6.10
N LEU D 193 -12.66 -34.61 -4.98
CA LEU D 193 -12.36 -33.22 -4.67
C LEU D 193 -10.89 -33.02 -4.28
N PHE D 194 -10.15 -34.09 -4.00
CA PHE D 194 -8.72 -33.93 -3.77
C PHE D 194 -7.91 -33.90 -5.06
N HIS D 195 -8.53 -34.10 -6.21
CA HIS D 195 -7.91 -33.77 -7.48
C HIS D 195 -8.42 -32.40 -7.94
N ILE D 196 -7.62 -31.72 -8.78
CA ILE D 196 -8.06 -30.40 -9.23
C ILE D 196 -9.27 -30.52 -10.17
N SER D 197 -9.41 -31.67 -10.84
CA SER D 197 -10.61 -31.99 -11.61
C SER D 197 -11.88 -31.72 -10.80
N GLY D 198 -11.94 -32.22 -9.57
CA GLY D 198 -13.11 -31.97 -8.76
C GLY D 198 -13.05 -30.65 -8.01
N LEU D 199 -11.88 -30.34 -7.44
CA LEU D 199 -11.80 -29.17 -6.59
C LEU D 199 -12.05 -27.89 -7.37
N SER D 200 -11.62 -27.82 -8.64
CA SER D 200 -11.78 -26.59 -9.40
C SER D 200 -13.25 -26.22 -9.56
N ALA D 201 -14.16 -27.20 -9.52
CA ALA D 201 -15.58 -26.89 -9.63
C ALA D 201 -16.09 -26.08 -8.44
N LEU D 202 -15.49 -26.25 -7.25
CA LEU D 202 -15.92 -25.45 -6.10
C LEU D 202 -15.58 -23.97 -6.29
N PHE D 203 -14.49 -23.69 -7.01
CA PHE D 203 -14.08 -22.31 -7.26
C PHE D 203 -14.90 -21.72 -8.39
N LYS D 204 -15.12 -22.49 -9.46
CA LYS D 204 -16.12 -22.10 -10.46
C LYS D 204 -17.46 -21.77 -9.79
N SER D 205 -17.86 -22.58 -8.82
CA SER D 205 -19.16 -22.41 -8.18
C SER D 205 -19.27 -21.02 -7.56
N VAL D 206 -18.28 -20.62 -6.76
CA VAL D 206 -18.46 -19.34 -6.08
C VAL D 206 -18.17 -18.17 -7.02
N ILE D 207 -17.24 -18.32 -7.97
CA ILE D 207 -16.93 -17.22 -8.87
C ILE D 207 -18.08 -16.98 -9.85
N TYR D 208 -18.65 -18.05 -10.39
CA TYR D 208 -19.75 -17.91 -11.34
C TYR D 208 -21.08 -17.69 -10.63
N GLY D 209 -21.23 -18.21 -9.42
CA GLY D 209 -22.54 -18.37 -8.82
C GLY D 209 -23.25 -19.57 -9.43
N MET D 210 -22.58 -20.73 -9.44
CA MET D 210 -23.06 -21.91 -10.15
C MET D 210 -23.21 -23.07 -9.18
N THR D 211 -24.36 -23.76 -9.24
CA THR D 211 -24.59 -24.93 -8.40
C THR D 211 -23.66 -26.07 -8.78
N VAL D 212 -23.07 -26.72 -7.78
CA VAL D 212 -22.35 -27.99 -7.95
C VAL D 212 -23.20 -29.12 -7.36
N VAL D 213 -23.48 -30.14 -8.17
CA VAL D 213 -24.12 -31.37 -7.70
C VAL D 213 -22.99 -32.35 -7.38
N LEU D 214 -22.82 -32.70 -6.11
CA LEU D 214 -21.66 -33.43 -5.62
C LEU D 214 -22.04 -34.86 -5.30
N HIS D 215 -21.30 -35.81 -5.86
CA HIS D 215 -21.46 -37.23 -5.54
C HIS D 215 -20.23 -37.74 -4.81
N GLN D 216 -20.45 -38.60 -3.80
CA GLN D 216 -19.31 -39.18 -3.10
C GLN D 216 -18.53 -40.15 -4.00
N ARG D 217 -19.24 -40.99 -4.74
CA ARG D 217 -18.61 -41.97 -5.61
C ARG D 217 -19.23 -41.86 -6.99
N PHE D 218 -18.62 -42.56 -7.96
CA PHE D 218 -19.12 -42.55 -9.32
C PHE D 218 -19.98 -43.77 -9.56
N SER D 219 -21.24 -43.56 -9.92
CA SER D 219 -22.14 -44.62 -10.37
C SER D 219 -22.88 -44.10 -11.58
N VAL D 220 -22.83 -44.83 -12.70
CA VAL D 220 -23.45 -44.30 -13.92
C VAL D 220 -24.94 -44.12 -13.73
N SER D 221 -25.59 -45.10 -13.11
CA SER D 221 -27.03 -45.00 -12.89
C SER D 221 -27.36 -43.84 -11.95
N ASP D 222 -26.60 -43.69 -10.86
CA ASP D 222 -26.85 -42.57 -9.97
C ASP D 222 -26.60 -41.24 -10.68
N VAL D 223 -25.54 -41.18 -11.50
CA VAL D 223 -25.24 -39.94 -12.21
C VAL D 223 -26.36 -39.59 -13.17
N LEU D 224 -26.88 -40.59 -13.90
CA LEU D 224 -27.97 -40.29 -14.83
C LEU D 224 -29.23 -39.85 -14.09
N HIS D 225 -29.54 -40.49 -12.96
CA HIS D 225 -30.70 -40.04 -12.19
C HIS D 225 -30.50 -38.62 -11.70
N SER D 226 -29.31 -38.31 -11.19
CA SER D 226 -29.01 -36.99 -10.66
C SER D 226 -29.08 -35.90 -11.73
N ILE D 227 -28.55 -36.19 -12.93
CA ILE D 227 -28.63 -35.23 -14.03
C ILE D 227 -30.09 -34.86 -14.31
N ASN D 228 -30.96 -35.87 -14.37
CA ASN D 228 -32.36 -35.58 -14.65
CA ASN D 228 -32.36 -35.60 -14.64
C ASN D 228 -33.03 -34.86 -13.48
N ARG D 229 -32.79 -35.31 -12.25
CA ARG D 229 -33.41 -34.63 -11.12
C ARG D 229 -33.03 -33.18 -11.03
N HIS D 230 -31.74 -32.89 -11.16
CA HIS D 230 -31.23 -31.58 -10.79
C HIS D 230 -30.93 -30.69 -11.99
N GLU D 231 -31.33 -31.10 -13.19
CA GLU D 231 -31.12 -30.33 -14.42
C GLU D 231 -29.65 -29.93 -14.58
N VAL D 232 -28.76 -30.92 -14.47
CA VAL D 232 -27.33 -30.69 -14.65
C VAL D 232 -27.03 -30.34 -16.11
N THR D 233 -26.18 -29.33 -16.33
CA THR D 233 -25.78 -28.96 -17.68
C THR D 233 -24.32 -29.25 -18.00
N MET D 234 -23.47 -29.40 -16.98
CA MET D 234 -22.04 -29.62 -17.16
C MET D 234 -21.60 -30.80 -16.30
N ILE D 235 -20.61 -31.56 -16.78
CA ILE D 235 -20.10 -32.66 -15.98
C ILE D 235 -18.64 -32.89 -16.36
N SER D 236 -17.82 -33.22 -15.37
CA SER D 236 -16.42 -33.54 -15.62
C SER D 236 -16.23 -35.06 -15.61
N ALA D 237 -15.36 -35.54 -16.48
CA ALA D 237 -15.16 -36.98 -16.57
C ALA D 237 -13.74 -37.31 -16.99
N VAL D 238 -13.29 -38.51 -16.60
CA VAL D 238 -12.14 -39.14 -17.24
C VAL D 238 -12.70 -40.20 -18.18
N GLN D 239 -11.86 -40.66 -19.11
CA GLN D 239 -12.36 -41.49 -20.20
C GLN D 239 -13.03 -42.77 -19.69
N THR D 240 -12.57 -43.32 -18.56
CA THR D 240 -13.22 -44.52 -18.02
C THR D 240 -14.68 -44.21 -17.64
N MET D 241 -14.92 -43.05 -17.05
CA MET D 241 -16.29 -42.64 -16.71
C MET D 241 -17.13 -42.44 -17.96
N LEU D 242 -16.55 -41.78 -18.96
CA LEU D 242 -17.25 -41.57 -20.22
C LEU D 242 -17.62 -42.89 -20.89
N ALA D 243 -16.68 -43.84 -20.92
CA ALA D 243 -16.97 -45.17 -21.46
C ALA D 243 -18.10 -45.84 -20.71
N SER D 244 -18.08 -45.73 -19.38
CA SER D 244 -19.14 -46.34 -18.57
C SER D 244 -20.49 -45.70 -18.87
N LEU D 245 -20.50 -44.39 -19.14
CA LEU D 245 -21.74 -43.70 -19.50
C LEU D 245 -22.30 -44.22 -20.81
N LEU D 246 -21.45 -44.38 -21.82
CA LEU D 246 -21.91 -44.86 -23.12
C LEU D 246 -22.34 -46.31 -23.07
N GLU D 247 -21.76 -47.10 -22.15
CA GLU D 247 -22.20 -48.47 -22.00
C GLU D 247 -23.62 -48.54 -21.41
N GLU D 248 -24.04 -47.49 -20.71
CA GLU D 248 -25.36 -47.44 -20.08
C GLU D 248 -26.45 -46.92 -21.00
N THR D 249 -26.15 -45.98 -21.89
CA THR D 249 -27.20 -45.31 -22.65
C THR D 249 -26.69 -44.91 -24.02
N ASN D 250 -27.57 -44.98 -25.01
CA ASN D 250 -27.27 -44.53 -26.36
C ASN D 250 -27.48 -43.04 -26.56
N ARG D 251 -28.03 -42.34 -25.57
CA ARG D 251 -28.43 -40.94 -25.74
C ARG D 251 -27.94 -40.12 -24.57
N CYS D 252 -27.50 -39.00 -24.85
CA CYS D 252 -27.04 -38.12 -23.79
C CYS D 252 -28.22 -37.33 -23.22
N PRO D 253 -28.33 -37.21 -21.90
CA PRO D 253 -29.43 -36.44 -21.32
C PRO D 253 -29.49 -35.04 -21.91
N GLU D 254 -30.71 -34.55 -22.14
CA GLU D 254 -30.89 -33.36 -22.95
C GLU D 254 -30.32 -32.10 -22.29
N SER D 255 -30.23 -32.07 -20.97
CA SER D 255 -29.76 -30.86 -20.30
C SER D 255 -28.26 -30.69 -20.37
N ILE D 256 -27.52 -31.76 -20.67
CA ILE D 256 -26.06 -31.70 -20.72
C ILE D 256 -25.62 -30.97 -21.98
N ARG D 257 -24.86 -29.89 -21.80
CA ARG D 257 -24.27 -29.18 -22.93
C ARG D 257 -22.76 -29.32 -23.00
N CYS D 258 -22.13 -29.84 -21.95
N CYS D 258 -22.12 -29.83 -21.96
CA CYS D 258 -20.68 -29.98 -21.94
CA CYS D 258 -20.66 -29.96 -21.93
C CYS D 258 -20.29 -31.16 -21.07
C CYS D 258 -20.28 -31.15 -21.08
N ILE D 259 -19.55 -32.10 -21.65
CA ILE D 259 -18.87 -33.15 -20.90
C ILE D 259 -17.40 -32.78 -20.97
N LEU D 260 -16.85 -32.30 -19.86
CA LEU D 260 -15.45 -31.88 -19.86
C LEU D 260 -14.58 -33.10 -19.59
N LEU D 261 -13.87 -33.55 -20.60
CA LEU D 261 -13.06 -34.76 -20.52
C LEU D 261 -11.61 -34.39 -20.31
N GLY D 262 -11.00 -34.96 -19.29
CA GLY D 262 -9.59 -34.68 -19.02
C GLY D 262 -8.94 -35.86 -18.34
N GLY D 263 -7.71 -35.68 -17.87
CA GLY D 263 -7.08 -36.65 -17.02
C GLY D 263 -6.34 -37.77 -17.72
N GLY D 264 -6.12 -37.67 -19.03
CA GLY D 264 -5.33 -38.67 -19.72
C GLY D 264 -5.89 -38.94 -21.10
N PRO D 265 -5.23 -39.79 -21.87
CA PRO D 265 -5.68 -40.05 -23.24
C PRO D 265 -6.95 -40.89 -23.25
N ALA D 266 -7.76 -40.65 -24.25
CA ALA D 266 -8.98 -41.40 -24.47
C ALA D 266 -8.86 -42.21 -25.74
N PRO D 267 -9.42 -43.42 -25.78
CA PRO D 267 -9.41 -44.18 -27.03
C PRO D 267 -10.22 -43.47 -28.10
N LEU D 268 -9.65 -43.40 -29.31
CA LEU D 268 -10.31 -42.67 -30.40
C LEU D 268 -11.69 -43.23 -30.75
N PRO D 269 -11.94 -44.54 -30.76
CA PRO D 269 -13.31 -45.01 -31.03
C PRO D 269 -14.34 -44.50 -30.02
N LEU D 270 -13.94 -44.30 -28.77
CA LEU D 270 -14.86 -43.74 -27.77
C LEU D 270 -15.25 -42.31 -28.16
N LEU D 271 -14.27 -41.50 -28.54
CA LEU D 271 -14.55 -40.14 -28.98
C LEU D 271 -15.44 -40.12 -30.21
N GLU D 272 -15.18 -41.03 -31.15
CA GLU D 272 -16.00 -41.08 -32.37
C GLU D 272 -17.44 -41.46 -32.05
N GLU D 273 -17.64 -42.44 -31.16
CA GLU D 273 -18.99 -42.83 -30.77
C GLU D 273 -19.72 -41.70 -30.03
N CYS D 274 -19.02 -41.00 -29.14
CA CYS D 274 -19.63 -39.84 -28.49
C CYS D 274 -20.13 -38.83 -29.51
N ARG D 275 -19.28 -38.51 -30.50
CA ARG D 275 -19.67 -37.56 -31.53
C ARG D 275 -20.85 -38.08 -32.34
N GLU D 276 -20.82 -39.37 -32.70
CA GLU D 276 -21.88 -39.93 -33.52
C GLU D 276 -23.22 -39.93 -32.78
N LYS D 277 -23.19 -40.16 -31.47
CA LYS D 277 -24.40 -40.27 -30.69
C LYS D 277 -24.80 -38.96 -30.02
N GLY D 278 -24.03 -37.89 -30.22
CA GLY D 278 -24.42 -36.58 -29.72
C GLY D 278 -24.05 -36.30 -28.29
N PHE D 279 -23.03 -36.96 -27.75
CA PHE D 279 -22.51 -36.60 -26.44
C PHE D 279 -21.55 -35.43 -26.62
N PRO D 280 -21.80 -34.24 -25.99
CA PRO D 280 -20.99 -33.02 -26.24
C PRO D 280 -19.69 -33.03 -25.43
N VAL D 281 -18.75 -33.83 -25.91
CA VAL D 281 -17.48 -34.06 -25.23
C VAL D 281 -16.47 -33.00 -25.63
N PHE D 282 -15.89 -32.34 -24.63
CA PHE D 282 -14.82 -31.36 -24.79
C PHE D 282 -13.56 -32.03 -24.25
N GLN D 283 -12.74 -32.56 -25.15
CA GLN D 283 -11.48 -33.11 -24.72
C GLN D 283 -10.58 -31.97 -24.24
N SER D 284 -9.71 -32.27 -23.28
CA SER D 284 -8.89 -31.22 -22.70
CA SER D 284 -8.88 -31.22 -22.69
C SER D 284 -7.56 -31.80 -22.24
N TYR D 285 -6.58 -30.90 -22.11
CA TYR D 285 -5.26 -31.22 -21.59
C TYR D 285 -4.99 -30.28 -20.43
N GLY D 286 -4.60 -30.84 -19.30
CA GLY D 286 -4.47 -30.09 -18.07
C GLY D 286 -3.87 -31.00 -17.02
N MET D 287 -3.44 -30.40 -15.94
CA MET D 287 -2.70 -31.13 -14.91
C MET D 287 -2.82 -30.37 -13.61
N THR D 288 -2.40 -31.02 -12.52
CA THR D 288 -2.32 -30.35 -11.23
C THR D 288 -1.56 -29.03 -11.34
N GLU D 289 -0.45 -29.03 -12.06
CA GLU D 289 0.42 -27.88 -12.18
C GLU D 289 -0.20 -26.72 -12.94
N THR D 290 -1.23 -26.96 -13.75
CA THR D 290 -1.95 -25.88 -14.41
C THR D 290 -3.31 -25.63 -13.78
N CYS D 291 -3.56 -26.18 -12.58
CA CYS D 291 -4.80 -25.93 -11.83
C CYS D 291 -6.04 -26.31 -12.64
N SER D 292 -5.90 -27.38 -13.42
CA SER D 292 -6.87 -28.05 -14.30
C SER D 292 -6.60 -27.66 -15.76
N GLN D 293 -7.62 -27.67 -16.60
CA GLN D 293 -7.45 -27.55 -18.05
C GLN D 293 -6.61 -26.32 -18.45
N ILE D 294 -5.76 -26.50 -19.46
CA ILE D 294 -5.11 -25.37 -20.10
C ILE D 294 -5.29 -25.37 -21.61
N VAL D 295 -5.66 -26.48 -22.22
CA VAL D 295 -5.94 -26.59 -23.65
C VAL D 295 -7.23 -27.41 -23.76
N THR D 296 -8.19 -26.97 -24.59
CA THR D 296 -9.48 -27.66 -24.67
CA THR D 296 -9.45 -27.70 -24.68
C THR D 296 -9.97 -27.67 -26.11
N LEU D 297 -10.68 -28.75 -26.48
CA LEU D 297 -11.10 -29.01 -27.86
C LEU D 297 -12.62 -29.03 -27.93
N SER D 298 -13.19 -28.13 -28.73
CA SER D 298 -14.64 -28.09 -28.88
C SER D 298 -15.14 -29.28 -29.69
N PRO D 299 -16.38 -29.73 -29.44
CA PRO D 299 -16.95 -30.83 -30.22
C PRO D 299 -17.04 -30.55 -31.72
N GLU D 300 -17.12 -29.29 -32.14
CA GLU D 300 -17.17 -29.00 -33.57
C GLU D 300 -15.87 -29.35 -34.28
N PHE D 301 -14.75 -29.42 -33.54
CA PHE D 301 -13.48 -29.82 -34.13
C PHE D 301 -13.09 -31.25 -33.77
N SER D 302 -13.96 -31.98 -33.08
CA SER D 302 -13.55 -33.24 -32.47
C SER D 302 -13.22 -34.30 -33.52
N MET D 303 -13.84 -34.24 -34.70
CA MET D 303 -13.53 -35.23 -35.72
C MET D 303 -12.44 -34.76 -36.68
N GLU D 304 -12.50 -33.49 -37.10
CA GLU D 304 -11.44 -32.96 -37.97
C GLU D 304 -10.08 -33.03 -37.27
N LYS D 305 -10.04 -32.79 -35.96
CA LYS D 305 -8.81 -32.82 -35.19
C LYS D 305 -8.79 -33.99 -34.21
N LEU D 306 -9.33 -35.14 -34.62
CA LEU D 306 -9.38 -36.27 -33.72
C LEU D 306 -7.97 -36.66 -33.30
N GLY D 307 -7.77 -36.79 -32.00
CA GLY D 307 -6.46 -36.97 -31.43
C GLY D 307 -5.89 -35.73 -30.79
N SER D 308 -6.50 -34.57 -31.01
CA SER D 308 -6.01 -33.30 -30.51
C SER D 308 -6.64 -32.98 -29.16
N ALA D 309 -5.89 -32.25 -28.34
CA ALA D 309 -6.46 -31.73 -27.10
C ALA D 309 -7.04 -30.34 -27.29
N GLY D 310 -6.86 -29.71 -28.45
CA GLY D 310 -7.49 -28.44 -28.72
C GLY D 310 -6.54 -27.26 -28.72
N LYS D 311 -7.02 -26.11 -28.26
CA LYS D 311 -6.26 -24.87 -28.31
C LYS D 311 -6.16 -24.27 -26.91
N PRO D 312 -5.12 -23.50 -26.62
CA PRO D 312 -4.98 -22.93 -25.28
C PRO D 312 -6.15 -22.02 -24.91
N LEU D 313 -6.52 -22.05 -23.63
CA LEU D 313 -7.54 -21.16 -23.10
C LEU D 313 -7.06 -19.73 -23.19
N PHE D 314 -8.01 -18.80 -23.15
CA PHE D 314 -7.62 -17.40 -23.22
C PHE D 314 -6.71 -17.08 -22.06
N SER D 315 -5.69 -16.25 -22.33
CA SER D 315 -4.64 -15.80 -21.43
C SER D 315 -3.53 -16.84 -21.30
N CYS D 316 -3.73 -18.06 -21.80
CA CYS D 316 -2.79 -19.16 -21.67
C CYS D 316 -2.00 -19.36 -22.95
N GLU D 317 -0.83 -19.98 -22.81
CA GLU D 317 0.04 -20.21 -23.96
C GLU D 317 0.65 -21.59 -23.87
N ILE D 318 1.01 -22.10 -25.04
CA ILE D 318 1.65 -23.40 -25.17
CA ILE D 318 1.65 -23.40 -25.18
C ILE D 318 2.68 -23.30 -26.30
N LYS D 319 3.79 -24.01 -26.12
CA LYS D 319 4.79 -24.10 -27.16
C LYS D 319 5.42 -25.47 -27.05
N ILE D 320 6.12 -25.85 -28.11
CA ILE D 320 6.80 -27.14 -28.21
C ILE D 320 8.28 -26.83 -28.39
N GLU D 321 9.14 -27.38 -27.52
CA GLU D 321 10.57 -27.10 -27.59
C GLU D 321 11.39 -28.39 -27.51
N ARG D 322 12.49 -28.41 -28.24
CA ARG D 322 13.47 -29.49 -28.19
C ARG D 322 14.84 -28.88 -27.92
N ASP D 323 15.34 -29.07 -26.70
CA ASP D 323 16.67 -28.60 -26.30
C ASP D 323 16.82 -27.09 -26.49
N GLY D 324 15.87 -26.34 -25.92
CA GLY D 324 15.90 -24.89 -25.97
C GLY D 324 15.44 -24.26 -27.27
N GLN D 325 15.32 -25.04 -28.34
CA GLN D 325 14.90 -24.52 -29.64
C GLN D 325 13.41 -24.75 -29.82
N VAL D 326 12.69 -23.70 -30.23
CA VAL D 326 11.26 -23.84 -30.49
C VAL D 326 11.06 -24.68 -31.75
N CYS D 327 10.08 -25.58 -31.70
CA CYS D 327 9.84 -26.53 -32.76
C CYS D 327 8.84 -25.98 -33.77
N GLU D 328 8.99 -26.40 -35.02
CA GLU D 328 8.06 -26.03 -36.08
C GLU D 328 6.78 -26.86 -35.98
N PRO D 329 5.74 -26.49 -36.72
CA PRO D 329 4.54 -27.33 -36.72
C PRO D 329 4.86 -28.77 -37.09
N TYR D 330 4.19 -29.69 -36.39
CA TYR D 330 4.28 -31.14 -36.56
C TYR D 330 5.60 -31.70 -36.04
N GLU D 331 6.54 -30.83 -35.65
CA GLU D 331 7.78 -31.30 -35.05
C GLU D 331 7.55 -31.68 -33.59
N HIS D 332 7.99 -32.88 -33.23
CA HIS D 332 7.79 -33.38 -31.87
C HIS D 332 8.75 -32.68 -30.90
N GLY D 333 8.23 -32.28 -29.75
CA GLY D 333 9.08 -31.79 -28.69
C GLY D 333 8.33 -31.74 -27.39
N GLU D 334 8.96 -31.17 -26.38
CA GLU D 334 8.36 -31.13 -25.05
C GLU D 334 7.33 -30.02 -25.00
N ILE D 335 6.13 -30.35 -24.53
CA ILE D 335 5.08 -29.36 -24.33
C ILE D 335 5.47 -28.45 -23.17
N MET D 336 5.43 -27.13 -23.39
CA MET D 336 5.68 -26.18 -22.32
C MET D 336 4.51 -25.21 -22.27
N VAL D 337 4.15 -24.78 -21.05
CA VAL D 337 2.92 -24.02 -20.86
C VAL D 337 3.23 -22.77 -20.05
N LYS D 338 2.39 -21.77 -20.23
CA LYS D 338 2.53 -20.50 -19.52
C LYS D 338 1.15 -19.88 -19.41
N GLY D 339 0.89 -19.27 -18.27
CA GLY D 339 -0.36 -18.57 -18.08
C GLY D 339 -0.63 -18.32 -16.61
N PRO D 340 -1.64 -17.49 -16.32
CA PRO D 340 -1.90 -17.10 -14.93
C PRO D 340 -2.51 -18.22 -14.10
N ASN D 341 -2.87 -19.34 -14.73
CA ASN D 341 -3.34 -20.54 -14.05
C ASN D 341 -2.22 -21.50 -13.72
N VAL D 342 -0.98 -21.20 -14.14
CA VAL D 342 0.14 -22.11 -13.91
C VAL D 342 0.71 -21.88 -12.51
N MET D 343 1.01 -23.00 -11.84
CA MET D 343 1.38 -23.02 -10.44
C MET D 343 2.57 -22.11 -10.14
N LYS D 344 2.62 -21.67 -8.87
CA LYS D 344 3.72 -20.86 -8.38
C LYS D 344 5.04 -21.61 -8.49
N SER D 345 5.08 -22.81 -7.91
CA SER D 345 6.30 -23.61 -7.84
C SER D 345 5.91 -24.87 -7.10
N TYR D 346 6.78 -25.87 -7.18
CA TYR D 346 6.63 -27.01 -6.28
C TYR D 346 7.11 -26.60 -4.90
N PHE D 347 6.48 -27.16 -3.87
CA PHE D 347 6.80 -26.81 -2.49
C PHE D 347 8.09 -27.52 -2.08
N ASN D 348 9.10 -26.74 -1.70
CA ASN D 348 10.37 -27.26 -1.18
C ASN D 348 11.00 -28.29 -2.12
N ARG D 349 11.15 -27.88 -3.40
CA ARG D 349 11.79 -28.71 -4.42
C ARG D 349 12.64 -27.78 -5.28
N GLU D 350 13.72 -27.25 -4.69
CA GLU D 350 14.52 -26.23 -5.36
C GLU D 350 15.06 -26.75 -6.69
N SER D 351 15.61 -27.97 -6.70
CA SER D 351 16.19 -28.47 -7.94
C SER D 351 15.12 -28.73 -8.99
N ALA D 352 13.97 -29.29 -8.58
CA ALA D 352 12.89 -29.53 -9.53
C ALA D 352 12.33 -28.23 -10.09
N ASN D 353 12.23 -27.19 -9.26
CA ASN D 353 11.77 -25.89 -9.76
C ASN D 353 12.76 -25.30 -10.75
N GLU D 354 14.06 -25.48 -10.51
CA GLU D 354 15.06 -24.96 -11.44
C GLU D 354 15.00 -25.69 -12.77
N ALA D 355 14.74 -27.00 -12.75
CA ALA D 355 14.70 -27.78 -13.98
C ALA D 355 13.39 -27.61 -14.73
N SER D 356 12.28 -27.38 -14.03
CA SER D 356 10.97 -27.39 -14.66
C SER D 356 10.57 -26.05 -15.27
N PHE D 357 11.06 -24.94 -14.75
CA PHE D 357 10.70 -23.62 -15.24
C PHE D 357 11.82 -23.05 -16.11
N GLN D 358 11.45 -22.35 -17.16
CA GLN D 358 12.44 -21.75 -18.05
C GLN D 358 11.86 -20.45 -18.57
N ASN D 359 12.25 -19.33 -17.94
CA ASN D 359 11.86 -18.00 -18.36
C ASN D 359 10.34 -17.83 -18.40
N GLY D 360 9.67 -18.21 -17.31
CA GLY D 360 8.25 -18.08 -17.17
C GLY D 360 7.43 -19.25 -17.70
N TRP D 361 8.06 -20.20 -18.36
CA TRP D 361 7.38 -21.34 -18.96
C TRP D 361 7.63 -22.59 -18.13
N LEU D 362 6.62 -23.44 -18.01
CA LEU D 362 6.71 -24.69 -17.26
C LEU D 362 6.82 -25.88 -18.21
N LYS D 363 7.83 -26.73 -18.00
CA LYS D 363 7.95 -27.96 -18.77
C LYS D 363 7.01 -29.02 -18.20
N THR D 364 6.20 -29.62 -19.06
CA THR D 364 5.19 -30.56 -18.57
C THR D 364 5.70 -31.99 -18.44
N GLY D 365 6.81 -32.32 -19.09
CA GLY D 365 7.21 -33.70 -19.22
C GLY D 365 6.46 -34.46 -20.29
N ASP D 366 5.51 -33.84 -20.98
CA ASP D 366 4.76 -34.49 -22.04
C ASP D 366 5.39 -34.14 -23.37
N LEU D 367 5.24 -35.05 -24.32
CA LEU D 367 5.71 -34.86 -25.69
C LEU D 367 4.50 -34.56 -26.56
N GLY D 368 4.68 -33.68 -27.53
CA GLY D 368 3.59 -33.39 -28.44
C GLY D 368 4.07 -32.57 -29.61
N TYR D 369 3.10 -32.12 -30.40
CA TYR D 369 3.36 -31.18 -31.47
C TYR D 369 2.12 -30.30 -31.67
N LEU D 370 2.33 -29.19 -32.37
CA LEU D 370 1.23 -28.33 -32.81
C LEU D 370 1.03 -28.48 -34.32
N ASP D 371 -0.23 -28.55 -34.76
CA ASP D 371 -0.47 -28.54 -36.19
C ASP D 371 -0.40 -27.11 -36.72
N ASN D 372 -0.67 -26.93 -38.01
CA ASN D 372 -0.44 -25.61 -38.60
C ASN D 372 -1.49 -24.59 -38.18
N GLU D 373 -2.58 -25.01 -37.53
CA GLU D 373 -3.57 -24.09 -37.00
C GLU D 373 -3.44 -23.90 -35.50
N GLY D 374 -2.41 -24.47 -34.88
CA GLY D 374 -2.16 -24.31 -33.47
C GLY D 374 -2.82 -25.33 -32.58
N PHE D 375 -3.40 -26.39 -33.14
CA PHE D 375 -4.02 -27.42 -32.33
C PHE D 375 -2.96 -28.35 -31.75
N LEU D 376 -3.14 -28.69 -30.47
CA LEU D 376 -2.18 -29.49 -29.73
C LEU D 376 -2.50 -30.96 -29.91
N TYR D 377 -1.47 -31.73 -30.22
CA TYR D 377 -1.52 -33.19 -30.22
C TYR D 377 -0.55 -33.69 -29.16
N VAL D 378 -1.08 -34.30 -28.11
CA VAL D 378 -0.28 -34.89 -27.05
C VAL D 378 0.01 -36.33 -27.43
N LEU D 379 1.29 -36.69 -27.48
CA LEU D 379 1.73 -38.02 -27.89
C LEU D 379 1.79 -38.91 -26.65
N ASP D 380 1.08 -40.03 -26.70
CA ASP D 380 0.95 -40.91 -25.54
C ASP D 380 2.18 -41.82 -25.52
N ARG D 381 3.29 -41.26 -25.02
CA ARG D 381 4.57 -41.94 -25.15
C ARG D 381 5.43 -41.90 -23.89
N ARG D 382 4.93 -41.38 -22.78
CA ARG D 382 5.75 -41.39 -21.58
C ARG D 382 5.85 -42.79 -21.00
N SER D 383 7.01 -43.11 -20.43
CA SER D 383 7.20 -44.34 -19.70
C SER D 383 7.45 -44.08 -18.23
N ASP D 384 7.50 -42.81 -17.81
CA ASP D 384 7.67 -42.44 -16.42
C ASP D 384 6.35 -42.13 -15.75
N LEU D 385 5.24 -42.37 -16.44
CA LEU D 385 3.90 -42.10 -15.93
C LEU D 385 2.95 -43.08 -16.59
N ILE D 386 2.09 -43.70 -15.78
CA ILE D 386 1.01 -44.58 -16.24
C ILE D 386 -0.29 -43.99 -15.73
N ILE D 387 -1.30 -43.89 -16.59
CA ILE D 387 -2.59 -43.33 -16.17
C ILE D 387 -3.65 -44.44 -16.17
N SER D 388 -4.17 -44.73 -14.97
CA SER D 388 -5.18 -45.78 -14.74
C SER D 388 -6.45 -45.11 -14.26
N GLY D 389 -7.50 -45.16 -15.08
CA GLY D 389 -8.76 -44.54 -14.69
C GLY D 389 -8.61 -43.10 -14.23
N GLY D 390 -7.75 -42.35 -14.92
CA GLY D 390 -7.56 -40.95 -14.56
C GLY D 390 -6.63 -40.73 -13.39
N GLU D 391 -6.03 -41.78 -12.83
CA GLU D 391 -5.13 -41.66 -11.69
C GLU D 391 -3.70 -41.80 -12.19
N ASN D 392 -2.87 -40.80 -11.91
CA ASN D 392 -1.45 -40.88 -12.25
C ASN D 392 -0.74 -41.92 -11.37
N ILE D 393 0.03 -42.79 -12.02
CA ILE D 393 0.89 -43.78 -11.36
C ILE D 393 2.31 -43.57 -11.84
N TYR D 394 3.25 -43.45 -10.91
CA TYR D 394 4.63 -43.19 -11.28
C TYR D 394 5.46 -44.45 -11.09
N PRO D 395 5.92 -45.07 -12.19
CA PRO D 395 6.79 -46.25 -12.05
C PRO D 395 7.88 -46.09 -11.01
N ALA D 396 8.52 -44.91 -10.94
CA ALA D 396 9.60 -44.71 -9.97
C ALA D 396 9.12 -44.95 -8.54
N GLU D 397 7.88 -44.56 -8.22
CA GLU D 397 7.38 -44.77 -6.86
C GLU D 397 7.06 -46.24 -6.61
N VAL D 398 6.42 -46.91 -7.57
CA VAL D 398 6.11 -48.32 -7.39
C VAL D 398 7.39 -49.14 -7.32
N GLU D 399 8.35 -48.84 -8.19
CA GLU D 399 9.63 -49.53 -8.17
C GLU D 399 10.34 -49.33 -6.84
N SER D 400 10.31 -48.10 -6.32
CA SER D 400 10.88 -47.80 -5.01
C SER D 400 10.30 -48.71 -3.94
N VAL D 401 8.99 -48.97 -3.99
CA VAL D 401 8.37 -49.85 -2.99
C VAL D 401 8.80 -51.29 -3.21
N LEU D 402 8.76 -51.75 -4.46
CA LEU D 402 9.12 -53.14 -4.76
C LEU D 402 10.57 -53.42 -4.36
N LEU D 403 11.45 -52.47 -4.65
CA LEU D 403 12.86 -52.62 -4.35
C LEU D 403 13.08 -52.78 -2.86
N SER D 404 12.34 -52.01 -2.06
CA SER D 404 12.50 -52.07 -0.62
C SER D 404 12.28 -53.47 -0.06
N HIS D 405 11.58 -54.33 -0.80
CA HIS D 405 11.33 -55.68 -0.33
C HIS D 405 12.63 -56.48 -0.30
N PRO D 406 12.84 -57.30 0.73
CA PRO D 406 14.11 -58.04 0.82
C PRO D 406 14.39 -58.95 -0.36
N ALA D 407 13.38 -59.67 -0.84
CA ALA D 407 13.57 -60.64 -1.91
C ALA D 407 13.78 -60.02 -3.28
N VAL D 408 13.69 -58.70 -3.42
CA VAL D 408 13.74 -58.04 -4.73
C VAL D 408 15.11 -57.41 -4.92
N ALA D 409 15.72 -57.63 -6.08
CA ALA D 409 17.02 -57.06 -6.43
C ALA D 409 16.93 -55.92 -7.42
N GLU D 410 16.11 -56.04 -8.46
CA GLU D 410 15.82 -54.95 -9.37
C GLU D 410 14.34 -54.94 -9.67
N ALA D 411 13.82 -53.76 -10.00
CA ALA D 411 12.39 -53.62 -10.29
C ALA D 411 12.20 -52.64 -11.42
N GLY D 412 11.35 -53.01 -12.38
CA GLY D 412 10.85 -52.07 -13.37
C GLY D 412 9.35 -52.19 -13.47
N VAL D 413 8.70 -51.06 -13.72
CA VAL D 413 7.24 -51.02 -13.81
C VAL D 413 6.86 -50.30 -15.10
N SER D 414 5.98 -50.89 -15.88
CA SER D 414 5.49 -50.26 -17.10
C SER D 414 3.99 -50.46 -17.21
N GLY D 415 3.36 -49.68 -18.09
CA GLY D 415 1.92 -49.72 -18.23
C GLY D 415 1.47 -50.77 -19.23
N ALA D 416 0.52 -51.60 -18.82
CA ALA D 416 -0.08 -52.59 -19.69
C ALA D 416 -1.46 -52.12 -20.14
N GLU D 417 -1.78 -52.39 -21.40
CA GLU D 417 -3.10 -52.04 -21.93
C GLU D 417 -4.20 -52.67 -21.08
N ASP D 418 -5.23 -51.90 -20.79
CA ASP D 418 -6.37 -52.38 -20.01
C ASP D 418 -7.65 -51.80 -20.59
N LYS D 419 -8.59 -52.67 -20.96
CA LYS D 419 -9.80 -52.22 -21.63
C LYS D 419 -10.58 -51.21 -20.80
N LYS D 420 -10.59 -51.38 -19.47
CA LYS D 420 -11.38 -50.47 -18.65
C LYS D 420 -10.58 -49.27 -18.17
N TRP D 421 -9.38 -49.49 -17.65
CA TRP D 421 -8.64 -48.41 -17.00
C TRP D 421 -7.72 -47.65 -17.95
N GLY D 422 -7.55 -48.11 -19.19
CA GLY D 422 -6.59 -47.50 -20.08
C GLY D 422 -5.24 -48.19 -19.99
N LYS D 423 -4.53 -47.95 -18.89
CA LYS D 423 -3.28 -48.64 -18.59
C LYS D 423 -3.28 -49.09 -17.14
N VAL D 424 -2.63 -50.21 -16.86
CA VAL D 424 -2.42 -50.68 -15.49
C VAL D 424 -0.95 -51.04 -15.29
N PRO D 425 -0.43 -50.94 -14.07
CA PRO D 425 1.00 -51.23 -13.85
C PRO D 425 1.28 -52.73 -13.86
N HIS D 426 2.30 -53.12 -14.60
CA HIS D 426 2.90 -54.44 -14.51
C HIS D 426 4.31 -54.29 -13.97
N ALA D 427 4.72 -55.23 -13.13
CA ALA D 427 6.02 -55.17 -12.48
C ALA D 427 6.94 -56.23 -13.06
N TYR D 428 8.20 -55.86 -13.25
CA TYR D 428 9.23 -56.74 -13.80
C TYR D 428 10.38 -56.77 -12.82
N LEU D 429 10.75 -57.95 -12.35
CA LEU D 429 11.58 -58.07 -11.16
C LEU D 429 12.77 -58.98 -11.38
N VAL D 430 13.89 -58.62 -10.77
CA VAL D 430 15.02 -59.50 -10.56
C VAL D 430 15.06 -59.83 -9.06
N LEU D 431 15.11 -61.10 -8.72
CA LEU D 431 14.95 -61.56 -7.36
C LEU D 431 16.23 -62.11 -6.73
N HIS D 432 16.30 -62.07 -5.41
CA HIS D 432 17.37 -62.68 -4.66
C HIS D 432 16.78 -63.99 -4.19
N LYS D 433 16.03 -63.98 -3.10
CA LYS D 433 15.27 -65.11 -2.65
C LYS D 433 13.98 -65.26 -3.48
N PRO D 434 13.37 -66.44 -3.45
CA PRO D 434 12.05 -66.58 -4.06
C PRO D 434 10.99 -65.84 -3.28
N VAL D 435 9.95 -65.40 -4.00
CA VAL D 435 8.85 -64.68 -3.39
C VAL D 435 7.63 -64.82 -4.30
N SER D 436 6.46 -64.98 -3.69
CA SER D 436 5.22 -65.14 -4.42
C SER D 436 4.60 -63.79 -4.75
N ALA D 437 3.72 -63.79 -5.76
CA ALA D 437 2.98 -62.58 -6.09
C ALA D 437 2.10 -62.13 -4.93
N GLY D 438 1.55 -63.09 -4.18
CA GLY D 438 0.75 -62.73 -3.02
C GLY D 438 1.55 -62.01 -1.95
N GLU D 439 2.77 -62.48 -1.69
CA GLU D 439 3.62 -61.80 -0.72
C GLU D 439 3.97 -60.39 -1.18
N LEU D 440 4.25 -60.22 -2.47
CA LEU D 440 4.55 -58.89 -3.01
C LEU D 440 3.34 -57.98 -2.94
N THR D 441 2.15 -58.51 -3.23
CA THR D 441 0.93 -57.71 -3.15
C THR D 441 0.69 -57.23 -1.72
N ASP D 442 0.71 -58.14 -0.75
CA ASP D 442 0.48 -57.74 0.63
C ASP D 442 1.57 -56.79 1.13
N TYR D 443 2.80 -56.95 0.63
CA TYR D 443 3.84 -55.96 0.92
C TYR D 443 3.46 -54.59 0.36
N CYS D 444 2.92 -54.56 -0.87
CA CYS D 444 2.55 -53.29 -1.49
C CYS D 444 1.31 -52.68 -0.86
N LYS D 445 0.42 -53.50 -0.29
CA LYS D 445 -0.83 -52.99 0.26
C LYS D 445 -0.58 -51.95 1.34
N GLU D 446 0.49 -52.10 2.11
CA GLU D 446 0.80 -51.19 3.20
C GLU D 446 1.59 -49.97 2.75
N ARG D 447 1.92 -49.87 1.46
CA ARG D 447 2.80 -48.82 0.96
C ARG D 447 2.27 -48.12 -0.29
N LEU D 448 1.25 -48.64 -0.95
CA LEU D 448 0.79 -48.10 -2.23
C LEU D 448 -0.73 -48.07 -2.26
N ALA D 449 -1.27 -46.98 -2.80
CA ALA D 449 -2.69 -46.95 -3.15
C ALA D 449 -3.01 -48.12 -4.07
N LYS D 450 -4.27 -48.58 -4.00
CA LYS D 450 -4.61 -49.84 -4.66
C LYS D 450 -4.38 -49.78 -6.17
N TYR D 451 -4.76 -48.66 -6.80
CA TYR D 451 -4.59 -48.56 -8.25
C TYR D 451 -3.12 -48.53 -8.67
N LYS D 452 -2.18 -48.27 -7.74
CA LYS D 452 -0.76 -48.27 -8.05
C LYS D 452 -0.15 -49.66 -7.97
N ARG D 453 -0.85 -50.61 -7.35
CA ARG D 453 -0.26 -51.92 -7.12
C ARG D 453 -0.19 -52.72 -8.42
N PRO D 454 0.94 -53.40 -8.68
CA PRO D 454 1.06 -54.17 -9.92
C PRO D 454 -0.07 -55.20 -10.05
N LYS D 455 -0.69 -55.23 -11.22
CA LYS D 455 -1.72 -56.22 -11.49
C LYS D 455 -1.11 -57.53 -11.97
N LYS D 456 0.11 -57.50 -12.50
CA LYS D 456 0.86 -58.69 -12.86
C LYS D 456 2.32 -58.51 -12.50
N PHE D 457 2.98 -59.61 -12.16
CA PHE D 457 4.40 -59.64 -11.85
C PHE D 457 5.12 -60.57 -12.82
N PHE D 458 6.37 -60.23 -13.12
CA PHE D 458 7.22 -61.05 -13.97
C PHE D 458 8.61 -61.13 -13.35
N VAL D 459 9.28 -62.26 -13.56
CA VAL D 459 10.64 -62.49 -13.10
C VAL D 459 11.56 -62.53 -14.31
N LEU D 460 12.66 -61.77 -14.24
CA LEU D 460 13.62 -61.69 -15.33
C LEU D 460 15.02 -61.94 -14.81
N ASP D 461 15.93 -62.26 -15.73
CA ASP D 461 17.34 -62.40 -15.38
C ASP D 461 17.97 -61.03 -15.17
N ARG D 462 17.72 -60.11 -16.09
CA ARG D 462 18.20 -58.74 -15.96
C ARG D 462 17.16 -57.82 -16.57
N LEU D 463 17.26 -56.54 -16.26
CA LEU D 463 16.33 -55.61 -16.88
C LEU D 463 17.00 -54.87 -18.03
N PRO D 464 16.26 -54.55 -19.09
CA PRO D 464 16.84 -53.78 -20.21
C PRO D 464 17.27 -52.38 -19.77
N ARG D 465 18.56 -52.10 -19.93
CA ARG D 465 19.13 -50.80 -19.65
C ARG D 465 19.97 -50.36 -20.84
N ASN D 466 20.54 -49.16 -20.75
CA ASN D 466 21.48 -48.69 -21.76
C ASN D 466 22.88 -48.67 -21.15
N ALA D 467 23.82 -48.03 -21.86
CA ALA D 467 25.19 -47.99 -21.39
C ALA D 467 25.31 -47.22 -20.08
N SER D 468 24.41 -46.26 -19.85
CA SER D 468 24.38 -45.51 -18.59
C SER D 468 23.74 -46.28 -17.46
N ASN D 469 23.25 -47.50 -17.71
CA ASN D 469 22.48 -48.35 -16.80
C ASN D 469 21.07 -47.83 -16.55
N LYS D 470 20.61 -46.85 -17.32
CA LYS D 470 19.25 -46.35 -17.15
C LYS D 470 18.24 -47.41 -17.57
N LEU D 471 17.28 -47.68 -16.69
CA LEU D 471 16.21 -48.62 -17.00
C LEU D 471 15.41 -48.13 -18.21
N LEU D 472 15.18 -49.03 -19.16
CA LEU D 472 14.41 -48.72 -20.38
C LEU D 472 13.02 -49.34 -20.21
N ARG D 473 12.11 -48.58 -19.59
CA ARG D 473 10.84 -49.18 -19.20
C ARG D 473 10.02 -49.65 -20.41
N ASN D 474 10.20 -49.03 -21.57
CA ASN D 474 9.40 -49.41 -22.73
C ASN D 474 9.77 -50.79 -23.28
N GLN D 475 10.95 -51.30 -22.95
CA GLN D 475 11.37 -52.61 -23.42
C GLN D 475 11.12 -53.72 -22.41
N LEU D 476 10.54 -53.39 -21.25
CA LEU D 476 10.26 -54.40 -20.25
C LEU D 476 9.30 -55.46 -20.78
N LYS D 477 8.24 -55.04 -21.49
CA LYS D 477 7.24 -56.01 -21.94
C LYS D 477 7.82 -57.00 -22.94
N ASP D 478 8.80 -56.58 -23.76
CA ASP D 478 9.39 -57.44 -24.77
C ASP D 478 10.66 -58.14 -24.29
N ALA D 479 10.79 -58.38 -22.99
CA ALA D 479 11.97 -59.03 -22.43
C ALA D 479 11.64 -60.47 -22.04
N ARG D 480 12.64 -61.35 -22.18
CA ARG D 480 12.46 -62.74 -21.76
C ARG D 480 12.16 -62.80 -20.27
N LYS D 481 11.07 -63.47 -19.91
CA LYS D 481 10.54 -63.38 -18.55
C LYS D 481 9.51 -64.48 -18.32
N GLY D 482 9.15 -64.67 -17.06
CA GLY D 482 8.04 -65.53 -16.69
C GLY D 482 7.18 -64.88 -15.62
N GLU D 483 5.93 -65.31 -15.57
CA GLU D 483 4.97 -64.74 -14.63
C GLU D 483 5.06 -65.44 -13.27
N LEU D 484 4.44 -64.82 -12.27
CA LEU D 484 4.29 -65.41 -10.95
C LEU D 484 2.84 -65.79 -10.69
#